data_2JA4
# 
_entry.id   2JA4 
# 
_audit_conform.dict_name       mmcif_pdbx.dic 
_audit_conform.dict_version    5.397 
_audit_conform.dict_location   http://mmcif.pdb.org/dictionaries/ascii/mmcif_pdbx.dic 
# 
loop_
_database_2.database_id 
_database_2.database_code 
_database_2.pdbx_database_accession 
_database_2.pdbx_DOI 
PDB   2JA4         pdb_00002ja4 10.2210/pdb2ja4/pdb 
PDBE  EBI-30560    ?            ?                   
WWPDB D_1290030560 ?            ?                   
# 
loop_
_pdbx_audit_revision_history.ordinal 
_pdbx_audit_revision_history.data_content_type 
_pdbx_audit_revision_history.major_revision 
_pdbx_audit_revision_history.minor_revision 
_pdbx_audit_revision_history.revision_date 
1 'Structure model' 1 0 2007-03-06 
2 'Structure model' 1 1 2011-05-08 
3 'Structure model' 1 2 2011-07-13 
4 'Structure model' 1 3 2017-06-28 
5 'Structure model' 1 4 2024-10-16 
# 
_pdbx_audit_revision_details.ordinal             1 
_pdbx_audit_revision_details.revision_ordinal    1 
_pdbx_audit_revision_details.data_content_type   'Structure model' 
_pdbx_audit_revision_details.provider            repository 
_pdbx_audit_revision_details.type                'Initial release' 
_pdbx_audit_revision_details.description         ? 
_pdbx_audit_revision_details.details             ? 
# 
loop_
_pdbx_audit_revision_group.ordinal 
_pdbx_audit_revision_group.revision_ordinal 
_pdbx_audit_revision_group.data_content_type 
_pdbx_audit_revision_group.group 
1 2 'Structure model' 'Version format compliance' 
2 3 'Structure model' 'Version format compliance' 
3 4 'Structure model' 'Refinement description'    
4 5 'Structure model' 'Data collection'           
5 5 'Structure model' 'Database references'       
6 5 'Structure model' 'Derived calculations'      
7 5 'Structure model' Other                       
8 5 'Structure model' 'Structure summary'         
# 
loop_
_pdbx_audit_revision_category.ordinal 
_pdbx_audit_revision_category.revision_ordinal 
_pdbx_audit_revision_category.data_content_type 
_pdbx_audit_revision_category.category 
1 4 'Structure model' software                     
2 5 'Structure model' chem_comp_atom               
3 5 'Structure model' chem_comp_bond               
4 5 'Structure model' database_2                   
5 5 'Structure model' pdbx_database_status         
6 5 'Structure model' pdbx_entry_details           
7 5 'Structure model' pdbx_modification_feature    
8 5 'Structure model' pdbx_struct_special_symmetry 
# 
loop_
_pdbx_audit_revision_item.ordinal 
_pdbx_audit_revision_item.revision_ordinal 
_pdbx_audit_revision_item.data_content_type 
_pdbx_audit_revision_item.item 
1 4 'Structure model' '_software.name'                       
2 5 'Structure model' '_database_2.pdbx_DOI'                 
3 5 'Structure model' '_database_2.pdbx_database_accession'  
4 5 'Structure model' '_pdbx_database_status.status_code_sf' 
# 
_pdbx_database_status.status_code                     REL 
_pdbx_database_status.entry_id                        2JA4 
_pdbx_database_status.deposit_site                    PDBE 
_pdbx_database_status.process_site                    PDBE 
_pdbx_database_status.SG_entry                        . 
_pdbx_database_status.recvd_initial_deposition_date   2006-11-21 
_pdbx_database_status.pdb_format_compatible           Y 
_pdbx_database_status.status_code_sf                  REL 
_pdbx_database_status.status_code_mr                  ? 
_pdbx_database_status.status_code_cs                  ? 
_pdbx_database_status.methods_development_category    ? 
_pdbx_database_status.status_code_nmr_data            ? 
# 
loop_
_audit_author.name 
_audit_author.pdbx_ordinal 
'Rodamilans, B.' 1 
'Munoz, I.G.'    2 
'Sarrias, M.R.'  3 
'Lozano, F.'     4 
'Blanco, F.J.'   5 
'Montoya, G.'    6 
# 
_citation.id                        primary 
_citation.title                     
'Crystal Structure of the Third Extracellular Domain of Cd5 Reveals the Fold of a Group B Scavenger Cysteine-Rich Receptor Domain.' 
_citation.journal_abbrev            J.Biol.Chem. 
_citation.journal_volume            282 
_citation.page_first                12669 
_citation.page_last                 ? 
_citation.year                      2007 
_citation.journal_id_ASTM           JBCHA3 
_citation.country                   US 
_citation.journal_id_ISSN           0021-9258 
_citation.journal_id_CSD            0071 
_citation.book_publisher            ? 
_citation.pdbx_database_id_PubMed   17322294 
_citation.pdbx_database_id_DOI      10.1074/JBC.M611699200 
# 
loop_
_citation_author.citation_id 
_citation_author.name 
_citation_author.ordinal 
_citation_author.identifier_ORCID 
primary 'Rodamilans, B.'      1 ? 
primary 'Munoz, I.G.'         2 ? 
primary 'Bragado-Nilsson, E.' 3 ? 
primary 'Sarrias, M.R.'       4 ? 
primary 'Padilla, O.'         5 ? 
primary 'Blanco, F.J.'        6 ? 
primary 'Lozano, F.'          7 ? 
primary 'Montoya, G.'         8 ? 
# 
loop_
_entity.id 
_entity.type 
_entity.src_method 
_entity.pdbx_description 
_entity.formula_weight 
_entity.pdbx_number_of_molecules 
_entity.pdbx_ec 
_entity.pdbx_mutation 
_entity.pdbx_fragment 
_entity.details 
1 polymer man 'T-CELL SURFACE GLYCOPROTEIN CD5' 11315.667 1  ? ? 'DOMAIN III, RESIDUES 269-369' ? 
2 water   nat water                             18.015    58 ? ? ?                              ? 
# 
_entity_name_com.entity_id   1 
_entity_name_com.name        'CD5DIII, LYMPHOCYTE ANTIGEN T1/LEU-1' 
# 
_entity_poly.entity_id                      1 
_entity_poly.type                           'polypeptide(L)' 
_entity_poly.nstd_linkage                   no 
_entity_poly.nstd_monomer                   no 
_entity_poly.pdbx_seq_one_letter_code       
;AFQPKVQSRLVGGSSICEGTVEVRQGAQWAALCDSSSARSSLRWEEVCREQQCGSVNSYRVLDAGDPTSRGLFCPHQKLS
QCHELWERNSYCKKVFVTCQD
;
_entity_poly.pdbx_seq_one_letter_code_can   
;AFQPKVQSRLVGGSSICEGTVEVRQGAQWAALCDSSSARSSLRWEEVCREQQCGSVNSYRVLDAGDPTSRGLFCPHQKLS
QCHELWERNSYCKKVFVTCQD
;
_entity_poly.pdbx_strand_id                 A 
_entity_poly.pdbx_target_identifier         ? 
# 
_pdbx_entity_nonpoly.entity_id   2 
_pdbx_entity_nonpoly.name        water 
_pdbx_entity_nonpoly.comp_id     HOH 
# 
loop_
_entity_poly_seq.entity_id 
_entity_poly_seq.num 
_entity_poly_seq.mon_id 
_entity_poly_seq.hetero 
1 1   ALA n 
1 2   PHE n 
1 3   GLN n 
1 4   PRO n 
1 5   LYS n 
1 6   VAL n 
1 7   GLN n 
1 8   SER n 
1 9   ARG n 
1 10  LEU n 
1 11  VAL n 
1 12  GLY n 
1 13  GLY n 
1 14  SER n 
1 15  SER n 
1 16  ILE n 
1 17  CYS n 
1 18  GLU n 
1 19  GLY n 
1 20  THR n 
1 21  VAL n 
1 22  GLU n 
1 23  VAL n 
1 24  ARG n 
1 25  GLN n 
1 26  GLY n 
1 27  ALA n 
1 28  GLN n 
1 29  TRP n 
1 30  ALA n 
1 31  ALA n 
1 32  LEU n 
1 33  CYS n 
1 34  ASP n 
1 35  SER n 
1 36  SER n 
1 37  SER n 
1 38  ALA n 
1 39  ARG n 
1 40  SER n 
1 41  SER n 
1 42  LEU n 
1 43  ARG n 
1 44  TRP n 
1 45  GLU n 
1 46  GLU n 
1 47  VAL n 
1 48  CYS n 
1 49  ARG n 
1 50  GLU n 
1 51  GLN n 
1 52  GLN n 
1 53  CYS n 
1 54  GLY n 
1 55  SER n 
1 56  VAL n 
1 57  ASN n 
1 58  SER n 
1 59  TYR n 
1 60  ARG n 
1 61  VAL n 
1 62  LEU n 
1 63  ASP n 
1 64  ALA n 
1 65  GLY n 
1 66  ASP n 
1 67  PRO n 
1 68  THR n 
1 69  SER n 
1 70  ARG n 
1 71  GLY n 
1 72  LEU n 
1 73  PHE n 
1 74  CYS n 
1 75  PRO n 
1 76  HIS n 
1 77  GLN n 
1 78  LYS n 
1 79  LEU n 
1 80  SER n 
1 81  GLN n 
1 82  CYS n 
1 83  HIS n 
1 84  GLU n 
1 85  LEU n 
1 86  TRP n 
1 87  GLU n 
1 88  ARG n 
1 89  ASN n 
1 90  SER n 
1 91  TYR n 
1 92  CYS n 
1 93  LYS n 
1 94  LYS n 
1 95  VAL n 
1 96  PHE n 
1 97  VAL n 
1 98  THR n 
1 99  CYS n 
1 100 GLN n 
1 101 ASP n 
# 
_entity_src_gen.entity_id                          1 
_entity_src_gen.pdbx_src_id                        1 
_entity_src_gen.pdbx_alt_source_flag               sample 
_entity_src_gen.pdbx_seq_type                      ? 
_entity_src_gen.pdbx_beg_seq_num                   ? 
_entity_src_gen.pdbx_end_seq_num                   ? 
_entity_src_gen.gene_src_common_name               HUMAN 
_entity_src_gen.gene_src_genus                     ? 
_entity_src_gen.pdbx_gene_src_gene                 ? 
_entity_src_gen.gene_src_species                   ? 
_entity_src_gen.gene_src_strain                    ? 
_entity_src_gen.gene_src_tissue                    ? 
_entity_src_gen.gene_src_tissue_fraction           ? 
_entity_src_gen.gene_src_details                   ? 
_entity_src_gen.pdbx_gene_src_fragment             ? 
_entity_src_gen.pdbx_gene_src_scientific_name      'HOMO SAPIENS' 
_entity_src_gen.pdbx_gene_src_ncbi_taxonomy_id     9606 
_entity_src_gen.pdbx_gene_src_variant              ? 
_entity_src_gen.pdbx_gene_src_cell_line            ? 
_entity_src_gen.pdbx_gene_src_atcc                 ? 
_entity_src_gen.pdbx_gene_src_organ                ? 
_entity_src_gen.pdbx_gene_src_organelle            ? 
_entity_src_gen.pdbx_gene_src_cell                 B-LYMPHOCYTE 
_entity_src_gen.pdbx_gene_src_cellular_location    ? 
_entity_src_gen.host_org_common_name               ? 
_entity_src_gen.pdbx_host_org_scientific_name      'HOMO SAPIENS' 
_entity_src_gen.pdbx_host_org_ncbi_taxonomy_id     9606 
_entity_src_gen.host_org_genus                     ? 
_entity_src_gen.pdbx_host_org_gene                 ? 
_entity_src_gen.pdbx_host_org_organ                ? 
_entity_src_gen.host_org_species                   ? 
_entity_src_gen.pdbx_host_org_tissue               'KIDNEY CELLS' 
_entity_src_gen.pdbx_host_org_tissue_fraction      ? 
_entity_src_gen.pdbx_host_org_strain               ? 
_entity_src_gen.pdbx_host_org_variant              ? 
_entity_src_gen.pdbx_host_org_cell_line            HEK-293EBNA 
_entity_src_gen.pdbx_host_org_atcc                 ? 
_entity_src_gen.pdbx_host_org_culture_collection   ? 
_entity_src_gen.pdbx_host_org_cell                 ? 
_entity_src_gen.pdbx_host_org_organelle            ? 
_entity_src_gen.pdbx_host_org_cellular_location    ? 
_entity_src_gen.pdbx_host_org_vector_type          ? 
_entity_src_gen.pdbx_host_org_vector               ? 
_entity_src_gen.host_org_details                   ? 
_entity_src_gen.expression_system_id               ? 
_entity_src_gen.plasmid_name                       PCEP-PU 
_entity_src_gen.plasmid_details                    ? 
_entity_src_gen.pdbx_description                   ? 
# 
loop_
_chem_comp.id 
_chem_comp.type 
_chem_comp.mon_nstd_flag 
_chem_comp.name 
_chem_comp.pdbx_synonyms 
_chem_comp.formula 
_chem_comp.formula_weight 
ALA 'L-peptide linking' y ALANINE         ? 'C3 H7 N O2'     89.093  
ARG 'L-peptide linking' y ARGININE        ? 'C6 H15 N4 O2 1' 175.209 
ASN 'L-peptide linking' y ASPARAGINE      ? 'C4 H8 N2 O3'    132.118 
ASP 'L-peptide linking' y 'ASPARTIC ACID' ? 'C4 H7 N O4'     133.103 
CYS 'L-peptide linking' y CYSTEINE        ? 'C3 H7 N O2 S'   121.158 
GLN 'L-peptide linking' y GLUTAMINE       ? 'C5 H10 N2 O3'   146.144 
GLU 'L-peptide linking' y 'GLUTAMIC ACID' ? 'C5 H9 N O4'     147.129 
GLY 'peptide linking'   y GLYCINE         ? 'C2 H5 N O2'     75.067  
HIS 'L-peptide linking' y HISTIDINE       ? 'C6 H10 N3 O2 1' 156.162 
HOH non-polymer         . WATER           ? 'H2 O'           18.015  
ILE 'L-peptide linking' y ISOLEUCINE      ? 'C6 H13 N O2'    131.173 
LEU 'L-peptide linking' y LEUCINE         ? 'C6 H13 N O2'    131.173 
LYS 'L-peptide linking' y LYSINE          ? 'C6 H15 N2 O2 1' 147.195 
PHE 'L-peptide linking' y PHENYLALANINE   ? 'C9 H11 N O2'    165.189 
PRO 'L-peptide linking' y PROLINE         ? 'C5 H9 N O2'     115.130 
SER 'L-peptide linking' y SERINE          ? 'C3 H7 N O3'     105.093 
THR 'L-peptide linking' y THREONINE       ? 'C4 H9 N O3'     119.119 
TRP 'L-peptide linking' y TRYPTOPHAN      ? 'C11 H12 N2 O2'  204.225 
TYR 'L-peptide linking' y TYROSINE        ? 'C9 H11 N O3'    181.189 
VAL 'L-peptide linking' y VALINE          ? 'C5 H11 N O2'    117.146 
# 
loop_
_pdbx_poly_seq_scheme.asym_id 
_pdbx_poly_seq_scheme.entity_id 
_pdbx_poly_seq_scheme.seq_id 
_pdbx_poly_seq_scheme.mon_id 
_pdbx_poly_seq_scheme.ndb_seq_num 
_pdbx_poly_seq_scheme.pdb_seq_num 
_pdbx_poly_seq_scheme.auth_seq_num 
_pdbx_poly_seq_scheme.pdb_mon_id 
_pdbx_poly_seq_scheme.auth_mon_id 
_pdbx_poly_seq_scheme.pdb_strand_id 
_pdbx_poly_seq_scheme.pdb_ins_code 
_pdbx_poly_seq_scheme.hetero 
A 1 1   ALA 1   269 269 ALA ALA A . n 
A 1 2   PHE 2   270 270 PHE PHE A . n 
A 1 3   GLN 3   271 271 GLN GLN A . n 
A 1 4   PRO 4   272 272 PRO PRO A . n 
A 1 5   LYS 5   273 273 LYS LYS A . n 
A 1 6   VAL 6   274 274 VAL VAL A . n 
A 1 7   GLN 7   275 275 GLN GLN A . n 
A 1 8   SER 8   276 276 SER SER A . n 
A 1 9   ARG 9   277 277 ARG ARG A . n 
A 1 10  LEU 10  278 278 LEU LEU A . n 
A 1 11  VAL 11  279 279 VAL VAL A . n 
A 1 12  GLY 12  280 280 GLY GLY A . n 
A 1 13  GLY 13  281 281 GLY GLY A . n 
A 1 14  SER 14  282 282 SER SER A . n 
A 1 15  SER 15  283 283 SER SER A . n 
A 1 16  ILE 16  284 284 ILE ILE A . n 
A 1 17  CYS 17  285 285 CYS CYS A . n 
A 1 18  GLU 18  286 286 GLU GLU A . n 
A 1 19  GLY 19  287 287 GLY GLY A . n 
A 1 20  THR 20  288 288 THR THR A . n 
A 1 21  VAL 21  289 289 VAL VAL A . n 
A 1 22  GLU 22  290 290 GLU GLU A . n 
A 1 23  VAL 23  291 291 VAL VAL A . n 
A 1 24  ARG 24  292 292 ARG ARG A . n 
A 1 25  GLN 25  293 293 GLN GLN A . n 
A 1 26  GLY 26  294 294 GLY GLY A . n 
A 1 27  ALA 27  295 295 ALA ALA A . n 
A 1 28  GLN 28  296 296 GLN GLN A . n 
A 1 29  TRP 29  297 297 TRP TRP A . n 
A 1 30  ALA 30  298 298 ALA ALA A . n 
A 1 31  ALA 31  299 299 ALA ALA A . n 
A 1 32  LEU 32  300 300 LEU LEU A . n 
A 1 33  CYS 33  301 301 CYS CYS A . n 
A 1 34  ASP 34  302 302 ASP ASP A . n 
A 1 35  SER 35  303 303 SER SER A . n 
A 1 36  SER 36  304 304 SER SER A . n 
A 1 37  SER 37  305 305 SER SER A . n 
A 1 38  ALA 38  306 306 ALA ALA A . n 
A 1 39  ARG 39  307 307 ARG ARG A . n 
A 1 40  SER 40  308 308 SER SER A . n 
A 1 41  SER 41  309 309 SER SER A . n 
A 1 42  LEU 42  310 310 LEU LEU A . n 
A 1 43  ARG 43  311 311 ARG ARG A . n 
A 1 44  TRP 44  312 312 TRP TRP A . n 
A 1 45  GLU 45  313 313 GLU GLU A . n 
A 1 46  GLU 46  314 314 GLU GLU A . n 
A 1 47  VAL 47  315 315 VAL VAL A . n 
A 1 48  CYS 48  316 316 CYS CYS A . n 
A 1 49  ARG 49  317 317 ARG ARG A . n 
A 1 50  GLU 50  318 318 GLU GLU A . n 
A 1 51  GLN 51  319 319 GLN GLN A . n 
A 1 52  GLN 52  320 320 GLN GLN A . n 
A 1 53  CYS 53  321 321 CYS CYS A . n 
A 1 54  GLY 54  322 322 GLY GLY A . n 
A 1 55  SER 55  323 323 SER SER A . n 
A 1 56  VAL 56  324 324 VAL VAL A . n 
A 1 57  ASN 57  325 325 ASN ASN A . n 
A 1 58  SER 58  326 326 SER SER A . n 
A 1 59  TYR 59  327 327 TYR TYR A . n 
A 1 60  ARG 60  328 328 ARG ARG A . n 
A 1 61  VAL 61  329 329 VAL VAL A . n 
A 1 62  LEU 62  330 330 LEU LEU A . n 
A 1 63  ASP 63  331 331 ASP ASP A . n 
A 1 64  ALA 64  332 332 ALA ALA A . n 
A 1 65  GLY 65  333 333 GLY GLY A . n 
A 1 66  ASP 66  334 334 ASP ASP A . n 
A 1 67  PRO 67  335 335 PRO PRO A . n 
A 1 68  THR 68  336 336 THR THR A . n 
A 1 69  SER 69  337 337 SER SER A . n 
A 1 70  ARG 70  338 338 ARG ARG A . n 
A 1 71  GLY 71  339 339 GLY GLY A . n 
A 1 72  LEU 72  340 340 LEU LEU A . n 
A 1 73  PHE 73  341 341 PHE PHE A . n 
A 1 74  CYS 74  342 342 CYS CYS A . n 
A 1 75  PRO 75  343 343 PRO PRO A . n 
A 1 76  HIS 76  344 344 HIS HIS A . n 
A 1 77  GLN 77  345 345 GLN GLN A . n 
A 1 78  LYS 78  346 346 LYS LYS A . n 
A 1 79  LEU 79  347 347 LEU LEU A . n 
A 1 80  SER 80  348 348 SER SER A . n 
A 1 81  GLN 81  349 349 GLN GLN A . n 
A 1 82  CYS 82  350 350 CYS CYS A . n 
A 1 83  HIS 83  351 351 HIS HIS A . n 
A 1 84  GLU 84  352 352 GLU GLU A . n 
A 1 85  LEU 85  353 353 LEU LEU A . n 
A 1 86  TRP 86  354 354 TRP TRP A . n 
A 1 87  GLU 87  355 355 GLU GLU A . n 
A 1 88  ARG 88  356 356 ARG ARG A . n 
A 1 89  ASN 89  357 357 ASN ASN A . n 
A 1 90  SER 90  358 358 SER SER A . n 
A 1 91  TYR 91  359 359 TYR TYR A . n 
A 1 92  CYS 92  360 360 CYS CYS A . n 
A 1 93  LYS 93  361 361 LYS LYS A . n 
A 1 94  LYS 94  362 362 LYS LYS A . n 
A 1 95  VAL 95  363 363 VAL VAL A . n 
A 1 96  PHE 96  364 364 PHE PHE A . n 
A 1 97  VAL 97  365 365 VAL VAL A . n 
A 1 98  THR 98  366 366 THR THR A . n 
A 1 99  CYS 99  367 367 CYS CYS A . n 
A 1 100 GLN 100 368 368 GLN GLN A . n 
A 1 101 ASP 101 369 369 ASP ASP A . n 
# 
loop_
_pdbx_nonpoly_scheme.asym_id 
_pdbx_nonpoly_scheme.entity_id 
_pdbx_nonpoly_scheme.mon_id 
_pdbx_nonpoly_scheme.ndb_seq_num 
_pdbx_nonpoly_scheme.pdb_seq_num 
_pdbx_nonpoly_scheme.auth_seq_num 
_pdbx_nonpoly_scheme.pdb_mon_id 
_pdbx_nonpoly_scheme.auth_mon_id 
_pdbx_nonpoly_scheme.pdb_strand_id 
_pdbx_nonpoly_scheme.pdb_ins_code 
B 2 HOH 1  2001 2001 HOH HOH A . 
B 2 HOH 2  2002 2002 HOH HOH A . 
B 2 HOH 3  2003 2003 HOH HOH A . 
B 2 HOH 4  2004 2004 HOH HOH A . 
B 2 HOH 5  2005 2005 HOH HOH A . 
B 2 HOH 6  2006 2006 HOH HOH A . 
B 2 HOH 7  2007 2007 HOH HOH A . 
B 2 HOH 8  2008 2008 HOH HOH A . 
B 2 HOH 9  2009 2009 HOH HOH A . 
B 2 HOH 10 2010 2010 HOH HOH A . 
B 2 HOH 11 2011 2011 HOH HOH A . 
B 2 HOH 12 2012 2012 HOH HOH A . 
B 2 HOH 13 2013 2013 HOH HOH A . 
B 2 HOH 14 2014 2014 HOH HOH A . 
B 2 HOH 15 2015 2015 HOH HOH A . 
B 2 HOH 16 2016 2016 HOH HOH A . 
B 2 HOH 17 2017 2017 HOH HOH A . 
B 2 HOH 18 2018 2018 HOH HOH A . 
B 2 HOH 19 2019 2019 HOH HOH A . 
B 2 HOH 20 2020 2020 HOH HOH A . 
B 2 HOH 21 2021 2021 HOH HOH A . 
B 2 HOH 22 2022 2022 HOH HOH A . 
B 2 HOH 23 2023 2023 HOH HOH A . 
B 2 HOH 24 2024 2024 HOH HOH A . 
B 2 HOH 25 2025 2025 HOH HOH A . 
B 2 HOH 26 2026 2026 HOH HOH A . 
B 2 HOH 27 2027 2027 HOH HOH A . 
B 2 HOH 28 2028 2028 HOH HOH A . 
B 2 HOH 29 2029 2029 HOH HOH A . 
B 2 HOH 30 2030 2030 HOH HOH A . 
B 2 HOH 31 2031 2031 HOH HOH A . 
B 2 HOH 32 2032 2032 HOH HOH A . 
B 2 HOH 33 2033 2033 HOH HOH A . 
B 2 HOH 34 2034 2034 HOH HOH A . 
B 2 HOH 35 2035 2035 HOH HOH A . 
B 2 HOH 36 2036 2036 HOH HOH A . 
B 2 HOH 37 2037 2037 HOH HOH A . 
B 2 HOH 38 2038 2038 HOH HOH A . 
B 2 HOH 39 2039 2039 HOH HOH A . 
B 2 HOH 40 2040 2040 HOH HOH A . 
B 2 HOH 41 2041 2041 HOH HOH A . 
B 2 HOH 42 2042 2042 HOH HOH A . 
B 2 HOH 43 2043 2043 HOH HOH A . 
B 2 HOH 44 2044 2044 HOH HOH A . 
B 2 HOH 45 2045 2045 HOH HOH A . 
B 2 HOH 46 2046 2046 HOH HOH A . 
B 2 HOH 47 2047 2047 HOH HOH A . 
B 2 HOH 48 2048 2048 HOH HOH A . 
B 2 HOH 49 2049 2049 HOH HOH A . 
B 2 HOH 50 2050 2050 HOH HOH A . 
B 2 HOH 51 2051 2051 HOH HOH A . 
B 2 HOH 52 2052 2052 HOH HOH A . 
B 2 HOH 53 2053 2053 HOH HOH A . 
B 2 HOH 54 2054 2054 HOH HOH A . 
B 2 HOH 55 2055 2055 HOH HOH A . 
B 2 HOH 56 2056 2056 HOH HOH A . 
B 2 HOH 57 2057 2057 HOH HOH A . 
B 2 HOH 58 2058 2058 HOH HOH A . 
# 
loop_
_software.name 
_software.classification 
_software.version 
_software.citation_id 
_software.pdbx_ordinal 
ARP/wARP  'model building' .        ? 1 
SCALEPACK 'data scaling'   .        ? 2 
BNP       phasing          .        ? 3 
SHARP     phasing          .        ? 4 
SOLOMON   phasing          .        ? 5 
ARP/wARP  phasing          .        ? 6 
REFMAC    refinement       5.2.0019 ? 7 
# 
_cell.entry_id           2JA4 
_cell.length_a           62.931 
_cell.length_b           62.931 
_cell.length_c           72.564 
_cell.angle_alpha        90.00 
_cell.angle_beta         90.00 
_cell.angle_gamma        120.00 
_cell.Z_PDB              6 
_cell.pdbx_unique_axis   ? 
# 
_symmetry.entry_id                         2JA4 
_symmetry.space_group_name_H-M             'P 32 2 1' 
_symmetry.pdbx_full_space_group_name_H-M   ? 
_symmetry.cell_setting                     ? 
_symmetry.Int_Tables_number                154 
# 
_exptl.entry_id          2JA4 
_exptl.method            'X-RAY DIFFRACTION' 
_exptl.crystals_number   1 
# 
_exptl_crystal.id                    1 
_exptl_crystal.density_meas          ? 
_exptl_crystal.density_Matthews      3.7 
_exptl_crystal.density_percent_sol   67.4 
_exptl_crystal.description           ? 
# 
_exptl_crystal_grow.crystal_id      1 
_exptl_crystal_grow.method          ? 
_exptl_crystal_grow.temp            ? 
_exptl_crystal_grow.temp_details    ? 
_exptl_crystal_grow.pH              7.40 
_exptl_crystal_grow.pdbx_pH_range   ? 
_exptl_crystal_grow.pdbx_details    '15-25% PEG 8000, 100 MM NAAC PH 4.4, 200 MM LI2SO4' 
# 
_diffrn.id                     1 
_diffrn.ambient_temp           100.0 
_diffrn.ambient_temp_details   ? 
_diffrn.crystal_id             1 
# 
_diffrn_detector.diffrn_id              1 
_diffrn_detector.detector               CCD 
_diffrn_detector.type                   MARRESEARCH 
_diffrn_detector.pdbx_collection_date   2006-06-15 
_diffrn_detector.details                ? 
# 
_diffrn_radiation.diffrn_id                        1 
_diffrn_radiation.wavelength_id                    1 
_diffrn_radiation.pdbx_monochromatic_or_laue_m_l   M 
_diffrn_radiation.monochromator                    ? 
_diffrn_radiation.pdbx_diffrn_protocol             'SINGLE WAVELENGTH' 
_diffrn_radiation.pdbx_scattering_type             x-ray 
# 
_diffrn_radiation_wavelength.id           1 
_diffrn_radiation_wavelength.wavelength   1.8 
_diffrn_radiation_wavelength.wt           1.0 
# 
_diffrn_source.diffrn_id                   1 
_diffrn_source.source                      SYNCHROTRON 
_diffrn_source.type                        'SLS BEAMLINE X06SA' 
_diffrn_source.pdbx_synchrotron_site       SLS 
_diffrn_source.pdbx_synchrotron_beamline   X06SA 
_diffrn_source.pdbx_wavelength             1.8 
_diffrn_source.pdbx_wavelength_list        ? 
# 
_reflns.pdbx_diffrn_id               1 
_reflns.pdbx_ordinal                 1 
_reflns.entry_id                     2JA4 
_reflns.observed_criterion_sigma_I   2.000 
_reflns.observed_criterion_sigma_F   ? 
_reflns.d_resolution_low             50.000 
_reflns.d_resolution_high            2.210 
_reflns.number_obs                   12098 
_reflns.number_all                   ? 
_reflns.percent_possible_obs         96.9 
_reflns.pdbx_Rmerge_I_obs            0.05000 
_reflns.pdbx_Rsym_value              ? 
_reflns.pdbx_netI_over_sigmaI        15.3000 
_reflns.B_iso_Wilson_estimate        ? 
_reflns.pdbx_redundancy              5.400 
# 
_reflns_shell.pdbx_diffrn_id         1 
_reflns_shell.pdbx_ordinal           1 
_reflns_shell.d_res_high             2.21 
_reflns_shell.d_res_low              2.26 
_reflns_shell.percent_possible_all   95.6 
_reflns_shell.Rmerge_I_obs           0.24000 
_reflns_shell.pdbx_Rsym_value        ? 
_reflns_shell.meanI_over_sigI_obs    2.200 
_reflns_shell.pdbx_redundancy        4.10 
# 
_refine.pdbx_refine_id                           'X-RAY DIFFRACTION' 
_refine.entry_id                                 2JA4 
_refine.pdbx_diffrn_id                           1 
_refine.pdbx_TLS_residual_ADP_flag               ? 
_refine.ls_number_reflns_obs                     7899 
_refine.ls_number_reflns_all                     ? 
_refine.pdbx_ls_sigma_I                          ? 
_refine.pdbx_ls_sigma_F                          ? 
_refine.pdbx_data_cutoff_high_absF               ? 
_refine.pdbx_data_cutoff_low_absF                ? 
_refine.pdbx_data_cutoff_high_rms_absF           ? 
_refine.ls_d_res_low                             19.18 
_refine.ls_d_res_high                            2.21 
_refine.ls_percent_reflns_obs                    95.6 
_refine.ls_R_factor_obs                          0.196 
_refine.ls_R_factor_all                          ? 
_refine.ls_R_factor_R_work                       0.193 
_refine.ls_R_factor_R_free                       0.248 
_refine.ls_R_factor_R_free_error                 ? 
_refine.ls_R_factor_R_free_error_details         ? 
_refine.ls_percent_reflns_R_free                 4.700 
_refine.ls_number_reflns_R_free                  387 
_refine.ls_number_parameters                     ? 
_refine.ls_number_restraints                     ? 
_refine.occupancy_min                            ? 
_refine.occupancy_max                            ? 
_refine.correlation_coeff_Fo_to_Fc               0.955 
_refine.correlation_coeff_Fo_to_Fc_free          0.927 
_refine.B_iso_mean                               44.77 
_refine.aniso_B[1][1]                            0.38000 
_refine.aniso_B[2][2]                            0.38000 
_refine.aniso_B[3][3]                            -0.57000 
_refine.aniso_B[1][2]                            0.19000 
_refine.aniso_B[1][3]                            0.00000 
_refine.aniso_B[2][3]                            0.00000 
_refine.solvent_model_details                    'BABINET MODEL WITH MASK' 
_refine.solvent_model_param_ksol                 ? 
_refine.solvent_model_param_bsol                 ? 
_refine.pdbx_solvent_vdw_probe_radii             1.20 
_refine.pdbx_solvent_ion_probe_radii             0.80 
_refine.pdbx_solvent_shrinkage_radii             0.80 
_refine.pdbx_ls_cross_valid_method               THROUGHOUT 
_refine.details                                  'HYDROGENS HAVE BEEN ADDED IN THE RIDING POSITIONS.' 
_refine.pdbx_starting_model                      ? 
_refine.pdbx_method_to_determine_struct          SAD 
_refine.pdbx_isotropic_thermal_model             ? 
_refine.pdbx_stereochemistry_target_values       'MAXIMUM LIKELIHOOD' 
_refine.pdbx_stereochem_target_val_spec_case     ? 
_refine.pdbx_R_Free_selection_details            RANDOM 
_refine.pdbx_overall_ESU_R                       0.191 
_refine.pdbx_overall_ESU_R_Free                  0.185 
_refine.overall_SU_ML                            0.115 
_refine.pdbx_overall_phase_error                 ? 
_refine.overall_SU_B                             4.474 
_refine.overall_SU_R_Cruickshank_DPI             ? 
_refine.pdbx_overall_SU_R_free_Cruickshank_DPI   ? 
_refine.pdbx_overall_SU_R_Blow_DPI               ? 
_refine.pdbx_overall_SU_R_free_Blow_DPI          ? 
# 
_refine_hist.pdbx_refine_id                   'X-RAY DIFFRACTION' 
_refine_hist.cycle_id                         LAST 
_refine_hist.pdbx_number_atoms_protein        789 
_refine_hist.pdbx_number_atoms_nucleic_acid   0 
_refine_hist.pdbx_number_atoms_ligand         0 
_refine_hist.number_atoms_solvent             58 
_refine_hist.number_atoms_total               847 
_refine_hist.d_res_high                       2.21 
_refine_hist.d_res_low                        19.18 
# 
loop_
_refine_ls_restr.type 
_refine_ls_restr.dev_ideal 
_refine_ls_restr.dev_ideal_target 
_refine_ls_restr.weight 
_refine_ls_restr.number 
_refine_ls_restr.pdbx_refine_id 
_refine_ls_restr.pdbx_restraint_function 
r_bond_refined_d             0.018  0.021  ? 808  'X-RAY DIFFRACTION' ? 
r_bond_other_d               ?      ?      ? ?    'X-RAY DIFFRACTION' ? 
r_angle_refined_deg          2.156  1.928  ? 1093 'X-RAY DIFFRACTION' ? 
r_angle_other_deg            ?      ?      ? ?    'X-RAY DIFFRACTION' ? 
r_dihedral_angle_1_deg       12.584 5.000  ? 100  'X-RAY DIFFRACTION' ? 
r_dihedral_angle_2_deg       39.047 23.500 ? 40   'X-RAY DIFFRACTION' ? 
r_dihedral_angle_3_deg       19.026 15.000 ? 137  'X-RAY DIFFRACTION' ? 
r_dihedral_angle_4_deg       25.840 15.000 ? 8    'X-RAY DIFFRACTION' ? 
r_chiral_restr               0.183  0.200  ? 114  'X-RAY DIFFRACTION' ? 
r_gen_planes_refined         0.010  0.020  ? 623  'X-RAY DIFFRACTION' ? 
r_gen_planes_other           ?      ?      ? ?    'X-RAY DIFFRACTION' ? 
r_nbd_refined                0.259  0.200  ? 315  'X-RAY DIFFRACTION' ? 
r_nbd_other                  ?      ?      ? ?    'X-RAY DIFFRACTION' ? 
r_nbtor_refined              0.330  0.200  ? 540  'X-RAY DIFFRACTION' ? 
r_nbtor_other                ?      ?      ? ?    'X-RAY DIFFRACTION' ? 
r_xyhbond_nbd_refined        0.215  0.200  ? 49   'X-RAY DIFFRACTION' ? 
r_xyhbond_nbd_other          ?      ?      ? ?    'X-RAY DIFFRACTION' ? 
r_metal_ion_refined          ?      ?      ? ?    'X-RAY DIFFRACTION' ? 
r_metal_ion_other            ?      ?      ? ?    'X-RAY DIFFRACTION' ? 
r_symmetry_vdw_refined       0.156  0.200  ? 31   'X-RAY DIFFRACTION' ? 
r_symmetry_vdw_other         ?      ?      ? ?    'X-RAY DIFFRACTION' ? 
r_symmetry_hbond_refined     0.141  0.200  ? 10   'X-RAY DIFFRACTION' ? 
r_symmetry_hbond_other       ?      ?      ? ?    'X-RAY DIFFRACTION' ? 
r_symmetry_metal_ion_refined ?      ?      ? ?    'X-RAY DIFFRACTION' ? 
r_symmetry_metal_ion_other   ?      ?      ? ?    'X-RAY DIFFRACTION' ? 
r_mcbond_it                  3.492  1.500  ? 515  'X-RAY DIFFRACTION' ? 
r_mcbond_other               ?      ?      ? ?    'X-RAY DIFFRACTION' ? 
r_mcangle_it                 4.863  2.000  ? 802  'X-RAY DIFFRACTION' ? 
r_mcangle_other              ?      ?      ? ?    'X-RAY DIFFRACTION' ? 
r_scbond_it                  7.241  3.000  ? 338  'X-RAY DIFFRACTION' ? 
r_scbond_other               ?      ?      ? ?    'X-RAY DIFFRACTION' ? 
r_scangle_it                 9.823  4.500  ? 291  'X-RAY DIFFRACTION' ? 
r_scangle_other              ?      ?      ? ?    'X-RAY DIFFRACTION' ? 
r_long_range_B_refined       ?      ?      ? ?    'X-RAY DIFFRACTION' ? 
r_long_range_B_other         ?      ?      ? ?    'X-RAY DIFFRACTION' ? 
r_rigid_bond_restr           ?      ?      ? ?    'X-RAY DIFFRACTION' ? 
r_sphericity_free            ?      ?      ? ?    'X-RAY DIFFRACTION' ? 
r_sphericity_bonded          ?      ?      ? ?    'X-RAY DIFFRACTION' ? 
# 
_refine_ls_shell.pdbx_refine_id                   'X-RAY DIFFRACTION' 
_refine_ls_shell.pdbx_total_number_of_bins_used   20 
_refine_ls_shell.d_res_high                       2.21 
_refine_ls_shell.d_res_low                        2.27 
_refine_ls_shell.number_reflns_R_work             481 
_refine_ls_shell.R_factor_R_work                  0.2840 
_refine_ls_shell.percent_reflns_obs               ? 
_refine_ls_shell.R_factor_R_free                  0.3760 
_refine_ls_shell.R_factor_R_free_error            ? 
_refine_ls_shell.percent_reflns_R_free            ? 
_refine_ls_shell.number_reflns_R_free             25 
_refine_ls_shell.number_reflns_all                ? 
_refine_ls_shell.R_factor_all                     ? 
# 
_struct.entry_id                  2JA4 
_struct.title                     
'Crystal structure of CD5 domain III reveals the fold of a group B scavenger cysteine-rich receptor' 
_struct.pdbx_model_details        ? 
_struct.pdbx_CASP_flag            ? 
_struct.pdbx_model_type_details   ? 
# 
_struct_keywords.entry_id        2JA4 
_struct_keywords.pdbx_keywords   'IMMUNE SYSTEM' 
_struct_keywords.text            
'CD6, CD5, SRCR, MEMBRANE, POLYMORPHISM, GLYCOPROTEIN, TRANSMEMBRANE, INNATE IMMUNITY, PHOSPHORYLATION, IMMUNE SYSTEM' 
# 
loop_
_struct_asym.id 
_struct_asym.pdbx_blank_PDB_chainid_flag 
_struct_asym.pdbx_modified 
_struct_asym.entity_id 
_struct_asym.details 
A N N 1 ? 
B N N 2 ? 
# 
_struct_ref.id                         1 
_struct_ref.db_name                    UNP 
_struct_ref.db_code                    CD5_HUMAN 
_struct_ref.entity_id                  1 
_struct_ref.pdbx_seq_one_letter_code   ? 
_struct_ref.pdbx_align_begin           ? 
_struct_ref.pdbx_db_accession          P06127 
_struct_ref.pdbx_db_isoform            ? 
# 
_struct_ref_seq.align_id                      1 
_struct_ref_seq.ref_id                        1 
_struct_ref_seq.pdbx_PDB_id_code              2JA4 
_struct_ref_seq.pdbx_strand_id                A 
_struct_ref_seq.seq_align_beg                 1 
_struct_ref_seq.pdbx_seq_align_beg_ins_code   ? 
_struct_ref_seq.seq_align_end                 101 
_struct_ref_seq.pdbx_seq_align_end_ins_code   ? 
_struct_ref_seq.pdbx_db_accession             P06127 
_struct_ref_seq.db_align_beg                  269 
_struct_ref_seq.pdbx_db_align_beg_ins_code    ? 
_struct_ref_seq.db_align_end                  369 
_struct_ref_seq.pdbx_db_align_end_ins_code    ? 
_struct_ref_seq.pdbx_auth_seq_align_beg       269 
_struct_ref_seq.pdbx_auth_seq_align_end       369 
# 
_struct_ref_seq_dif.align_id                     1 
_struct_ref_seq_dif.pdbx_pdb_id_code             2JA4 
_struct_ref_seq_dif.mon_id                       ALA 
_struct_ref_seq_dif.pdbx_pdb_strand_id           A 
_struct_ref_seq_dif.seq_num                      1 
_struct_ref_seq_dif.pdbx_pdb_ins_code            ? 
_struct_ref_seq_dif.pdbx_seq_db_name             UNP 
_struct_ref_seq_dif.pdbx_seq_db_accession_code   P06127 
_struct_ref_seq_dif.db_mon_id                    GLY 
_struct_ref_seq_dif.pdbx_seq_db_seq_num          269 
_struct_ref_seq_dif.details                      conflict 
_struct_ref_seq_dif.pdbx_auth_seq_num            269 
_struct_ref_seq_dif.pdbx_ordinal                 1 
# 
_pdbx_struct_assembly.id                   1 
_pdbx_struct_assembly.details              author_and_software_defined_assembly 
_pdbx_struct_assembly.method_details       PQS 
_pdbx_struct_assembly.oligomeric_details   monomeric 
_pdbx_struct_assembly.oligomeric_count     1 
# 
_pdbx_struct_assembly_gen.assembly_id       1 
_pdbx_struct_assembly_gen.oper_expression   1 
_pdbx_struct_assembly_gen.asym_id_list      A,B 
# 
_pdbx_struct_oper_list.id                   1 
_pdbx_struct_oper_list.type                 'identity operation' 
_pdbx_struct_oper_list.name                 1_555 
_pdbx_struct_oper_list.symmetry_operation   x,y,z 
_pdbx_struct_oper_list.matrix[1][1]         1.0000000000 
_pdbx_struct_oper_list.matrix[1][2]         0.0000000000 
_pdbx_struct_oper_list.matrix[1][3]         0.0000000000 
_pdbx_struct_oper_list.vector[1]            0.0000000000 
_pdbx_struct_oper_list.matrix[2][1]         0.0000000000 
_pdbx_struct_oper_list.matrix[2][2]         1.0000000000 
_pdbx_struct_oper_list.matrix[2][3]         0.0000000000 
_pdbx_struct_oper_list.vector[2]            0.0000000000 
_pdbx_struct_oper_list.matrix[3][1]         0.0000000000 
_pdbx_struct_oper_list.matrix[3][2]         0.0000000000 
_pdbx_struct_oper_list.matrix[3][3]         1.0000000000 
_pdbx_struct_oper_list.vector[3]            0.0000000000 
# 
_struct_biol.id   1 
# 
loop_
_struct_conf.conf_type_id 
_struct_conf.id 
_struct_conf.pdbx_PDB_helix_id 
_struct_conf.beg_label_comp_id 
_struct_conf.beg_label_asym_id 
_struct_conf.beg_label_seq_id 
_struct_conf.pdbx_beg_PDB_ins_code 
_struct_conf.end_label_comp_id 
_struct_conf.end_label_asym_id 
_struct_conf.end_label_seq_id 
_struct_conf.pdbx_end_PDB_ins_code 
_struct_conf.beg_auth_comp_id 
_struct_conf.beg_auth_asym_id 
_struct_conf.beg_auth_seq_id 
_struct_conf.end_auth_comp_id 
_struct_conf.end_auth_asym_id 
_struct_conf.end_auth_seq_id 
_struct_conf.pdbx_PDB_helix_class 
_struct_conf.details 
_struct_conf.pdbx_PDB_helix_length 
HELX_P HELX_P1 1 SER A 41 ? GLN A 51 ? SER A 309 GLN A 319 1 ? 11 
HELX_P HELX_P2 2 LYS A 78 ? CYS A 82 ? LYS A 346 CYS A 350 5 ? 5  
# 
_struct_conf_type.id          HELX_P 
_struct_conf_type.criteria    ? 
_struct_conf_type.reference   ? 
# 
loop_
_struct_conn.id 
_struct_conn.conn_type_id 
_struct_conn.pdbx_leaving_atom_flag 
_struct_conn.pdbx_PDB_id 
_struct_conn.ptnr1_label_asym_id 
_struct_conn.ptnr1_label_comp_id 
_struct_conn.ptnr1_label_seq_id 
_struct_conn.ptnr1_label_atom_id 
_struct_conn.pdbx_ptnr1_label_alt_id 
_struct_conn.pdbx_ptnr1_PDB_ins_code 
_struct_conn.pdbx_ptnr1_standard_comp_id 
_struct_conn.ptnr1_symmetry 
_struct_conn.ptnr2_label_asym_id 
_struct_conn.ptnr2_label_comp_id 
_struct_conn.ptnr2_label_seq_id 
_struct_conn.ptnr2_label_atom_id 
_struct_conn.pdbx_ptnr2_label_alt_id 
_struct_conn.pdbx_ptnr2_PDB_ins_code 
_struct_conn.ptnr1_auth_asym_id 
_struct_conn.ptnr1_auth_comp_id 
_struct_conn.ptnr1_auth_seq_id 
_struct_conn.ptnr2_auth_asym_id 
_struct_conn.ptnr2_auth_comp_id 
_struct_conn.ptnr2_auth_seq_id 
_struct_conn.ptnr2_symmetry 
_struct_conn.pdbx_ptnr3_label_atom_id 
_struct_conn.pdbx_ptnr3_label_seq_id 
_struct_conn.pdbx_ptnr3_label_comp_id 
_struct_conn.pdbx_ptnr3_label_asym_id 
_struct_conn.pdbx_ptnr3_label_alt_id 
_struct_conn.pdbx_ptnr3_PDB_ins_code 
_struct_conn.details 
_struct_conn.pdbx_dist_value 
_struct_conn.pdbx_value_order 
_struct_conn.pdbx_role 
disulf1 disulf ? ? A CYS 17 SG ? ? ? 1_555 A CYS 53 SG ? ? A CYS 285 A CYS 321 1_555 ? ? ? ? ? ? ? 2.113 ? ? 
disulf2 disulf ? ? A CYS 33 SG ? ? ? 1_555 A CYS 92 SG ? ? A CYS 301 A CYS 360 1_555 ? ? ? ? ? ? ? 2.048 ? ? 
disulf3 disulf ? ? A CYS 48 SG ? ? ? 1_555 A CYS 99 SG ? ? A CYS 316 A CYS 367 1_555 ? ? ? ? ? ? ? 2.035 ? ? 
disulf4 disulf ? ? A CYS 74 SG ? ? ? 1_555 A CYS 82 SG ? ? A CYS 342 A CYS 350 1_555 ? ? ? ? ? ? ? 2.019 ? ? 
# 
_struct_conn_type.id          disulf 
_struct_conn_type.criteria    ? 
_struct_conn_type.reference   ? 
# 
loop_
_pdbx_modification_feature.ordinal 
_pdbx_modification_feature.label_comp_id 
_pdbx_modification_feature.label_asym_id 
_pdbx_modification_feature.label_seq_id 
_pdbx_modification_feature.label_alt_id 
_pdbx_modification_feature.modified_residue_label_comp_id 
_pdbx_modification_feature.modified_residue_label_asym_id 
_pdbx_modification_feature.modified_residue_label_seq_id 
_pdbx_modification_feature.modified_residue_label_alt_id 
_pdbx_modification_feature.auth_comp_id 
_pdbx_modification_feature.auth_asym_id 
_pdbx_modification_feature.auth_seq_id 
_pdbx_modification_feature.PDB_ins_code 
_pdbx_modification_feature.symmetry 
_pdbx_modification_feature.modified_residue_auth_comp_id 
_pdbx_modification_feature.modified_residue_auth_asym_id 
_pdbx_modification_feature.modified_residue_auth_seq_id 
_pdbx_modification_feature.modified_residue_PDB_ins_code 
_pdbx_modification_feature.modified_residue_symmetry 
_pdbx_modification_feature.comp_id_linking_atom 
_pdbx_modification_feature.modified_residue_id_linking_atom 
_pdbx_modification_feature.modified_residue_id 
_pdbx_modification_feature.ref_pcm_id 
_pdbx_modification_feature.ref_comp_id 
_pdbx_modification_feature.type 
_pdbx_modification_feature.category 
1 CYS A 17 ? CYS A 53 ? CYS A 285 ? 1_555 CYS A 321 ? 1_555 SG SG . . . None 'Disulfide bridge' 
2 CYS A 33 ? CYS A 92 ? CYS A 301 ? 1_555 CYS A 360 ? 1_555 SG SG . . . None 'Disulfide bridge' 
3 CYS A 48 ? CYS A 99 ? CYS A 316 ? 1_555 CYS A 367 ? 1_555 SG SG . . . None 'Disulfide bridge' 
4 CYS A 74 ? CYS A 82 ? CYS A 342 ? 1_555 CYS A 350 ? 1_555 SG SG . . . None 'Disulfide bridge' 
# 
loop_
_struct_sheet.id 
_struct_sheet.type 
_struct_sheet.number_strands 
_struct_sheet.details 
AA ? 4 ? 
AB ? 5 ? 
# 
loop_
_struct_sheet_order.sheet_id 
_struct_sheet_order.range_id_1 
_struct_sheet_order.range_id_2 
_struct_sheet_order.offset 
_struct_sheet_order.sense 
AA 1 2 ? anti-parallel 
AA 2 3 ? anti-parallel 
AA 3 4 ? anti-parallel 
AB 1 2 ? anti-parallel 
AB 2 3 ? anti-parallel 
AB 3 4 ? parallel      
AB 4 5 ? anti-parallel 
# 
loop_
_struct_sheet_range.sheet_id 
_struct_sheet_range.id 
_struct_sheet_range.beg_label_comp_id 
_struct_sheet_range.beg_label_asym_id 
_struct_sheet_range.beg_label_seq_id 
_struct_sheet_range.pdbx_beg_PDB_ins_code 
_struct_sheet_range.end_label_comp_id 
_struct_sheet_range.end_label_asym_id 
_struct_sheet_range.end_label_seq_id 
_struct_sheet_range.pdbx_end_PDB_ins_code 
_struct_sheet_range.beg_auth_comp_id 
_struct_sheet_range.beg_auth_asym_id 
_struct_sheet_range.beg_auth_seq_id 
_struct_sheet_range.end_auth_comp_id 
_struct_sheet_range.end_auth_asym_id 
_struct_sheet_range.end_auth_seq_id 
AA 1 GLN A 7  ? VAL A 11 ? GLN A 275 VAL A 279 
AA 2 GLU A 18 ? ARG A 24 ? GLU A 286 ARG A 292 
AA 3 LYS A 94 ? CYS A 99 ? LYS A 362 CYS A 367 
AA 4 VAL A 56 ? LEU A 62 ? VAL A 324 LEU A 330 
AB 1 GLN A 7  ? VAL A 11 ? GLN A 275 VAL A 279 
AB 2 GLU A 18 ? ARG A 24 ? GLU A 286 ARG A 292 
AB 3 ALA A 30 ? CYS A 33 ? ALA A 298 CYS A 301 
AB 4 GLY A 71 ? PHE A 73 ? GLY A 339 PHE A 341 
AB 5 TRP A 86 ? ARG A 88 ? TRP A 354 ARG A 356 
# 
loop_
_pdbx_struct_sheet_hbond.sheet_id 
_pdbx_struct_sheet_hbond.range_id_1 
_pdbx_struct_sheet_hbond.range_id_2 
_pdbx_struct_sheet_hbond.range_1_label_atom_id 
_pdbx_struct_sheet_hbond.range_1_label_comp_id 
_pdbx_struct_sheet_hbond.range_1_label_asym_id 
_pdbx_struct_sheet_hbond.range_1_label_seq_id 
_pdbx_struct_sheet_hbond.range_1_PDB_ins_code 
_pdbx_struct_sheet_hbond.range_1_auth_atom_id 
_pdbx_struct_sheet_hbond.range_1_auth_comp_id 
_pdbx_struct_sheet_hbond.range_1_auth_asym_id 
_pdbx_struct_sheet_hbond.range_1_auth_seq_id 
_pdbx_struct_sheet_hbond.range_2_label_atom_id 
_pdbx_struct_sheet_hbond.range_2_label_comp_id 
_pdbx_struct_sheet_hbond.range_2_label_asym_id 
_pdbx_struct_sheet_hbond.range_2_label_seq_id 
_pdbx_struct_sheet_hbond.range_2_PDB_ins_code 
_pdbx_struct_sheet_hbond.range_2_auth_atom_id 
_pdbx_struct_sheet_hbond.range_2_auth_comp_id 
_pdbx_struct_sheet_hbond.range_2_auth_asym_id 
_pdbx_struct_sheet_hbond.range_2_auth_seq_id 
AA 1 2 N VAL A 11 ? N VAL A 279 O THR A 20 ? O THR A 288 
AA 2 3 N VAL A 21 ? N VAL A 289 O VAL A 95 ? O VAL A 363 
AA 3 4 O THR A 98 ? O THR A 366 N ASN A 57 ? N ASN A 325 
AB 1 2 N VAL A 11 ? N VAL A 279 O THR A 20 ? O THR A 288 
AB 2 3 N VAL A 23 ? N VAL A 291 O ALA A 30 ? O ALA A 298 
AB 3 4 N CYS A 33 ? N CYS A 301 O LEU A 72 ? O LEU A 340 
AB 4 5 N PHE A 73 ? N PHE A 341 O TRP A 86 ? O TRP A 354 
# 
_pdbx_entry_details.entry_id                   2JA4 
_pdbx_entry_details.compound_details           ? 
_pdbx_entry_details.source_details             ? 
_pdbx_entry_details.nonpolymer_details         ? 
_pdbx_entry_details.sequence_details           ? 
_pdbx_entry_details.has_ligand_of_interest     ? 
_pdbx_entry_details.has_protein_modification   Y 
# 
loop_
_pdbx_validate_torsion.id 
_pdbx_validate_torsion.PDB_model_num 
_pdbx_validate_torsion.auth_comp_id 
_pdbx_validate_torsion.auth_asym_id 
_pdbx_validate_torsion.auth_seq_id 
_pdbx_validate_torsion.PDB_ins_code 
_pdbx_validate_torsion.label_alt_id 
_pdbx_validate_torsion.phi 
_pdbx_validate_torsion.psi 
1 1 ALA A 295 ? ? 155.38 -161.31 
2 1 GLN A 296 ? ? 81.50  108.33  
3 1 SER A 348 ? ? -69.63 1.28    
# 
loop_
_pdbx_validate_peptide_omega.id 
_pdbx_validate_peptide_omega.PDB_model_num 
_pdbx_validate_peptide_omega.auth_comp_id_1 
_pdbx_validate_peptide_omega.auth_asym_id_1 
_pdbx_validate_peptide_omega.auth_seq_id_1 
_pdbx_validate_peptide_omega.PDB_ins_code_1 
_pdbx_validate_peptide_omega.label_alt_id_1 
_pdbx_validate_peptide_omega.auth_comp_id_2 
_pdbx_validate_peptide_omega.auth_asym_id_2 
_pdbx_validate_peptide_omega.auth_seq_id_2 
_pdbx_validate_peptide_omega.PDB_ins_code_2 
_pdbx_validate_peptide_omega.label_alt_id_2 
_pdbx_validate_peptide_omega.omega 
1 1 GLY A 294 ? ? ALA A 295 ? ? 85.94   
2 1 ALA A 295 ? ? GLN A 296 ? ? -146.69 
# 
_pdbx_struct_special_symmetry.id              1 
_pdbx_struct_special_symmetry.PDB_model_num   1 
_pdbx_struct_special_symmetry.auth_asym_id    A 
_pdbx_struct_special_symmetry.auth_comp_id    HOH 
_pdbx_struct_special_symmetry.auth_seq_id     2045 
_pdbx_struct_special_symmetry.PDB_ins_code    ? 
_pdbx_struct_special_symmetry.label_asym_id   B 
_pdbx_struct_special_symmetry.label_comp_id   HOH 
_pdbx_struct_special_symmetry.label_seq_id    . 
# 
_pdbx_database_remark.id     700 
_pdbx_database_remark.text   
;
SHEET
THE SHEET STRUCTURE OF THIS MOLECULE IS BIFURCATED. IN
ORDER TO REPRESENT THIS FEATURE IN THE SHEET RECORDS BELOW,
TWO SHEETS ARE DEFINED.
;
# 
loop_
_chem_comp_atom.comp_id 
_chem_comp_atom.atom_id 
_chem_comp_atom.type_symbol 
_chem_comp_atom.pdbx_aromatic_flag 
_chem_comp_atom.pdbx_stereo_config 
_chem_comp_atom.pdbx_ordinal 
ALA N    N N N 1   
ALA CA   C N S 2   
ALA C    C N N 3   
ALA O    O N N 4   
ALA CB   C N N 5   
ALA OXT  O N N 6   
ALA H    H N N 7   
ALA H2   H N N 8   
ALA HA   H N N 9   
ALA HB1  H N N 10  
ALA HB2  H N N 11  
ALA HB3  H N N 12  
ALA HXT  H N N 13  
ARG N    N N N 14  
ARG CA   C N S 15  
ARG C    C N N 16  
ARG O    O N N 17  
ARG CB   C N N 18  
ARG CG   C N N 19  
ARG CD   C N N 20  
ARG NE   N N N 21  
ARG CZ   C N N 22  
ARG NH1  N N N 23  
ARG NH2  N N N 24  
ARG OXT  O N N 25  
ARG H    H N N 26  
ARG H2   H N N 27  
ARG HA   H N N 28  
ARG HB2  H N N 29  
ARG HB3  H N N 30  
ARG HG2  H N N 31  
ARG HG3  H N N 32  
ARG HD2  H N N 33  
ARG HD3  H N N 34  
ARG HE   H N N 35  
ARG HH11 H N N 36  
ARG HH12 H N N 37  
ARG HH21 H N N 38  
ARG HH22 H N N 39  
ARG HXT  H N N 40  
ASN N    N N N 41  
ASN CA   C N S 42  
ASN C    C N N 43  
ASN O    O N N 44  
ASN CB   C N N 45  
ASN CG   C N N 46  
ASN OD1  O N N 47  
ASN ND2  N N N 48  
ASN OXT  O N N 49  
ASN H    H N N 50  
ASN H2   H N N 51  
ASN HA   H N N 52  
ASN HB2  H N N 53  
ASN HB3  H N N 54  
ASN HD21 H N N 55  
ASN HD22 H N N 56  
ASN HXT  H N N 57  
ASP N    N N N 58  
ASP CA   C N S 59  
ASP C    C N N 60  
ASP O    O N N 61  
ASP CB   C N N 62  
ASP CG   C N N 63  
ASP OD1  O N N 64  
ASP OD2  O N N 65  
ASP OXT  O N N 66  
ASP H    H N N 67  
ASP H2   H N N 68  
ASP HA   H N N 69  
ASP HB2  H N N 70  
ASP HB3  H N N 71  
ASP HD2  H N N 72  
ASP HXT  H N N 73  
CYS N    N N N 74  
CYS CA   C N R 75  
CYS C    C N N 76  
CYS O    O N N 77  
CYS CB   C N N 78  
CYS SG   S N N 79  
CYS OXT  O N N 80  
CYS H    H N N 81  
CYS H2   H N N 82  
CYS HA   H N N 83  
CYS HB2  H N N 84  
CYS HB3  H N N 85  
CYS HG   H N N 86  
CYS HXT  H N N 87  
GLN N    N N N 88  
GLN CA   C N S 89  
GLN C    C N N 90  
GLN O    O N N 91  
GLN CB   C N N 92  
GLN CG   C N N 93  
GLN CD   C N N 94  
GLN OE1  O N N 95  
GLN NE2  N N N 96  
GLN OXT  O N N 97  
GLN H    H N N 98  
GLN H2   H N N 99  
GLN HA   H N N 100 
GLN HB2  H N N 101 
GLN HB3  H N N 102 
GLN HG2  H N N 103 
GLN HG3  H N N 104 
GLN HE21 H N N 105 
GLN HE22 H N N 106 
GLN HXT  H N N 107 
GLU N    N N N 108 
GLU CA   C N S 109 
GLU C    C N N 110 
GLU O    O N N 111 
GLU CB   C N N 112 
GLU CG   C N N 113 
GLU CD   C N N 114 
GLU OE1  O N N 115 
GLU OE2  O N N 116 
GLU OXT  O N N 117 
GLU H    H N N 118 
GLU H2   H N N 119 
GLU HA   H N N 120 
GLU HB2  H N N 121 
GLU HB3  H N N 122 
GLU HG2  H N N 123 
GLU HG3  H N N 124 
GLU HE2  H N N 125 
GLU HXT  H N N 126 
GLY N    N N N 127 
GLY CA   C N N 128 
GLY C    C N N 129 
GLY O    O N N 130 
GLY OXT  O N N 131 
GLY H    H N N 132 
GLY H2   H N N 133 
GLY HA2  H N N 134 
GLY HA3  H N N 135 
GLY HXT  H N N 136 
HIS N    N N N 137 
HIS CA   C N S 138 
HIS C    C N N 139 
HIS O    O N N 140 
HIS CB   C N N 141 
HIS CG   C Y N 142 
HIS ND1  N Y N 143 
HIS CD2  C Y N 144 
HIS CE1  C Y N 145 
HIS NE2  N Y N 146 
HIS OXT  O N N 147 
HIS H    H N N 148 
HIS H2   H N N 149 
HIS HA   H N N 150 
HIS HB2  H N N 151 
HIS HB3  H N N 152 
HIS HD1  H N N 153 
HIS HD2  H N N 154 
HIS HE1  H N N 155 
HIS HE2  H N N 156 
HIS HXT  H N N 157 
HOH O    O N N 158 
HOH H1   H N N 159 
HOH H2   H N N 160 
ILE N    N N N 161 
ILE CA   C N S 162 
ILE C    C N N 163 
ILE O    O N N 164 
ILE CB   C N S 165 
ILE CG1  C N N 166 
ILE CG2  C N N 167 
ILE CD1  C N N 168 
ILE OXT  O N N 169 
ILE H    H N N 170 
ILE H2   H N N 171 
ILE HA   H N N 172 
ILE HB   H N N 173 
ILE HG12 H N N 174 
ILE HG13 H N N 175 
ILE HG21 H N N 176 
ILE HG22 H N N 177 
ILE HG23 H N N 178 
ILE HD11 H N N 179 
ILE HD12 H N N 180 
ILE HD13 H N N 181 
ILE HXT  H N N 182 
LEU N    N N N 183 
LEU CA   C N S 184 
LEU C    C N N 185 
LEU O    O N N 186 
LEU CB   C N N 187 
LEU CG   C N N 188 
LEU CD1  C N N 189 
LEU CD2  C N N 190 
LEU OXT  O N N 191 
LEU H    H N N 192 
LEU H2   H N N 193 
LEU HA   H N N 194 
LEU HB2  H N N 195 
LEU HB3  H N N 196 
LEU HG   H N N 197 
LEU HD11 H N N 198 
LEU HD12 H N N 199 
LEU HD13 H N N 200 
LEU HD21 H N N 201 
LEU HD22 H N N 202 
LEU HD23 H N N 203 
LEU HXT  H N N 204 
LYS N    N N N 205 
LYS CA   C N S 206 
LYS C    C N N 207 
LYS O    O N N 208 
LYS CB   C N N 209 
LYS CG   C N N 210 
LYS CD   C N N 211 
LYS CE   C N N 212 
LYS NZ   N N N 213 
LYS OXT  O N N 214 
LYS H    H N N 215 
LYS H2   H N N 216 
LYS HA   H N N 217 
LYS HB2  H N N 218 
LYS HB3  H N N 219 
LYS HG2  H N N 220 
LYS HG3  H N N 221 
LYS HD2  H N N 222 
LYS HD3  H N N 223 
LYS HE2  H N N 224 
LYS HE3  H N N 225 
LYS HZ1  H N N 226 
LYS HZ2  H N N 227 
LYS HZ3  H N N 228 
LYS HXT  H N N 229 
PHE N    N N N 230 
PHE CA   C N S 231 
PHE C    C N N 232 
PHE O    O N N 233 
PHE CB   C N N 234 
PHE CG   C Y N 235 
PHE CD1  C Y N 236 
PHE CD2  C Y N 237 
PHE CE1  C Y N 238 
PHE CE2  C Y N 239 
PHE CZ   C Y N 240 
PHE OXT  O N N 241 
PHE H    H N N 242 
PHE H2   H N N 243 
PHE HA   H N N 244 
PHE HB2  H N N 245 
PHE HB3  H N N 246 
PHE HD1  H N N 247 
PHE HD2  H N N 248 
PHE HE1  H N N 249 
PHE HE2  H N N 250 
PHE HZ   H N N 251 
PHE HXT  H N N 252 
PRO N    N N N 253 
PRO CA   C N S 254 
PRO C    C N N 255 
PRO O    O N N 256 
PRO CB   C N N 257 
PRO CG   C N N 258 
PRO CD   C N N 259 
PRO OXT  O N N 260 
PRO H    H N N 261 
PRO HA   H N N 262 
PRO HB2  H N N 263 
PRO HB3  H N N 264 
PRO HG2  H N N 265 
PRO HG3  H N N 266 
PRO HD2  H N N 267 
PRO HD3  H N N 268 
PRO HXT  H N N 269 
SER N    N N N 270 
SER CA   C N S 271 
SER C    C N N 272 
SER O    O N N 273 
SER CB   C N N 274 
SER OG   O N N 275 
SER OXT  O N N 276 
SER H    H N N 277 
SER H2   H N N 278 
SER HA   H N N 279 
SER HB2  H N N 280 
SER HB3  H N N 281 
SER HG   H N N 282 
SER HXT  H N N 283 
THR N    N N N 284 
THR CA   C N S 285 
THR C    C N N 286 
THR O    O N N 287 
THR CB   C N R 288 
THR OG1  O N N 289 
THR CG2  C N N 290 
THR OXT  O N N 291 
THR H    H N N 292 
THR H2   H N N 293 
THR HA   H N N 294 
THR HB   H N N 295 
THR HG1  H N N 296 
THR HG21 H N N 297 
THR HG22 H N N 298 
THR HG23 H N N 299 
THR HXT  H N N 300 
TRP N    N N N 301 
TRP CA   C N S 302 
TRP C    C N N 303 
TRP O    O N N 304 
TRP CB   C N N 305 
TRP CG   C Y N 306 
TRP CD1  C Y N 307 
TRP CD2  C Y N 308 
TRP NE1  N Y N 309 
TRP CE2  C Y N 310 
TRP CE3  C Y N 311 
TRP CZ2  C Y N 312 
TRP CZ3  C Y N 313 
TRP CH2  C Y N 314 
TRP OXT  O N N 315 
TRP H    H N N 316 
TRP H2   H N N 317 
TRP HA   H N N 318 
TRP HB2  H N N 319 
TRP HB3  H N N 320 
TRP HD1  H N N 321 
TRP HE1  H N N 322 
TRP HE3  H N N 323 
TRP HZ2  H N N 324 
TRP HZ3  H N N 325 
TRP HH2  H N N 326 
TRP HXT  H N N 327 
TYR N    N N N 328 
TYR CA   C N S 329 
TYR C    C N N 330 
TYR O    O N N 331 
TYR CB   C N N 332 
TYR CG   C Y N 333 
TYR CD1  C Y N 334 
TYR CD2  C Y N 335 
TYR CE1  C Y N 336 
TYR CE2  C Y N 337 
TYR CZ   C Y N 338 
TYR OH   O N N 339 
TYR OXT  O N N 340 
TYR H    H N N 341 
TYR H2   H N N 342 
TYR HA   H N N 343 
TYR HB2  H N N 344 
TYR HB3  H N N 345 
TYR HD1  H N N 346 
TYR HD2  H N N 347 
TYR HE1  H N N 348 
TYR HE2  H N N 349 
TYR HH   H N N 350 
TYR HXT  H N N 351 
VAL N    N N N 352 
VAL CA   C N S 353 
VAL C    C N N 354 
VAL O    O N N 355 
VAL CB   C N N 356 
VAL CG1  C N N 357 
VAL CG2  C N N 358 
VAL OXT  O N N 359 
VAL H    H N N 360 
VAL H2   H N N 361 
VAL HA   H N N 362 
VAL HB   H N N 363 
VAL HG11 H N N 364 
VAL HG12 H N N 365 
VAL HG13 H N N 366 
VAL HG21 H N N 367 
VAL HG22 H N N 368 
VAL HG23 H N N 369 
VAL HXT  H N N 370 
# 
loop_
_chem_comp_bond.comp_id 
_chem_comp_bond.atom_id_1 
_chem_comp_bond.atom_id_2 
_chem_comp_bond.value_order 
_chem_comp_bond.pdbx_aromatic_flag 
_chem_comp_bond.pdbx_stereo_config 
_chem_comp_bond.pdbx_ordinal 
ALA N   CA   sing N N 1   
ALA N   H    sing N N 2   
ALA N   H2   sing N N 3   
ALA CA  C    sing N N 4   
ALA CA  CB   sing N N 5   
ALA CA  HA   sing N N 6   
ALA C   O    doub N N 7   
ALA C   OXT  sing N N 8   
ALA CB  HB1  sing N N 9   
ALA CB  HB2  sing N N 10  
ALA CB  HB3  sing N N 11  
ALA OXT HXT  sing N N 12  
ARG N   CA   sing N N 13  
ARG N   H    sing N N 14  
ARG N   H2   sing N N 15  
ARG CA  C    sing N N 16  
ARG CA  CB   sing N N 17  
ARG CA  HA   sing N N 18  
ARG C   O    doub N N 19  
ARG C   OXT  sing N N 20  
ARG CB  CG   sing N N 21  
ARG CB  HB2  sing N N 22  
ARG CB  HB3  sing N N 23  
ARG CG  CD   sing N N 24  
ARG CG  HG2  sing N N 25  
ARG CG  HG3  sing N N 26  
ARG CD  NE   sing N N 27  
ARG CD  HD2  sing N N 28  
ARG CD  HD3  sing N N 29  
ARG NE  CZ   sing N N 30  
ARG NE  HE   sing N N 31  
ARG CZ  NH1  sing N N 32  
ARG CZ  NH2  doub N N 33  
ARG NH1 HH11 sing N N 34  
ARG NH1 HH12 sing N N 35  
ARG NH2 HH21 sing N N 36  
ARG NH2 HH22 sing N N 37  
ARG OXT HXT  sing N N 38  
ASN N   CA   sing N N 39  
ASN N   H    sing N N 40  
ASN N   H2   sing N N 41  
ASN CA  C    sing N N 42  
ASN CA  CB   sing N N 43  
ASN CA  HA   sing N N 44  
ASN C   O    doub N N 45  
ASN C   OXT  sing N N 46  
ASN CB  CG   sing N N 47  
ASN CB  HB2  sing N N 48  
ASN CB  HB3  sing N N 49  
ASN CG  OD1  doub N N 50  
ASN CG  ND2  sing N N 51  
ASN ND2 HD21 sing N N 52  
ASN ND2 HD22 sing N N 53  
ASN OXT HXT  sing N N 54  
ASP N   CA   sing N N 55  
ASP N   H    sing N N 56  
ASP N   H2   sing N N 57  
ASP CA  C    sing N N 58  
ASP CA  CB   sing N N 59  
ASP CA  HA   sing N N 60  
ASP C   O    doub N N 61  
ASP C   OXT  sing N N 62  
ASP CB  CG   sing N N 63  
ASP CB  HB2  sing N N 64  
ASP CB  HB3  sing N N 65  
ASP CG  OD1  doub N N 66  
ASP CG  OD2  sing N N 67  
ASP OD2 HD2  sing N N 68  
ASP OXT HXT  sing N N 69  
CYS N   CA   sing N N 70  
CYS N   H    sing N N 71  
CYS N   H2   sing N N 72  
CYS CA  C    sing N N 73  
CYS CA  CB   sing N N 74  
CYS CA  HA   sing N N 75  
CYS C   O    doub N N 76  
CYS C   OXT  sing N N 77  
CYS CB  SG   sing N N 78  
CYS CB  HB2  sing N N 79  
CYS CB  HB3  sing N N 80  
CYS SG  HG   sing N N 81  
CYS OXT HXT  sing N N 82  
GLN N   CA   sing N N 83  
GLN N   H    sing N N 84  
GLN N   H2   sing N N 85  
GLN CA  C    sing N N 86  
GLN CA  CB   sing N N 87  
GLN CA  HA   sing N N 88  
GLN C   O    doub N N 89  
GLN C   OXT  sing N N 90  
GLN CB  CG   sing N N 91  
GLN CB  HB2  sing N N 92  
GLN CB  HB3  sing N N 93  
GLN CG  CD   sing N N 94  
GLN CG  HG2  sing N N 95  
GLN CG  HG3  sing N N 96  
GLN CD  OE1  doub N N 97  
GLN CD  NE2  sing N N 98  
GLN NE2 HE21 sing N N 99  
GLN NE2 HE22 sing N N 100 
GLN OXT HXT  sing N N 101 
GLU N   CA   sing N N 102 
GLU N   H    sing N N 103 
GLU N   H2   sing N N 104 
GLU CA  C    sing N N 105 
GLU CA  CB   sing N N 106 
GLU CA  HA   sing N N 107 
GLU C   O    doub N N 108 
GLU C   OXT  sing N N 109 
GLU CB  CG   sing N N 110 
GLU CB  HB2  sing N N 111 
GLU CB  HB3  sing N N 112 
GLU CG  CD   sing N N 113 
GLU CG  HG2  sing N N 114 
GLU CG  HG3  sing N N 115 
GLU CD  OE1  doub N N 116 
GLU CD  OE2  sing N N 117 
GLU OE2 HE2  sing N N 118 
GLU OXT HXT  sing N N 119 
GLY N   CA   sing N N 120 
GLY N   H    sing N N 121 
GLY N   H2   sing N N 122 
GLY CA  C    sing N N 123 
GLY CA  HA2  sing N N 124 
GLY CA  HA3  sing N N 125 
GLY C   O    doub N N 126 
GLY C   OXT  sing N N 127 
GLY OXT HXT  sing N N 128 
HIS N   CA   sing N N 129 
HIS N   H    sing N N 130 
HIS N   H2   sing N N 131 
HIS CA  C    sing N N 132 
HIS CA  CB   sing N N 133 
HIS CA  HA   sing N N 134 
HIS C   O    doub N N 135 
HIS C   OXT  sing N N 136 
HIS CB  CG   sing N N 137 
HIS CB  HB2  sing N N 138 
HIS CB  HB3  sing N N 139 
HIS CG  ND1  sing Y N 140 
HIS CG  CD2  doub Y N 141 
HIS ND1 CE1  doub Y N 142 
HIS ND1 HD1  sing N N 143 
HIS CD2 NE2  sing Y N 144 
HIS CD2 HD2  sing N N 145 
HIS CE1 NE2  sing Y N 146 
HIS CE1 HE1  sing N N 147 
HIS NE2 HE2  sing N N 148 
HIS OXT HXT  sing N N 149 
HOH O   H1   sing N N 150 
HOH O   H2   sing N N 151 
ILE N   CA   sing N N 152 
ILE N   H    sing N N 153 
ILE N   H2   sing N N 154 
ILE CA  C    sing N N 155 
ILE CA  CB   sing N N 156 
ILE CA  HA   sing N N 157 
ILE C   O    doub N N 158 
ILE C   OXT  sing N N 159 
ILE CB  CG1  sing N N 160 
ILE CB  CG2  sing N N 161 
ILE CB  HB   sing N N 162 
ILE CG1 CD1  sing N N 163 
ILE CG1 HG12 sing N N 164 
ILE CG1 HG13 sing N N 165 
ILE CG2 HG21 sing N N 166 
ILE CG2 HG22 sing N N 167 
ILE CG2 HG23 sing N N 168 
ILE CD1 HD11 sing N N 169 
ILE CD1 HD12 sing N N 170 
ILE CD1 HD13 sing N N 171 
ILE OXT HXT  sing N N 172 
LEU N   CA   sing N N 173 
LEU N   H    sing N N 174 
LEU N   H2   sing N N 175 
LEU CA  C    sing N N 176 
LEU CA  CB   sing N N 177 
LEU CA  HA   sing N N 178 
LEU C   O    doub N N 179 
LEU C   OXT  sing N N 180 
LEU CB  CG   sing N N 181 
LEU CB  HB2  sing N N 182 
LEU CB  HB3  sing N N 183 
LEU CG  CD1  sing N N 184 
LEU CG  CD2  sing N N 185 
LEU CG  HG   sing N N 186 
LEU CD1 HD11 sing N N 187 
LEU CD1 HD12 sing N N 188 
LEU CD1 HD13 sing N N 189 
LEU CD2 HD21 sing N N 190 
LEU CD2 HD22 sing N N 191 
LEU CD2 HD23 sing N N 192 
LEU OXT HXT  sing N N 193 
LYS N   CA   sing N N 194 
LYS N   H    sing N N 195 
LYS N   H2   sing N N 196 
LYS CA  C    sing N N 197 
LYS CA  CB   sing N N 198 
LYS CA  HA   sing N N 199 
LYS C   O    doub N N 200 
LYS C   OXT  sing N N 201 
LYS CB  CG   sing N N 202 
LYS CB  HB2  sing N N 203 
LYS CB  HB3  sing N N 204 
LYS CG  CD   sing N N 205 
LYS CG  HG2  sing N N 206 
LYS CG  HG3  sing N N 207 
LYS CD  CE   sing N N 208 
LYS CD  HD2  sing N N 209 
LYS CD  HD3  sing N N 210 
LYS CE  NZ   sing N N 211 
LYS CE  HE2  sing N N 212 
LYS CE  HE3  sing N N 213 
LYS NZ  HZ1  sing N N 214 
LYS NZ  HZ2  sing N N 215 
LYS NZ  HZ3  sing N N 216 
LYS OXT HXT  sing N N 217 
PHE N   CA   sing N N 218 
PHE N   H    sing N N 219 
PHE N   H2   sing N N 220 
PHE CA  C    sing N N 221 
PHE CA  CB   sing N N 222 
PHE CA  HA   sing N N 223 
PHE C   O    doub N N 224 
PHE C   OXT  sing N N 225 
PHE CB  CG   sing N N 226 
PHE CB  HB2  sing N N 227 
PHE CB  HB3  sing N N 228 
PHE CG  CD1  doub Y N 229 
PHE CG  CD2  sing Y N 230 
PHE CD1 CE1  sing Y N 231 
PHE CD1 HD1  sing N N 232 
PHE CD2 CE2  doub Y N 233 
PHE CD2 HD2  sing N N 234 
PHE CE1 CZ   doub Y N 235 
PHE CE1 HE1  sing N N 236 
PHE CE2 CZ   sing Y N 237 
PHE CE2 HE2  sing N N 238 
PHE CZ  HZ   sing N N 239 
PHE OXT HXT  sing N N 240 
PRO N   CA   sing N N 241 
PRO N   CD   sing N N 242 
PRO N   H    sing N N 243 
PRO CA  C    sing N N 244 
PRO CA  CB   sing N N 245 
PRO CA  HA   sing N N 246 
PRO C   O    doub N N 247 
PRO C   OXT  sing N N 248 
PRO CB  CG   sing N N 249 
PRO CB  HB2  sing N N 250 
PRO CB  HB3  sing N N 251 
PRO CG  CD   sing N N 252 
PRO CG  HG2  sing N N 253 
PRO CG  HG3  sing N N 254 
PRO CD  HD2  sing N N 255 
PRO CD  HD3  sing N N 256 
PRO OXT HXT  sing N N 257 
SER N   CA   sing N N 258 
SER N   H    sing N N 259 
SER N   H2   sing N N 260 
SER CA  C    sing N N 261 
SER CA  CB   sing N N 262 
SER CA  HA   sing N N 263 
SER C   O    doub N N 264 
SER C   OXT  sing N N 265 
SER CB  OG   sing N N 266 
SER CB  HB2  sing N N 267 
SER CB  HB3  sing N N 268 
SER OG  HG   sing N N 269 
SER OXT HXT  sing N N 270 
THR N   CA   sing N N 271 
THR N   H    sing N N 272 
THR N   H2   sing N N 273 
THR CA  C    sing N N 274 
THR CA  CB   sing N N 275 
THR CA  HA   sing N N 276 
THR C   O    doub N N 277 
THR C   OXT  sing N N 278 
THR CB  OG1  sing N N 279 
THR CB  CG2  sing N N 280 
THR CB  HB   sing N N 281 
THR OG1 HG1  sing N N 282 
THR CG2 HG21 sing N N 283 
THR CG2 HG22 sing N N 284 
THR CG2 HG23 sing N N 285 
THR OXT HXT  sing N N 286 
TRP N   CA   sing N N 287 
TRP N   H    sing N N 288 
TRP N   H2   sing N N 289 
TRP CA  C    sing N N 290 
TRP CA  CB   sing N N 291 
TRP CA  HA   sing N N 292 
TRP C   O    doub N N 293 
TRP C   OXT  sing N N 294 
TRP CB  CG   sing N N 295 
TRP CB  HB2  sing N N 296 
TRP CB  HB3  sing N N 297 
TRP CG  CD1  doub Y N 298 
TRP CG  CD2  sing Y N 299 
TRP CD1 NE1  sing Y N 300 
TRP CD1 HD1  sing N N 301 
TRP CD2 CE2  doub Y N 302 
TRP CD2 CE3  sing Y N 303 
TRP NE1 CE2  sing Y N 304 
TRP NE1 HE1  sing N N 305 
TRP CE2 CZ2  sing Y N 306 
TRP CE3 CZ3  doub Y N 307 
TRP CE3 HE3  sing N N 308 
TRP CZ2 CH2  doub Y N 309 
TRP CZ2 HZ2  sing N N 310 
TRP CZ3 CH2  sing Y N 311 
TRP CZ3 HZ3  sing N N 312 
TRP CH2 HH2  sing N N 313 
TRP OXT HXT  sing N N 314 
TYR N   CA   sing N N 315 
TYR N   H    sing N N 316 
TYR N   H2   sing N N 317 
TYR CA  C    sing N N 318 
TYR CA  CB   sing N N 319 
TYR CA  HA   sing N N 320 
TYR C   O    doub N N 321 
TYR C   OXT  sing N N 322 
TYR CB  CG   sing N N 323 
TYR CB  HB2  sing N N 324 
TYR CB  HB3  sing N N 325 
TYR CG  CD1  doub Y N 326 
TYR CG  CD2  sing Y N 327 
TYR CD1 CE1  sing Y N 328 
TYR CD1 HD1  sing N N 329 
TYR CD2 CE2  doub Y N 330 
TYR CD2 HD2  sing N N 331 
TYR CE1 CZ   doub Y N 332 
TYR CE1 HE1  sing N N 333 
TYR CE2 CZ   sing Y N 334 
TYR CE2 HE2  sing N N 335 
TYR CZ  OH   sing N N 336 
TYR OH  HH   sing N N 337 
TYR OXT HXT  sing N N 338 
VAL N   CA   sing N N 339 
VAL N   H    sing N N 340 
VAL N   H2   sing N N 341 
VAL CA  C    sing N N 342 
VAL CA  CB   sing N N 343 
VAL CA  HA   sing N N 344 
VAL C   O    doub N N 345 
VAL C   OXT  sing N N 346 
VAL CB  CG1  sing N N 347 
VAL CB  CG2  sing N N 348 
VAL CB  HB   sing N N 349 
VAL CG1 HG11 sing N N 350 
VAL CG1 HG12 sing N N 351 
VAL CG1 HG13 sing N N 352 
VAL CG2 HG21 sing N N 353 
VAL CG2 HG22 sing N N 354 
VAL CG2 HG23 sing N N 355 
VAL OXT HXT  sing N N 356 
# 
_atom_sites.entry_id                    2JA4 
_atom_sites.fract_transf_matrix[1][1]   0.00301522 
_atom_sites.fract_transf_matrix[1][2]   -0.01808973 
_atom_sites.fract_transf_matrix[1][3]   -0.00056975 
_atom_sites.fract_transf_matrix[2][1]   0.01208544 
_atom_sites.fract_transf_matrix[2][2]   -0.00765301 
_atom_sites.fract_transf_matrix[2][3]   0.01149171 
_atom_sites.fract_transf_matrix[3][1]   -0.01003174 
_atom_sites.fract_transf_matrix[3][2]   -0.00196320 
_atom_sites.fract_transf_matrix[3][3]   0.00924262 
_atom_sites.fract_transf_vector[1]      0.384066 
_atom_sites.fract_transf_vector[2]      0.612685 
_atom_sites.fract_transf_vector[3]      0.091485 
# 
loop_
_atom_type.symbol 
C 
N 
O 
S 
# 
loop_
_atom_site.group_PDB 
_atom_site.id 
_atom_site.type_symbol 
_atom_site.label_atom_id 
_atom_site.label_alt_id 
_atom_site.label_comp_id 
_atom_site.label_asym_id 
_atom_site.label_entity_id 
_atom_site.label_seq_id 
_atom_site.pdbx_PDB_ins_code 
_atom_site.Cartn_x 
_atom_site.Cartn_y 
_atom_site.Cartn_z 
_atom_site.occupancy 
_atom_site.B_iso_or_equiv 
_atom_site.pdbx_formal_charge 
_atom_site.auth_seq_id 
_atom_site.auth_comp_id 
_atom_site.auth_asym_id 
_atom_site.auth_atom_id 
_atom_site.pdbx_PDB_model_num 
ATOM   1   N N   . ALA A 1 1   ? 2.824   21.739  11.190  1.00 74.65 ? 269  ALA A N   1 
ATOM   2   C CA  . ALA A 1 1   ? 2.660   20.433  10.462  1.00 73.57 ? 269  ALA A CA  1 
ATOM   3   C C   . ALA A 1 1   ? 1.373   20.280  9.604   1.00 72.77 ? 269  ALA A C   1 
ATOM   4   O O   . ALA A 1 1   ? 1.197   20.971  8.562   1.00 73.45 ? 269  ALA A O   1 
ATOM   5   C CB  . ALA A 1 1   ? 2.807   19.261  11.443  1.00 74.60 ? 269  ALA A CB  1 
ATOM   6   N N   . PHE A 1 2   ? 0.500   19.353  10.030  1.00 67.13 ? 270  PHE A N   1 
ATOM   7   C CA  . PHE A 1 2   ? -0.902  19.293  9.585   1.00 58.32 ? 270  PHE A CA  1 
ATOM   8   C C   . PHE A 1 2   ? -1.106  18.937  8.091   1.00 54.38 ? 270  PHE A C   1 
ATOM   9   O O   . PHE A 1 2   ? -2.206  19.056  7.551   1.00 48.82 ? 270  PHE A O   1 
ATOM   10  C CB  . PHE A 1 2   ? -1.593  20.613  9.955   1.00 56.87 ? 270  PHE A CB  1 
ATOM   11  C CG  . PHE A 1 2   ? -1.674  20.876  11.477  1.00 62.41 ? 270  PHE A CG  1 
ATOM   12  C CD1 . PHE A 1 2   ? -2.123  19.881  12.357  1.00 58.10 ? 270  PHE A CD1 1 
ATOM   13  C CD2 . PHE A 1 2   ? -1.331  22.131  12.016  1.00 64.87 ? 270  PHE A CD2 1 
ATOM   14  C CE1 . PHE A 1 2   ? -2.233  20.116  13.745  1.00 62.04 ? 270  PHE A CE1 1 
ATOM   15  C CE2 . PHE A 1 2   ? -1.422  22.392  13.415  1.00 60.09 ? 270  PHE A CE2 1 
ATOM   16  C CZ  . PHE A 1 2   ? -1.872  21.372  14.275  1.00 61.01 ? 270  PHE A CZ  1 
ATOM   17  N N   . GLN A 1 3   ? -0.072  18.516  7.370   1.00 52.15 ? 271  GLN A N   1 
ATOM   18  C CA  . GLN A 1 3   ? -0.340  18.254  5.942   1.00 55.85 ? 271  GLN A CA  1 
ATOM   19  C C   . GLN A 1 3   ? -1.258  17.037  5.677   1.00 52.57 ? 271  GLN A C   1 
ATOM   20  O O   . GLN A 1 3   ? -1.302  16.089  6.459   1.00 48.82 ? 271  GLN A O   1 
ATOM   21  C CB  . GLN A 1 3   ? 0.945   18.149  5.112   1.00 57.70 ? 271  GLN A CB  1 
ATOM   22  C CG  . GLN A 1 3   ? 2.033   19.153  5.422   1.00 66.11 ? 271  GLN A CG  1 
ATOM   23  C CD  . GLN A 1 3   ? 3.413   18.541  5.169   1.00 82.05 ? 271  GLN A CD  1 
ATOM   24  O OE1 . GLN A 1 3   ? 4.146   18.213  6.115   1.00 84.25 ? 271  GLN A OE1 1 
ATOM   25  N NE2 . GLN A 1 3   ? 3.753   18.339  3.886   1.00 78.44 ? 271  GLN A NE2 1 
ATOM   26  N N   . PRO A 1 4   ? -2.019  17.077  4.577   1.00 54.53 ? 272  PRO A N   1 
ATOM   27  C CA  . PRO A 1 4   ? -2.948  16.015  4.233   1.00 53.44 ? 272  PRO A CA  1 
ATOM   28  C C   . PRO A 1 4   ? -2.341  14.640  4.220   1.00 50.49 ? 272  PRO A C   1 
ATOM   29  O O   . PRO A 1 4   ? -1.122  14.461  4.118   1.00 53.55 ? 272  PRO A O   1 
ATOM   30  C CB  . PRO A 1 4   ? -3.455  16.420  2.841   1.00 52.99 ? 272  PRO A CB  1 
ATOM   31  C CG  . PRO A 1 4   ? -3.433  17.864  2.886   1.00 55.32 ? 272  PRO A CG  1 
ATOM   32  C CD  . PRO A 1 4   ? -2.107  18.176  3.597   1.00 57.87 ? 272  PRO A CD  1 
ATOM   33  N N   . LYS A 1 5   ? -3.219  13.665  4.349   1.00 51.36 ? 273  LYS A N   1 
ATOM   34  C CA  . LYS A 1 5   ? -2.823  12.357  4.822   1.00 53.70 ? 273  LYS A CA  1 
ATOM   35  C C   . LYS A 1 5   ? -2.989  11.433  3.631   1.00 48.13 ? 273  LYS A C   1 
ATOM   36  O O   . LYS A 1 5   ? -4.054  11.432  3.042   1.00 42.60 ? 273  LYS A O   1 
ATOM   37  C CB  . LYS A 1 5   ? -3.734  11.919  5.994   1.00 57.23 ? 273  LYS A CB  1 
ATOM   38  C CG  . LYS A 1 5   ? -3.162  12.302  7.364   1.00 67.95 ? 273  LYS A CG  1 
ATOM   39  C CD  . LYS A 1 5   ? -1.653  12.715  7.244   1.00 76.46 ? 273  LYS A CD  1 
ATOM   40  C CE  . LYS A 1 5   ? -0.847  12.563  8.568   1.00 77.36 ? 273  LYS A CE  1 
ATOM   41  N NZ  . LYS A 1 5   ? 0.406   11.748  8.364   1.00 68.21 ? 273  LYS A NZ  1 
ATOM   42  N N   . VAL A 1 6   ? -1.988  10.617  3.301   1.00 44.66 ? 274  VAL A N   1 
ATOM   43  C CA  . VAL A 1 6   ? -2.278  9.514   2.399   1.00 41.39 ? 274  VAL A CA  1 
ATOM   44  C C   . VAL A 1 6   ? -3.185  8.523   3.140   1.00 41.10 ? 274  VAL A C   1 
ATOM   45  O O   . VAL A 1 6   ? -2.838  8.074   4.257   1.00 39.12 ? 274  VAL A O   1 
ATOM   46  C CB  . VAL A 1 6   ? -0.996  8.817   1.900   1.00 43.06 ? 274  VAL A CB  1 
ATOM   47  C CG1 . VAL A 1 6   ? -1.401  7.571   1.093   1.00 41.49 ? 274  VAL A CG1 1 
ATOM   48  C CG2 . VAL A 1 6   ? -0.171  9.760   0.976   1.00 40.51 ? 274  VAL A CG2 1 
ATOM   49  N N   . GLN A 1 7   ? -4.340  8.210   2.551   1.00 32.52 ? 275  GLN A N   1 
ATOM   50  C CA  . GLN A 1 7   ? -5.206  7.149   3.087   1.00 37.08 ? 275  GLN A CA  1 
ATOM   51  C C   . GLN A 1 7   ? -4.906  5.807   2.440   1.00 36.85 ? 275  GLN A C   1 
ATOM   52  O O   . GLN A 1 7   ? -4.531  5.806   1.279   1.00 32.13 ? 275  GLN A O   1 
ATOM   53  C CB  . GLN A 1 7   ? -6.668  7.359   2.678   1.00 37.65 ? 275  GLN A CB  1 
ATOM   54  C CG  . GLN A 1 7   ? -7.425  8.424   3.395   1.00 52.04 ? 275  GLN A CG  1 
ATOM   55  C CD  . GLN A 1 7   ? -8.707  8.704   2.598   1.00 66.08 ? 275  GLN A CD  1 
ATOM   56  O OE1 . GLN A 1 7   ? -8.736  9.542   1.675   1.00 66.25 ? 275  GLN A OE1 1 
ATOM   57  N NE2 . GLN A 1 7   ? -9.738  7.916   2.888   1.00 55.64 ? 275  GLN A NE2 1 
ATOM   58  N N   . SER A 1 8   ? -5.220  4.693   3.128   1.00 31.52 ? 276  SER A N   1 
ATOM   59  C CA  . SER A 1 8   ? -4.981  3.330   2.625   1.00 34.71 ? 276  SER A CA  1 
ATOM   60  C C   . SER A 1 8   ? -6.171  2.446   2.900   1.00 35.49 ? 276  SER A C   1 
ATOM   61  O O   . SER A 1 8   ? -6.953  2.736   3.810   1.00 35.30 ? 276  SER A O   1 
ATOM   62  C CB  . SER A 1 8   ? -3.704  2.702   3.235   1.00 31.21 ? 276  SER A CB  1 
ATOM   63  O OG  . SER A 1 8   ? -3.775  2.540   4.667   1.00 35.74 ? 276  SER A OG  1 
ATOM   64  N N   . ARG A 1 9   ? -6.316  1.384   2.111   1.00 34.50 ? 277  ARG A N   1 
ATOM   65  C CA  . ARG A 1 9   ? -7.338  0.368   2.357   1.00 33.33 ? 277  ARG A CA  1 
ATOM   66  C C   . ARG A 1 9   ? -6.877  -0.939  1.672   1.00 35.30 ? 277  ARG A C   1 
ATOM   67  O O   . ARG A 1 9   ? -5.961  -0.891  0.835   1.00 30.11 ? 277  ARG A O   1 
ATOM   68  C CB  . ARG A 1 9   ? -8.678  0.843   1.787   1.00 34.56 ? 277  ARG A CB  1 
ATOM   69  C CG  . ARG A 1 9   ? -8.808  0.606   0.261   1.00 35.17 ? 277  ARG A CG  1 
ATOM   70  C CD  . ARG A 1 9   ? -10.053 1.269   -0.320  1.00 35.96 ? 277  ARG A CD  1 
ATOM   71  N NE  . ARG A 1 9   ? -10.156 1.122   -1.777  1.00 41.69 ? 277  ARG A NE  1 
ATOM   72  C CZ  . ARG A 1 9   ? -11.232 1.484   -2.494  1.00 43.48 ? 277  ARG A CZ  1 
ATOM   73  N NH1 . ARG A 1 9   ? -12.257 2.050   -1.889  1.00 39.00 ? 277  ARG A NH1 1 
ATOM   74  N NH2 . ARG A 1 9   ? -11.283 1.325   -3.814  1.00 39.73 ? 277  ARG A NH2 1 
ATOM   75  N N   . LEU A 1 10  ? -7.556  -2.052  1.965   1.00 31.49 ? 278  LEU A N   1 
ATOM   76  C CA  . LEU A 1 10  ? -7.163  -3.413  1.570   1.00 35.68 ? 278  LEU A CA  1 
ATOM   77  C C   . LEU A 1 10  ? -8.334  -3.934  0.746   1.00 36.05 ? 278  LEU A C   1 
ATOM   78  O O   . LEU A 1 10  ? -9.451  -3.829  1.214   1.00 36.34 ? 278  LEU A O   1 
ATOM   79  C CB  . LEU A 1 10  ? -7.080  -4.308  2.802   1.00 34.00 ? 278  LEU A CB  1 
ATOM   80  C CG  . LEU A 1 10  ? -5.872  -3.950  3.655   1.00 36.51 ? 278  LEU A CG  1 
ATOM   81  C CD1 . LEU A 1 10  ? -5.709  -4.942  4.788   1.00 35.36 ? 278  LEU A CD1 1 
ATOM   82  C CD2 . LEU A 1 10  ? -4.546  -3.785  2.856   1.00 28.87 ? 278  LEU A CD2 1 
ATOM   83  N N   . VAL A 1 11  ? -8.140  -4.401  -0.498  1.00 35.20 ? 279  VAL A N   1 
ATOM   84  C CA  . VAL A 1 11  ? -9.330  -4.799  -1.254  1.00 32.45 ? 279  VAL A CA  1 
ATOM   85  C C   . VAL A 1 11  ? -9.201  -6.243  -1.665  1.00 34.70 ? 279  VAL A C   1 
ATOM   86  O O   . VAL A 1 11  ? -8.054  -6.712  -1.787  1.00 32.29 ? 279  VAL A O   1 
ATOM   87  C CB  . VAL A 1 11  ? -9.602  -3.958  -2.523  1.00 33.79 ? 279  VAL A CB  1 
ATOM   88  C CG1 . VAL A 1 11  ? -9.711  -2.447  -2.154  1.00 35.50 ? 279  VAL A CG1 1 
ATOM   89  C CG2 . VAL A 1 11  ? -8.474  -4.207  -3.549  1.00 30.17 ? 279  VAL A CG2 1 
ATOM   90  N N   . GLY A 1 12  ? -10.354 -6.908  -1.869  1.00 33.57 ? 280  GLY A N   1 
ATOM   91  C CA  . GLY A 1 12  ? -10.404 -8.294  -2.358  1.00 35.76 ? 280  GLY A CA  1 
ATOM   92  C C   . GLY A 1 12  ? -10.024 -9.318  -1.296  1.00 41.99 ? 280  GLY A C   1 
ATOM   93  O O   . GLY A 1 12  ? -9.736  -10.472 -1.609  1.00 51.01 ? 280  GLY A O   1 
ATOM   94  N N   . GLY A 1 13  ? -9.920  -8.928  -0.038  1.00 42.31 ? 281  GLY A N   1 
ATOM   95  C CA  . GLY A 1 13  ? -9.559  -9.942  0.980   1.00 51.15 ? 281  GLY A CA  1 
ATOM   96  C C   . GLY A 1 13  ? -10.635 -11.034 1.068   1.00 56.80 ? 281  GLY A C   1 
ATOM   97  O O   . GLY A 1 13  ? -11.810 -10.804 0.713   1.00 55.09 ? 281  GLY A O   1 
ATOM   98  N N   . SER A 1 14  ? -10.258 -12.218 1.548   1.00 58.34 ? 282  SER A N   1 
ATOM   99  C CA  . SER A 1 14  ? -11.261 -13.110 2.142   1.00 62.58 ? 282  SER A CA  1 
ATOM   100 C C   . SER A 1 14  ? -11.777 -12.659 3.517   1.00 61.37 ? 282  SER A C   1 
ATOM   101 O O   . SER A 1 14  ? -12.606 -13.328 4.096   1.00 59.96 ? 282  SER A O   1 
ATOM   102 C CB  . SER A 1 14  ? -10.809 -14.580 2.119   1.00 62.44 ? 282  SER A CB  1 
ATOM   103 O OG  . SER A 1 14  ? -9.846  -14.862 3.125   1.00 68.00 ? 282  SER A OG  1 
ATOM   104 N N   . SER A 1 15  ? -11.276 -11.529 4.018   1.00 62.62 ? 283  SER A N   1 
ATOM   105 C CA  . SER A 1 15  ? -11.868 -10.749 5.119   1.00 61.32 ? 283  SER A CA  1 
ATOM   106 C C   . SER A 1 15  ? -11.520 -9.243  5.013   1.00 61.23 ? 283  SER A C   1 
ATOM   107 O O   . SER A 1 15  ? -10.776 -8.812  4.100   1.00 55.41 ? 283  SER A O   1 
ATOM   108 C CB  . SER A 1 15  ? -11.373 -11.276 6.471   1.00 63.12 ? 283  SER A CB  1 
ATOM   109 O OG  . SER A 1 15  ? -9.994  -10.981 6.721   1.00 67.65 ? 283  SER A OG  1 
ATOM   110 N N   . ILE A 1 16  ? -12.028 -8.420  5.933   1.00 57.24 ? 284  ILE A N   1 
ATOM   111 C CA  . ILE A 1 16  ? -11.708 -6.997  5.789   1.00 53.02 ? 284  ILE A CA  1 
ATOM   112 C C   . ILE A 1 16  ? -10.293 -6.629  6.291   1.00 47.91 ? 284  ILE A C   1 
ATOM   113 O O   . ILE A 1 16  ? -9.795  -5.557  5.961   1.00 52.89 ? 284  ILE A O   1 
ATOM   114 C CB  . ILE A 1 16  ? -12.871 -6.039  6.245   1.00 61.48 ? 284  ILE A CB  1 
ATOM   115 C CG1 . ILE A 1 16  ? -12.668 -5.553  7.687   1.00 58.37 ? 284  ILE A CG1 1 
ATOM   116 C CG2 . ILE A 1 16  ? -14.275 -6.764  6.146   1.00 61.15 ? 284  ILE A CG2 1 
ATOM   117 C CD1 . ILE A 1 16  ? -12.994 -6.659  8.648   1.00 69.70 ? 284  ILE A CD1 1 
ATOM   118 N N   . CYS A 1 17  ? -9.624  -7.537  7.006   1.00 40.26 ? 285  CYS A N   1 
ATOM   119 C CA  . CYS A 1 17  ? -8.248  -7.341  7.521   1.00 39.31 ? 285  CYS A CA  1 
ATOM   120 C C   . CYS A 1 17  ? -7.115  -7.907  6.645   1.00 34.35 ? 285  CYS A C   1 
ATOM   121 O O   . CYS A 1 17  ? -5.939  -7.990  7.051   1.00 39.11 ? 285  CYS A O   1 
ATOM   122 C CB  . CYS A 1 17  ? -8.158  -7.744  9.016   1.00 39.85 ? 285  CYS A CB  1 
ATOM   123 S SG  . CYS A 1 17  ? -9.257  -6.525  9.973   1.00 49.74 ? 285  CYS A SG  1 
ATOM   124 N N   . GLU A 1 18  ? -7.456  -8.206  5.402   1.00 33.24 ? 286  GLU A N   1 
ATOM   125 C CA  . GLU A 1 18  ? -6.424  -8.634  4.446   1.00 37.66 ? 286  GLU A CA  1 
ATOM   126 C C   . GLU A 1 18  ? -6.791  -8.188  3.047   1.00 37.06 ? 286  GLU A C   1 
ATOM   127 O O   . GLU A 1 18  ? -7.974  -7.932  2.724   1.00 31.69 ? 286  GLU A O   1 
ATOM   128 C CB  . GLU A 1 18  ? -6.320  -10.164 4.457   1.00 34.72 ? 286  GLU A CB  1 
ATOM   129 C CG  . GLU A 1 18  ? -7.619  -10.855 3.994   1.00 49.11 ? 286  GLU A CG  1 
ATOM   130 C CD  . GLU A 1 18  ? -7.359  -12.275 3.509   1.00 59.51 ? 286  GLU A CD  1 
ATOM   131 O OE1 . GLU A 1 18  ? -6.520  -12.948 4.137   1.00 56.36 ? 286  GLU A OE1 1 
ATOM   132 O OE2 . GLU A 1 18  ? -7.951  -12.707 2.490   1.00 70.48 ? 286  GLU A OE2 1 
ATOM   133 N N   . GLY A 1 19  ? -5.788  -8.090  2.181   1.00 36.18 ? 287  GLY A N   1 
ATOM   134 C CA  . GLY A 1 19  ? -6.203  -7.731  0.807   1.00 31.40 ? 287  GLY A CA  1 
ATOM   135 C C   . GLY A 1 19  ? -5.081  -6.941  0.130   1.00 30.04 ? 287  GLY A C   1 
ATOM   136 O O   . GLY A 1 19  ? -4.000  -6.760  0.674   1.00 29.91 ? 287  GLY A O   1 
ATOM   137 N N   . THR A 1 20  ? -5.328  -6.483  -1.078  1.00 29.42 ? 288  THR A N   1 
ATOM   138 C CA  . THR A 1 20  ? -4.280  -5.801  -1.867  1.00 30.51 ? 288  THR A CA  1 
ATOM   139 C C   . THR A 1 20  ? -4.330  -4.339  -1.457  1.00 27.15 ? 288  THR A C   1 
ATOM   140 O O   . THR A 1 20  ? -5.421  -3.789  -1.245  1.00 30.13 ? 288  THR A O   1 
ATOM   141 C CB  . THR A 1 20  ? -4.661  -5.927  -3.393  1.00 33.00 ? 288  THR A CB  1 
ATOM   142 O OG1 . THR A 1 20  ? -4.606  -7.310  -3.728  1.00 37.04 ? 288  THR A OG1 1 
ATOM   143 C CG2 . THR A 1 20  ? -3.694  -5.195  -4.292  1.00 29.41 ? 288  THR A CG2 1 
ATOM   144 N N   . VAL A 1 21  ? -3.171  -3.710  -1.268  1.00 27.95 ? 289  VAL A N   1 
ATOM   145 C CA  . VAL A 1 21  ? -3.179  -2.384  -0.639  1.00 26.63 ? 289  VAL A CA  1 
ATOM   146 C C   . VAL A 1 21  ? -3.515  -1.349  -1.707  1.00 29.14 ? 289  VAL A C   1 
ATOM   147 O O   . VAL A 1 21  ? -2.883  -1.300  -2.769  1.00 30.44 ? 289  VAL A O   1 
ATOM   148 C CB  . VAL A 1 21  ? -1.795  -1.976  -0.097  1.00 27.32 ? 289  VAL A CB  1 
ATOM   149 C CG1 . VAL A 1 21  ? -1.804  -0.570  0.301   1.00 24.18 ? 289  VAL A CG1 1 
ATOM   150 C CG2 . VAL A 1 21  ? -1.318  -2.911  1.049   1.00 25.68 ? 289  VAL A CG2 1 
ATOM   151 N N   . GLU A 1 22  ? -4.477  -0.496  -1.411  1.00 29.95 ? 290  GLU A N   1 
ATOM   152 C CA  . GLU A 1 22  ? -4.747  0.676   -2.264  1.00 29.56 ? 290  GLU A CA  1 
ATOM   153 C C   . GLU A 1 22  ? -4.578  1.939   -1.447  1.00 32.18 ? 290  GLU A C   1 
ATOM   154 O O   . GLU A 1 22  ? -4.720  1.944   -0.197  1.00 28.77 ? 290  GLU A O   1 
ATOM   155 C CB  . GLU A 1 22  ? -6.189  0.610   -2.812  1.00 30.81 ? 290  GLU A CB  1 
ATOM   156 C CG  . GLU A 1 22  ? -6.378  -0.433  -3.922  1.00 28.98 ? 290  GLU A CG  1 
ATOM   157 C CD  . GLU A 1 22  ? -7.702  -0.213  -4.672  1.00 39.00 ? 290  GLU A CD  1 
ATOM   158 O OE1 . GLU A 1 22  ? -7.755  -0.392  -5.904  1.00 44.46 ? 290  GLU A OE1 1 
ATOM   159 O OE2 . GLU A 1 22  ? -8.696  0.180   -4.036  1.00 42.29 ? 290  GLU A OE2 1 
ATOM   160 N N   . VAL A 1 23  ? -4.257  3.015   -2.159  1.00 29.47 ? 291  VAL A N   1 
ATOM   161 C CA  . VAL A 1 23  ? -4.056  4.286   -1.494  1.00 32.66 ? 291  VAL A CA  1 
ATOM   162 C C   . VAL A 1 23  ? -4.810  5.347   -2.303  1.00 36.78 ? 291  VAL A C   1 
ATOM   163 O O   . VAL A 1 23  ? -5.134  5.147   -3.475  1.00 36.30 ? 291  VAL A O   1 
ATOM   164 C CB  . VAL A 1 23  ? -2.580  4.690   -1.496  1.00 35.33 ? 291  VAL A CB  1 
ATOM   165 C CG1 . VAL A 1 23  ? -1.761  3.898   -0.416  1.00 27.20 ? 291  VAL A CG1 1 
ATOM   166 C CG2 . VAL A 1 23  ? -1.979  4.621   -2.921  1.00 28.44 ? 291  VAL A CG2 1 
ATOM   167 N N   . ARG A 1 24  ? -5.036  6.487   -1.667  1.00 36.34 ? 292  ARG A N   1 
ATOM   168 C CA  . ARG A 1 24  ? -5.661  7.654   -2.315  1.00 46.96 ? 292  ARG A CA  1 
ATOM   169 C C   . ARG A 1 24  ? -5.052  8.880   -1.600  1.00 49.34 ? 292  ARG A C   1 
ATOM   170 O O   . ARG A 1 24  ? -4.757  8.867   -0.387  1.00 49.27 ? 292  ARG A O   1 
ATOM   171 C CB  . ARG A 1 24  ? -7.164  7.551   -2.065  1.00 42.50 ? 292  ARG A CB  1 
ATOM   172 C CG  . ARG A 1 24  ? -7.958  8.806   -2.074  1.00 53.99 ? 292  ARG A CG  1 
ATOM   173 C CD  . ARG A 1 24  ? -8.977  8.785   -0.921  1.00 70.19 ? 292  ARG A CD  1 
ATOM   174 N NE  . ARG A 1 24  ? -10.333 8.539   -1.396  1.00 73.18 ? 292  ARG A NE  1 
ATOM   175 C CZ  . ARG A 1 24  ? -11.432 8.500   -0.632  1.00 76.78 ? 292  ARG A CZ  1 
ATOM   176 N NH1 . ARG A 1 24  ? -11.391 8.692   0.690   1.00 65.55 ? 292  ARG A NH1 1 
ATOM   177 N NH2 . ARG A 1 24  ? -12.605 8.243   -1.209  1.00 72.74 ? 292  ARG A NH2 1 
ATOM   178 N N   . GLN A 1 25  ? -4.847  9.967   -2.317  1.00 50.52 ? 293  GLN A N   1 
ATOM   179 C CA  . GLN A 1 25  ? -4.528  11.198  -1.567  1.00 50.86 ? 293  GLN A CA  1 
ATOM   180 C C   . GLN A 1 25  ? -5.211  12.386  -2.239  1.00 54.87 ? 293  GLN A C   1 
ATOM   181 O O   . GLN A 1 25  ? -4.581  13.082  -3.014  1.00 54.68 ? 293  GLN A O   1 
ATOM   182 C CB  . GLN A 1 25  ? -3.019  11.470  -1.586  1.00 50.05 ? 293  GLN A CB  1 
ATOM   183 C CG  . GLN A 1 25  ? -2.589  12.542  -0.575  1.00 50.66 ? 293  GLN A CG  1 
ATOM   184 C CD  . GLN A 1 25  ? -3.112  13.939  -0.930  1.00 60.19 ? 293  GLN A CD  1 
ATOM   185 O OE1 . GLN A 1 25  ? -3.965  14.506  -0.225  1.00 49.75 ? 293  GLN A OE1 1 
ATOM   186 N NE2 . GLN A 1 25  ? -2.608  14.489  -2.047  1.00 52.34 ? 293  GLN A NE2 1 
ATOM   187 N N   . GLY A 1 26  ? -6.487  12.606  -1.973  1.00 55.51 ? 294  GLY A N   1 
ATOM   188 C CA  . GLY A 1 26  ? -7.151  13.724  -2.612  1.00 62.47 ? 294  GLY A CA  1 
ATOM   189 C C   . GLY A 1 26  ? -7.946  13.562  -3.909  1.00 64.40 ? 294  GLY A C   1 
ATOM   190 O O   . GLY A 1 26  ? -8.797  14.414  -4.188  1.00 68.25 ? 294  GLY A O   1 
ATOM   191 N N   . ALA A 1 27  ? -7.759  12.493  -4.684  1.00 61.14 ? 295  ALA A N   1 
ATOM   192 C CA  . ALA A 1 27  ? -8.464  11.229  -4.480  1.00 59.49 ? 295  ALA A CA  1 
ATOM   193 C C   . ALA A 1 27  ? -8.490  10.519  -5.800  1.00 53.47 ? 295  ALA A C   1 
ATOM   194 O O   . ALA A 1 27  ? -7.654  10.797  -6.636  1.00 59.82 ? 295  ALA A O   1 
ATOM   195 C CB  . ALA A 1 27  ? -9.876  11.398  -3.869  1.00 60.47 ? 295  ALA A CB  1 
ATOM   196 N N   . GLN A 1 28  ? -9.370  9.551   -5.986  1.00 55.77 ? 296  GLN A N   1 
ATOM   197 C CA  . GLN A 1 28  ? -9.039  8.373   -6.847  1.00 52.77 ? 296  GLN A CA  1 
ATOM   198 C C   . GLN A 1 28  ? -8.205  7.349   -6.029  1.00 44.80 ? 296  GLN A C   1 
ATOM   199 O O   . GLN A 1 28  ? -7.030  7.611   -5.694  1.00 44.13 ? 296  GLN A O   1 
ATOM   200 C CB  . GLN A 1 28  ? -8.247  8.835   -8.084  1.00 53.69 ? 296  GLN A CB  1 
ATOM   201 C CG  . GLN A 1 28  ? -7.274  7.833   -8.768  1.00 56.92 ? 296  GLN A CG  1 
ATOM   202 C CD  . GLN A 1 28  ? -6.054  8.590   -9.310  1.00 64.69 ? 296  GLN A CD  1 
ATOM   203 O OE1 . GLN A 1 28  ? -5.103  8.024   -9.879  1.00 63.77 ? 296  GLN A OE1 1 
ATOM   204 N NE2 . GLN A 1 28  ? -6.093  9.906   -9.123  1.00 56.53 ? 296  GLN A NE2 1 
ATOM   205 N N   . TRP A 1 29  ? -8.843  6.234   -5.695  1.00 41.30 ? 297  TRP A N   1 
ATOM   206 C CA  . TRP A 1 29  ? -8.169  5.038   -5.186  1.00 42.50 ? 297  TRP A CA  1 
ATOM   207 C C   . TRP A 1 29  ? -7.382  4.307   -6.254  1.00 40.83 ? 297  TRP A C   1 
ATOM   208 O O   . TRP A 1 29  ? -7.880  4.102   -7.351  1.00 42.06 ? 297  TRP A O   1 
ATOM   209 C CB  . TRP A 1 29  ? -9.158  4.078   -4.530  1.00 38.91 ? 297  TRP A CB  1 
ATOM   210 C CG  . TRP A 1 29  ? -9.737  4.557   -3.233  1.00 42.56 ? 297  TRP A CG  1 
ATOM   211 C CD1 . TRP A 1 29  ? -10.986 5.130   -3.053  1.00 46.09 ? 297  TRP A CD1 1 
ATOM   212 C CD2 . TRP A 1 29  ? -9.135  4.502   -1.928  1.00 40.26 ? 297  TRP A CD2 1 
ATOM   213 N NE1 . TRP A 1 29  ? -11.178 5.442   -1.727  1.00 37.03 ? 297  TRP A NE1 1 
ATOM   214 C CE2 . TRP A 1 29  ? -10.079 5.044   -1.009  1.00 39.42 ? 297  TRP A CE2 1 
ATOM   215 C CE3 . TRP A 1 29  ? -7.897  4.035   -1.441  1.00 33.21 ? 297  TRP A CE3 1 
ATOM   216 C CZ2 . TRP A 1 29  ? -9.828  5.144   0.358   1.00 37.88 ? 297  TRP A CZ2 1 
ATOM   217 C CZ3 . TRP A 1 29  ? -7.645  4.148   -0.083  1.00 37.20 ? 297  TRP A CZ3 1 
ATOM   218 C CH2 . TRP A 1 29  ? -8.603  4.713   0.805   1.00 39.59 ? 297  TRP A CH2 1 
ATOM   219 N N   . ALA A 1 30  ? -6.163  3.856   -5.954  1.00 41.08 ? 298  ALA A N   1 
ATOM   220 C CA  . ALA A 1 30  ? -5.477  2.984   -6.942  1.00 34.79 ? 298  ALA A CA  1 
ATOM   221 C C   . ALA A 1 30  ? -4.548  2.064   -6.182  1.00 34.55 ? 298  ALA A C   1 
ATOM   222 O O   . ALA A 1 30  ? -4.237  2.297   -5.002  1.00 31.90 ? 298  ALA A O   1 
ATOM   223 C CB  . ALA A 1 30  ? -4.683  3.847   -7.946  1.00 31.38 ? 298  ALA A CB  1 
ATOM   224 N N   . ALA A 1 31  ? -4.073  1.024   -6.827  1.00 29.28 ? 299  ALA A N   1 
ATOM   225 C CA  . ALA A 1 31  ? -3.198  0.085   -6.120  1.00 30.57 ? 299  ALA A CA  1 
ATOM   226 C C   . ALA A 1 31  ? -1.947  0.884   -5.761  1.00 30.70 ? 299  ALA A C   1 
ATOM   227 O O   . ALA A 1 31  ? -1.534  1.778   -6.527  1.00 29.06 ? 299  ALA A O   1 
ATOM   228 C CB  . ALA A 1 31  ? -2.833  -1.041  -7.063  1.00 26.55 ? 299  ALA A CB  1 
ATOM   229 N N   . LEU A 1 32  ? -1.366  0.585   -4.602  1.00 25.40 ? 300  LEU A N   1 
ATOM   230 C CA  . LEU A 1 32  ? -0.075  1.130   -4.244  1.00 28.41 ? 300  LEU A CA  1 
ATOM   231 C C   . LEU A 1 32  ? 1.037   0.324   -4.943  1.00 30.85 ? 300  LEU A C   1 
ATOM   232 O O   . LEU A 1 32  ? 1.031   -0.903  -4.848  1.00 30.18 ? 300  LEU A O   1 
ATOM   233 C CB  . LEU A 1 32  ? 0.099   0.925   -2.739  1.00 27.87 ? 300  LEU A CB  1 
ATOM   234 C CG  . LEU A 1 32  ? 1.464   1.366   -2.198  1.00 29.53 ? 300  LEU A CG  1 
ATOM   235 C CD1 . LEU A 1 32  ? 1.578   2.858   -2.330  1.00 26.72 ? 300  LEU A CD1 1 
ATOM   236 C CD2 . LEU A 1 32  ? 1.644   0.980   -0.752  1.00 25.75 ? 300  LEU A CD2 1 
ATOM   237 N N   . CYS A 1 33  ? 1.935   0.990   -5.679  1.00 29.63 ? 301  CYS A N   1 
ATOM   238 C CA  . CYS A 1 33  ? 3.148   0.388   -6.244  1.00 34.08 ? 301  CYS A CA  1 
ATOM   239 C C   . CYS A 1 33  ? 4.188   0.493   -5.139  1.00 36.14 ? 301  CYS A C   1 
ATOM   240 O O   . CYS A 1 33  ? 4.401   1.568   -4.566  1.00 35.17 ? 301  CYS A O   1 
ATOM   241 C CB  . CYS A 1 33  ? 3.629   1.180   -7.492  1.00 31.40 ? 301  CYS A CB  1 
ATOM   242 S SG  . CYS A 1 33  ? 2.179   1.381   -8.660  1.00 41.77 ? 301  CYS A SG  1 
ATOM   243 N N   . ASP A 1 34  ? 4.858   -0.604  -4.831  1.00 33.31 ? 302  ASP A N   1 
ATOM   244 C CA  . ASP A 1 34  ? 5.935   -0.469  -3.882  1.00 35.13 ? 302  ASP A CA  1 
ATOM   245 C C   . ASP A 1 34  ? 7.238   -0.894  -4.568  1.00 41.17 ? 302  ASP A C   1 
ATOM   246 O O   . ASP A 1 34  ? 7.257   -1.975  -5.151  1.00 38.43 ? 302  ASP A O   1 
ATOM   247 C CB  . ASP A 1 34  ? 5.681   -1.371  -2.677  1.00 34.76 ? 302  ASP A CB  1 
ATOM   248 C CG  . ASP A 1 34  ? 6.770   -1.195  -1.620  1.00 38.25 ? 302  ASP A CG  1 
ATOM   249 O OD1 . ASP A 1 34  ? 6.545   -0.524  -0.577  1.00 40.51 ? 302  ASP A OD1 1 
ATOM   250 O OD2 . ASP A 1 34  ? 7.906   -1.611  -1.926  1.00 45.82 ? 302  ASP A OD2 1 
ATOM   251 N N   . SER A 1 35  ? 8.289   -0.067  -4.521  1.00 41.35 ? 303  SER A N   1 
ATOM   252 C CA  . SER A 1 35  ? 9.531   -0.319  -5.282  1.00 44.97 ? 303  SER A CA  1 
ATOM   253 C C   . SER A 1 35  ? 10.748  -0.541  -4.394  1.00 48.72 ? 303  SER A C   1 
ATOM   254 O O   . SER A 1 35  ? 11.881  -0.433  -4.882  1.00 49.59 ? 303  SER A O   1 
ATOM   255 C CB  . SER A 1 35  ? 9.867   0.816   -6.260  1.00 45.82 ? 303  SER A CB  1 
ATOM   256 O OG  . SER A 1 35  ? 10.304  1.983   -5.557  1.00 49.44 ? 303  SER A OG  1 
ATOM   257 N N   . SER A 1 36  ? 10.525  -0.811  -3.102  1.00 50.55 ? 304  SER A N   1 
ATOM   258 C CA  . SER A 1 36  ? 11.592  -1.259  -2.214  1.00 56.64 ? 304  SER A CA  1 
ATOM   259 C C   . SER A 1 36  ? 12.285  -2.540  -2.735  1.00 58.30 ? 304  SER A C   1 
ATOM   260 O O   . SER A 1 36  ? 11.644  -3.372  -3.402  1.00 56.94 ? 304  SER A O   1 
ATOM   261 C CB  . SER A 1 36  ? 11.118  -1.384  -0.754  1.00 55.21 ? 304  SER A CB  1 
ATOM   262 O OG  . SER A 1 36  ? 10.278  -2.516  -0.542  1.00 62.96 ? 304  SER A OG  1 
ATOM   263 N N   . SER A 1 37  ? 13.595  -2.665  -2.491  1.00 62.67 ? 305  SER A N   1 
ATOM   264 C CA  . SER A 1 37  ? 14.320  -3.898  -2.918  1.00 71.26 ? 305  SER A CA  1 
ATOM   265 C C   . SER A 1 37  ? 14.478  -4.963  -1.817  1.00 71.93 ? 305  SER A C   1 
ATOM   266 O O   . SER A 1 37  ? 14.207  -6.139  -2.053  1.00 74.83 ? 305  SER A O   1 
ATOM   267 C CB  . SER A 1 37  ? 15.654  -3.640  -3.653  1.00 71.20 ? 305  SER A CB  1 
ATOM   268 O OG  . SER A 1 37  ? 16.343  -2.516  -3.124  1.00 75.06 ? 305  SER A OG  1 
ATOM   269 N N   . ALA A 1 38  ? 14.871  -4.562  -0.613  1.00 72.02 ? 306  ALA A N   1 
ATOM   270 C CA  . ALA A 1 38  ? 14.614  -5.409  0.552   1.00 73.41 ? 306  ALA A CA  1 
ATOM   271 C C   . ALA A 1 38  ? 13.136  -5.329  0.948   1.00 72.34 ? 306  ALA A C   1 
ATOM   272 O O   . ALA A 1 38  ? 12.514  -4.269  0.849   1.00 72.35 ? 306  ALA A O   1 
ATOM   273 C CB  . ALA A 1 38  ? 15.510  -5.009  1.745   1.00 74.64 ? 306  ALA A CB  1 
ATOM   274 N N   . ARG A 1 39  ? 12.579  -6.448  1.401   1.00 68.94 ? 307  ARG A N   1 
ATOM   275 C CA  . ARG A 1 39  ? 11.228  -6.434  1.875   1.00 64.25 ? 307  ARG A CA  1 
ATOM   276 C C   . ARG A 1 39  ? 11.242  -6.115  3.356   1.00 64.42 ? 307  ARG A C   1 
ATOM   277 O O   . ARG A 1 39  ? 11.948  -6.772  4.116   1.00 68.51 ? 307  ARG A O   1 
ATOM   278 C CB  . ARG A 1 39  ? 10.515  -7.747  1.567   1.00 65.09 ? 307  ARG A CB  1 
ATOM   279 C CG  . ARG A 1 39  ? 10.822  -8.890  2.500   1.00 61.41 ? 307  ARG A CG  1 
ATOM   280 C CD  . ARG A 1 39  ? 10.025  -10.129 2.071   1.00 65.16 ? 307  ARG A CD  1 
ATOM   281 N NE  . ARG A 1 39  ? 9.346   -10.681 3.243   1.00 66.87 ? 307  ARG A NE  1 
ATOM   282 C CZ  . ARG A 1 39  ? 8.065   -11.015 3.318   1.00 65.43 ? 307  ARG A CZ  1 
ATOM   283 N NH1 . ARG A 1 39  ? 7.267   -10.896 2.265   1.00 62.18 ? 307  ARG A NH1 1 
ATOM   284 N NH2 . ARG A 1 39  ? 7.591   -11.486 4.469   1.00 65.79 ? 307  ARG A NH2 1 
ATOM   285 N N   . SER A 1 40  ? 10.444  -5.122  3.755   1.00 59.11 ? 308  SER A N   1 
ATOM   286 C CA  . SER A 1 40  ? 10.329  -4.668  5.136   1.00 54.75 ? 308  SER A CA  1 
ATOM   287 C C   . SER A 1 40  ? 8.861   -4.672  5.571   1.00 54.20 ? 308  SER A C   1 
ATOM   288 O O   . SER A 1 40  ? 7.957   -4.427  4.761   1.00 51.51 ? 308  SER A O   1 
ATOM   289 C CB  . SER A 1 40  ? 10.863  -3.246  5.281   1.00 53.18 ? 308  SER A CB  1 
ATOM   290 O OG  . SER A 1 40  ? 10.503  -2.761  6.561   1.00 59.29 ? 308  SER A OG  1 
ATOM   291 N N   . SER A 1 41  ? 8.609   -4.928  6.853   1.00 46.84 ? 309  SER A N   1 
ATOM   292 C CA  . SER A 1 41  ? 7.237   -5.061  7.256   1.00 47.57 ? 309  SER A CA  1 
ATOM   293 C C   . SER A 1 41  ? 6.758   -3.704  7.803   1.00 43.92 ? 309  SER A C   1 
ATOM   294 O O   . SER A 1 41  ? 5.619   -3.547  8.178   1.00 42.88 ? 309  SER A O   1 
ATOM   295 C CB  . SER A 1 41  ? 7.115   -6.154  8.297   1.00 49.51 ? 309  SER A CB  1 
ATOM   296 O OG  . SER A 1 41  ? 7.520   -5.583  9.526   1.00 47.23 ? 309  SER A OG  1 
ATOM   297 N N   . LEU A 1 42  ? 7.634   -2.718  7.800   1.00 42.66 ? 310  LEU A N   1 
ATOM   298 C CA  . LEU A 1 42  ? 7.336   -1.380  8.340   1.00 46.72 ? 310  LEU A CA  1 
ATOM   299 C C   . LEU A 1 42  ? 6.078   -0.635  7.787   1.00 46.61 ? 310  LEU A C   1 
ATOM   300 O O   . LEU A 1 42  ? 5.288   -0.084  8.556   1.00 45.00 ? 310  LEU A O   1 
ATOM   301 C CB  . LEU A 1 42  ? 8.532   -0.507  8.043   1.00 47.44 ? 310  LEU A CB  1 
ATOM   302 C CG  . LEU A 1 42  ? 8.856   0.734   8.855   1.00 57.51 ? 310  LEU A CG  1 
ATOM   303 C CD1 . LEU A 1 42  ? 9.474   0.198   10.142  1.00 58.76 ? 310  LEU A CD1 1 
ATOM   304 C CD2 . LEU A 1 42  ? 9.876   1.504   7.980   1.00 60.31 ? 310  LEU A CD2 1 
ATOM   305 N N   . ARG A 1 43  ? 5.915   -0.587  6.466   1.00 38.76 ? 311  ARG A N   1 
ATOM   306 C CA  . ARG A 1 43  ? 4.737   0.036   5.872   1.00 37.44 ? 311  ARG A CA  1 
ATOM   307 C C   . ARG A 1 43  ? 3.465   -0.740  6.194   1.00 35.43 ? 311  ARG A C   1 
ATOM   308 O O   . ARG A 1 43  ? 2.453   -0.119  6.360   1.00 33.52 ? 311  ARG A O   1 
ATOM   309 C CB  . ARG A 1 43  ? 4.862   0.097   4.349   1.00 34.72 ? 311  ARG A CB  1 
ATOM   310 C CG  . ARG A 1 43  ? 5.622   1.294   3.819   1.00 36.68 ? 311  ARG A CG  1 
ATOM   311 C CD  . ARG A 1 43  ? 5.588   1.276   2.247   1.00 34.28 ? 311  ARG A CD  1 
ATOM   312 N NE  . ARG A 1 43  ? 6.119   2.538   1.712   1.00 32.62 ? 311  ARG A NE  1 
ATOM   313 C CZ  . ARG A 1 43  ? 6.003   2.926   0.455   1.00 31.70 ? 311  ARG A CZ  1 
ATOM   314 N NH1 . ARG A 1 43  ? 5.455   2.101   -0.434  1.00 24.71 ? 311  ARG A NH1 1 
ATOM   315 N NH2 . ARG A 1 43  ? 6.473   4.116   0.081   1.00 33.13 ? 311  ARG A NH2 1 
ATOM   316 N N   . TRP A 1 44  ? 3.519   -2.078  6.170   1.00 32.24 ? 312  TRP A N   1 
ATOM   317 C CA  . TRP A 1 44  ? 2.351   -2.939  6.236   1.00 31.86 ? 312  TRP A CA  1 
ATOM   318 C C   . TRP A 1 44  ? 1.833   -2.980  7.671   1.00 32.46 ? 312  TRP A C   1 
ATOM   319 O O   . TRP A 1 44  ? 0.654   -3.210  7.904   1.00 37.55 ? 312  TRP A O   1 
ATOM   320 C CB  . TRP A 1 44  ? 2.738   -4.320  5.695   1.00 30.84 ? 312  TRP A CB  1 
ATOM   321 C CG  . TRP A 1 44  ? 3.650   -4.133  4.470   1.00 37.80 ? 312  TRP A CG  1 
ATOM   322 C CD1 . TRP A 1 44  ? 4.866   -4.724  4.211   1.00 36.30 ? 312  TRP A CD1 1 
ATOM   323 C CD2 . TRP A 1 44  ? 3.407   -3.229  3.365   1.00 30.59 ? 312  TRP A CD2 1 
ATOM   324 N NE1 . TRP A 1 44  ? 5.356   -4.293  2.979   1.00 35.39 ? 312  TRP A NE1 1 
ATOM   325 C CE2 . TRP A 1 44  ? 4.493   -3.348  2.470   1.00 34.03 ? 312  TRP A CE2 1 
ATOM   326 C CE3 . TRP A 1 44  ? 2.365   -2.340  3.053   1.00 25.47 ? 312  TRP A CE3 1 
ATOM   327 C CZ2 . TRP A 1 44  ? 4.593   -2.563  1.319   1.00 29.66 ? 312  TRP A CZ2 1 
ATOM   328 C CZ3 . TRP A 1 44  ? 2.458   -1.588  1.881   1.00 33.66 ? 312  TRP A CZ3 1 
ATOM   329 C CH2 . TRP A 1 44  ? 3.534   -1.746  1.013   1.00 27.46 ? 312  TRP A CH2 1 
ATOM   330 N N   . GLU A 1 45  ? 2.711   -2.726  8.632   1.00 34.29 ? 313  GLU A N   1 
ATOM   331 C CA  . GLU A 1 45  ? 2.314   -2.626  10.040  1.00 35.18 ? 313  GLU A CA  1 
ATOM   332 C C   . GLU A 1 45  ? 1.528   -1.321  10.211  1.00 35.84 ? 313  GLU A C   1 
ATOM   333 O O   . GLU A 1 45  ? 0.455   -1.310  10.791  1.00 41.35 ? 313  GLU A O   1 
ATOM   334 C CB  . GLU A 1 45  ? 3.581   -2.653  10.936  1.00 33.75 ? 313  GLU A CB  1 
ATOM   335 C CG  . GLU A 1 45  ? 3.432   -2.464  12.490  1.00 40.13 ? 313  GLU A CG  1 
ATOM   336 C CD  . GLU A 1 45  ? 2.776   -3.646  13.178  1.00 49.87 ? 313  GLU A CD  1 
ATOM   337 O OE1 . GLU A 1 45  ? 2.365   -3.517  14.347  1.00 55.20 ? 313  GLU A OE1 1 
ATOM   338 O OE2 . GLU A 1 45  ? 2.634   -4.713  12.539  1.00 63.06 ? 313  GLU A OE2 1 
ATOM   339 N N   . GLU A 1 46  ? 2.038   -0.228  9.668   1.00 34.05 ? 314  GLU A N   1 
ATOM   340 C CA  . GLU A 1 46  ? 1.277   0.994   9.584   1.00 36.81 ? 314  GLU A CA  1 
ATOM   341 C C   . GLU A 1 46  ? -0.094  0.858   8.877   1.00 36.67 ? 314  GLU A C   1 
ATOM   342 O O   . GLU A 1 46  ? -1.110  1.289   9.427   1.00 34.45 ? 314  GLU A O   1 
ATOM   343 C CB  . GLU A 1 46  ? 2.129   2.104   8.961   1.00 38.57 ? 314  GLU A CB  1 
ATOM   344 C CG  . GLU A 1 46  ? 1.535   3.469   9.148   1.00 45.84 ? 314  GLU A CG  1 
ATOM   345 C CD  . GLU A 1 46  ? 2.411   4.583   8.595   1.00 56.84 ? 314  GLU A CD  1 
ATOM   346 O OE1 . GLU A 1 46  ? 2.343   4.849   7.359   1.00 50.45 ? 314  GLU A OE1 1 
ATOM   347 O OE2 . GLU A 1 46  ? 3.140   5.213   9.408   1.00 55.46 ? 314  GLU A OE2 1 
ATOM   348 N N   . VAL A 1 47  ? -0.132  0.275   7.675   1.00 28.34 ? 315  VAL A N   1 
ATOM   349 C CA  . VAL A 1 47  ? -1.375  0.045   6.975   1.00 29.47 ? 315  VAL A CA  1 
ATOM   350 C C   . VAL A 1 47  ? -2.365  -0.799  7.857   1.00 34.27 ? 315  VAL A C   1 
ATOM   351 O O   . VAL A 1 47  ? -3.478  -0.360  8.129   1.00 32.75 ? 315  VAL A O   1 
ATOM   352 C CB  . VAL A 1 47  ? -1.093  -0.682  5.628   1.00 29.97 ? 315  VAL A CB  1 
ATOM   353 C CG1 . VAL A 1 47  ? -2.377  -1.200  5.030   1.00 27.54 ? 315  VAL A CG1 1 
ATOM   354 C CG2 . VAL A 1 47  ? -0.330  0.294   4.672   1.00 26.82 ? 315  VAL A CG2 1 
ATOM   355 N N   . CYS A 1 48  ? -1.956  -1.968  8.340   1.00 29.36 ? 316  CYS A N   1 
ATOM   356 C CA  . CYS A 1 48  ? -2.807  -2.793  9.231   1.00 31.49 ? 316  CYS A CA  1 
ATOM   357 C C   . CYS A 1 48  ? -3.345  -2.003  10.446  1.00 31.13 ? 316  CYS A C   1 
ATOM   358 O O   . CYS A 1 48  ? -4.531  -2.046  10.770  1.00 32.72 ? 316  CYS A O   1 
ATOM   359 C CB  . CYS A 1 48  ? -2.027  -4.033  9.691   1.00 36.39 ? 316  CYS A CB  1 
ATOM   360 S SG  . CYS A 1 48  ? -1.918  -5.244  8.316   1.00 36.35 ? 316  CYS A SG  1 
ATOM   361 N N   . ARG A 1 49  ? -2.487  -1.264  11.118  1.00 27.07 ? 317  ARG A N   1 
ATOM   362 C CA  . ARG A 1 49  ? -2.972  -0.508  12.274  1.00 38.39 ? 317  ARG A CA  1 
ATOM   363 C C   . ARG A 1 49  ? -3.987  0.553   11.861  1.00 37.52 ? 317  ARG A C   1 
ATOM   364 O O   . ARG A 1 49  ? -5.002  0.782   12.539  1.00 39.10 ? 317  ARG A O   1 
ATOM   365 C CB  . ARG A 1 49  ? -1.782  0.131   12.996  1.00 31.83 ? 317  ARG A CB  1 
ATOM   366 C CG  . ARG A 1 49  ? -1.041  -0.820  13.934  1.00 45.42 ? 317  ARG A CG  1 
ATOM   367 C CD  . ARG A 1 49  ? 0.255   -0.136  14.506  1.00 52.26 ? 317  ARG A CD  1 
ATOM   368 N NE  . ARG A 1 49  ? 0.884   -0.905  15.611  1.00 81.93 ? 317  ARG A NE  1 
ATOM   369 C CZ  . ARG A 1 49  ? 2.184   -0.885  15.966  1.00 80.73 ? 317  ARG A CZ  1 
ATOM   370 N NH1 . ARG A 1 49  ? 3.092   -0.149  15.316  1.00 68.36 ? 317  ARG A NH1 1 
ATOM   371 N NH2 . ARG A 1 49  ? 2.591   -1.617  17.001  1.00 82.87 ? 317  ARG A NH2 1 
ATOM   372 N N   . GLU A 1 50  ? -3.745  1.192   10.717  1.00 37.11 ? 318  GLU A N   1 
ATOM   373 C CA  . GLU A 1 50  ? -4.643  2.237   10.235  1.00 35.35 ? 318  GLU A CA  1 
ATOM   374 C C   . GLU A 1 50  ? -5.991  1.660   9.845   1.00 35.28 ? 318  GLU A C   1 
ATOM   375 O O   . GLU A 1 50  ? -7.016  2.393   9.937   1.00 35.04 ? 318  GLU A O   1 
ATOM   376 C CB  . GLU A 1 50  ? -4.058  2.889   8.955   1.00 40.94 ? 318  GLU A CB  1 
ATOM   377 C CG  . GLU A 1 50  ? -3.447  4.266   9.149   1.00 56.50 ? 318  GLU A CG  1 
ATOM   378 C CD  . GLU A 1 50  ? -4.391  5.238   9.899   1.00 75.93 ? 318  GLU A CD  1 
ATOM   379 O OE1 . GLU A 1 50  ? -5.480  5.609   9.372   1.00 73.12 ? 318  GLU A OE1 1 
ATOM   380 O OE2 . GLU A 1 50  ? -4.022  5.620   11.036  1.00 71.44 ? 318  GLU A OE2 1 
ATOM   381 N N   . GLN A 1 51  ? -6.008  0.414   9.334   1.00 27.55 ? 319  GLN A N   1 
ATOM   382 C CA  . GLN A 1 51  ? -7.285  -0.265  9.047   1.00 30.82 ? 319  GLN A CA  1 
ATOM   383 C C   . GLN A 1 51  ? -7.936  -0.679  10.379  1.00 33.43 ? 319  GLN A C   1 
ATOM   384 O O   . GLN A 1 51  ? -9.028  -1.249  10.358  1.00 33.02 ? 319  GLN A O   1 
ATOM   385 C CB  . GLN A 1 51  ? -7.112  -1.560  8.217   1.00 29.60 ? 319  GLN A CB  1 
ATOM   386 C CG  . GLN A 1 51  ? -6.343  -1.360  6.910   1.00 38.00 ? 319  GLN A CG  1 
ATOM   387 C CD  . GLN A 1 51  ? -6.804  -0.114  6.167   1.00 41.45 ? 319  GLN A CD  1 
ATOM   388 O OE1 . GLN A 1 51  ? -7.975  0.030   5.825   1.00 42.92 ? 319  GLN A OE1 1 
ATOM   389 N NE2 . GLN A 1 51  ? -5.888  0.834   5.980   1.00 41.46 ? 319  GLN A NE2 1 
ATOM   390 N N   . GLN A 1 52  ? -7.304  -0.411  11.531  1.00 33.09 ? 320  GLN A N   1 
ATOM   391 C CA  . GLN A 1 52  ? -7.790  -1.035  12.788  1.00 33.03 ? 320  GLN A CA  1 
ATOM   392 C C   . GLN A 1 52  ? -7.816  -2.560  12.710  1.00 37.40 ? 320  GLN A C   1 
ATOM   393 O O   . GLN A 1 52  ? -8.825  -3.203  13.055  1.00 35.85 ? 320  GLN A O   1 
ATOM   394 C CB  . GLN A 1 52  ? -9.198  -0.494  13.128  1.00 24.47 ? 320  GLN A CB  1 
ATOM   395 C CG  . GLN A 1 52  ? -9.007  1.020   13.460  1.00 27.74 ? 320  GLN A CG  1 
ATOM   396 C CD  . GLN A 1 52  ? -10.289 1.850   13.726  1.00 33.57 ? 320  GLN A CD  1 
ATOM   397 O OE1 . GLN A 1 52  ? -10.190 3.018   14.092  1.00 29.65 ? 320  GLN A OE1 1 
ATOM   398 N NE2 . GLN A 1 52  ? -11.451 1.298   13.479  1.00 34.15 ? 320  GLN A NE2 1 
ATOM   399 N N   . CYS A 1 53  ? -6.726  -3.164  12.240  1.00 36.61 ? 321  CYS A N   1 
ATOM   400 C CA  . CYS A 1 53  ? -6.829  -4.603  12.005  1.00 34.16 ? 321  CYS A CA  1 
ATOM   401 C C   . CYS A 1 53  ? -5.663  -5.159  12.760  1.00 36.78 ? 321  CYS A C   1 
ATOM   402 O O   . CYS A 1 53  ? -5.282  -6.287  12.550  1.00 37.02 ? 321  CYS A O   1 
ATOM   403 C CB  . CYS A 1 53  ? -6.694  -4.916  10.516  1.00 31.66 ? 321  CYS A CB  1 
ATOM   404 S SG  . CYS A 1 53  ? -8.206  -4.717  9.668   1.00 37.41 ? 321  CYS A SG  1 
ATOM   405 N N   . GLY A 1 54  ? -5.059  -4.352  13.626  1.00 38.39 ? 322  GLY A N   1 
ATOM   406 C CA  . GLY A 1 54  ? -4.003  -4.884  14.470  1.00 34.82 ? 322  GLY A CA  1 
ATOM   407 C C   . GLY A 1 54  ? -2.686  -4.881  13.720  1.00 42.34 ? 322  GLY A C   1 
ATOM   408 O O   . GLY A 1 54  ? -2.479  -4.050  12.790  1.00 37.42 ? 322  GLY A O   1 
ATOM   409 N N   . SER A 1 55  ? -1.801  -5.817  14.085  1.00 37.31 ? 323  SER A N   1 
ATOM   410 C CA  . SER A 1 55  ? -0.483  -5.934  13.463  1.00 36.40 ? 323  SER A CA  1 
ATOM   411 C C   . SER A 1 55  ? -0.476  -6.559  12.072  1.00 34.88 ? 323  SER A C   1 
ATOM   412 O O   . SER A 1 55  ? -1.458  -7.198  11.642  1.00 37.00 ? 323  SER A O   1 
ATOM   413 C CB  . SER A 1 55  ? 0.468   -6.684  14.419  1.00 40.59 ? 323  SER A CB  1 
ATOM   414 O OG  . SER A 1 55  ? 1.211   -5.669  15.106  1.00 49.68 ? 323  SER A OG  1 
ATOM   415 N N   . VAL A 1 56  ? 0.614   -6.408  11.323  1.00 36.04 ? 324  VAL A N   1 
ATOM   416 C CA  . VAL A 1 56  ? 0.682   -7.231  10.108  1.00 37.67 ? 324  VAL A CA  1 
ATOM   417 C C   . VAL A 1 56  ? 1.141   -8.699  10.415  1.00 40.99 ? 324  VAL A C   1 
ATOM   418 O O   . VAL A 1 56  ? 2.146   -8.887  11.126  1.00 40.19 ? 324  VAL A O   1 
ATOM   419 C CB  . VAL A 1 56  ? 1.640   -6.578  9.113   1.00 38.67 ? 324  VAL A CB  1 
ATOM   420 C CG1 . VAL A 1 56  ? 2.975   -6.488  9.709   1.00 37.75 ? 324  VAL A CG1 1 
ATOM   421 C CG2 . VAL A 1 56  ? 1.652   -7.393  7.816   1.00 35.90 ? 324  VAL A CG2 1 
ATOM   422 N N   . ASN A 1 57  ? 0.411   -9.721  9.938   1.00 40.66 ? 325  ASN A N   1 
ATOM   423 C CA  . ASN A 1 57  ? 0.856   -11.133 10.074  1.00 42.22 ? 325  ASN A CA  1 
ATOM   424 C C   . ASN A 1 57  ? 1.801   -11.520 8.949   1.00 46.26 ? 325  ASN A C   1 
ATOM   425 O O   . ASN A 1 57  ? 2.896   -11.981 9.200   1.00 48.08 ? 325  ASN A O   1 
ATOM   426 C CB  . ASN A 1 57  ? -0.313  -12.111 9.991   1.00 40.68 ? 325  ASN A CB  1 
ATOM   427 C CG  . ASN A 1 57  ? -1.022  -12.329 11.342  1.00 55.10 ? 325  ASN A CG  1 
ATOM   428 O OD1 . ASN A 1 57  ? -1.994  -13.093 11.410  1.00 57.61 ? 325  ASN A OD1 1 
ATOM   429 N ND2 . ASN A 1 57  ? -0.567  -11.635 12.407  1.00 44.55 ? 325  ASN A ND2 1 
ATOM   430 N N   . SER A 1 58  ? 1.386   -11.322 7.699   1.00 43.31 ? 326  SER A N   1 
ATOM   431 C CA  . SER A 1 58  ? 2.287   -11.524 6.568   1.00 42.31 ? 326  SER A CA  1 
ATOM   432 C C   . SER A 1 58  ? 2.009   -10.526 5.408   1.00 44.59 ? 326  SER A C   1 
ATOM   433 O O   . SER A 1 58  ? 0.968   -9.811  5.416   1.00 40.29 ? 326  SER A O   1 
ATOM   434 C CB  . SER A 1 58  ? 2.158   -12.973 6.085   1.00 42.89 ? 326  SER A CB  1 
ATOM   435 O OG  . SER A 1 58  ? 0.824   -13.266 5.680   1.00 41.24 ? 326  SER A OG  1 
ATOM   436 N N   . TYR A 1 59  ? 2.932   -10.468 4.438   1.00 39.04 ? 327  TYR A N   1 
ATOM   437 C CA  . TYR A 1 59  ? 2.673   -9.738  3.212   1.00 40.83 ? 327  TYR A CA  1 
ATOM   438 C C   . TYR A 1 59  ? 3.378   -10.413 2.043   1.00 43.38 ? 327  TYR A C   1 
ATOM   439 O O   . TYR A 1 59  ? 4.328   -11.141 2.272   1.00 42.57 ? 327  TYR A O   1 
ATOM   440 C CB  . TYR A 1 59  ? 3.118   -8.283  3.355   1.00 31.18 ? 327  TYR A CB  1 
ATOM   441 C CG  . TYR A 1 59  ? 4.555   -8.126  3.784   1.00 41.86 ? 327  TYR A CG  1 
ATOM   442 C CD1 . TYR A 1 59  ? 5.559   -7.817  2.868   1.00 39.01 ? 327  TYR A CD1 1 
ATOM   443 C CD2 . TYR A 1 59  ? 4.907   -8.279  5.129   1.00 38.70 ? 327  TYR A CD2 1 
ATOM   444 C CE1 . TYR A 1 59  ? 6.904   -7.687  3.308   1.00 38.19 ? 327  TYR A CE1 1 
ATOM   445 C CE2 . TYR A 1 59  ? 6.195   -8.139  5.564   1.00 45.08 ? 327  TYR A CE2 1 
ATOM   446 C CZ  . TYR A 1 59  ? 7.196   -7.855  4.653   1.00 48.89 ? 327  TYR A CZ  1 
ATOM   447 O OH  . TYR A 1 59  ? 8.481   -7.738  5.150   1.00 54.05 ? 327  TYR A OH  1 
ATOM   448 N N   . ARG A 1 60  ? 2.877   -10.228 0.820   1.00 41.94 ? 328  ARG A N   1 
ATOM   449 C CA  . ARG A 1 60  ? 3.547   -10.758 -0.394  1.00 47.88 ? 328  ARG A CA  1 
ATOM   450 C C   . ARG A 1 60  ? 3.425   -9.755  -1.567  1.00 46.22 ? 328  ARG A C   1 
ATOM   451 O O   . ARG A 1 60  ? 2.466   -8.973  -1.598  1.00 38.91 ? 328  ARG A O   1 
ATOM   452 C CB  . ARG A 1 60  ? 2.934   -12.128 -0.778  1.00 43.44 ? 328  ARG A CB  1 
ATOM   453 C CG  . ARG A 1 60  ? 1.434   -12.106 -0.871  1.00 50.44 ? 328  ARG A CG  1 
ATOM   454 C CD  . ARG A 1 60  ? 0.773   -13.505 -1.060  1.00 54.72 ? 328  ARG A CD  1 
ATOM   455 N NE  . ARG A 1 60  ? -0.207  -13.515 -2.154  1.00 60.91 ? 328  ARG A NE  1 
ATOM   456 C CZ  . ARG A 1 60  ? -1.517  -13.721 -2.009  1.00 66.64 ? 328  ARG A CZ  1 
ATOM   457 N NH1 . ARG A 1 60  ? -2.033  -13.940 -0.817  1.00 58.59 ? 328  ARG A NH1 1 
ATOM   458 N NH2 . ARG A 1 60  ? -2.333  -13.710 -3.060  1.00 67.72 ? 328  ARG A NH2 1 
ATOM   459 N N   . VAL A 1 61  ? 4.353   -9.798  -2.533  1.00 45.00 ? 329  VAL A N   1 
ATOM   460 C CA  . VAL A 1 61  ? 4.214   -8.968  -3.715  1.00 43.56 ? 329  VAL A CA  1 
ATOM   461 C C   . VAL A 1 61  ? 3.388   -9.533  -4.853  1.00 42.29 ? 329  VAL A C   1 
ATOM   462 O O   . VAL A 1 61  ? 3.294   -10.725 -4.972  1.00 48.13 ? 329  VAL A O   1 
ATOM   463 C CB  . VAL A 1 61  ? 5.485   -8.382  -4.266  1.00 44.40 ? 329  VAL A CB  1 
ATOM   464 C CG1 . VAL A 1 61  ? 6.578   -8.296  -3.253  1.00 48.05 ? 329  VAL A CG1 1 
ATOM   465 C CG2 . VAL A 1 61  ? 5.813   -9.016  -5.569  1.00 47.30 ? 329  VAL A CG2 1 
ATOM   466 N N   . LEU A 1 62  ? 2.717   -8.687  -5.634  1.00 39.03 ? 330  LEU A N   1 
ATOM   467 C CA  . LEU A 1 62  ? 1.835   -9.125  -6.710  1.00 37.31 ? 330  LEU A CA  1 
ATOM   468 C C   . LEU A 1 62  ? 2.419   -8.463  -7.942  1.00 36.75 ? 330  LEU A C   1 
ATOM   469 O O   . LEU A 1 62  ? 3.128   -7.472  -7.797  1.00 38.21 ? 330  LEU A O   1 
ATOM   470 C CB  . LEU A 1 62  ? 0.441   -8.531  -6.526  1.00 36.76 ? 330  LEU A CB  1 
ATOM   471 C CG  . LEU A 1 62  ? -0.289  -9.057  -5.298  1.00 47.50 ? 330  LEU A CG  1 
ATOM   472 C CD1 . LEU A 1 62  ? -1.641  -8.362  -5.080  1.00 49.16 ? 330  LEU A CD1 1 
ATOM   473 C CD2 . LEU A 1 62  ? -0.502  -10.564 -5.461  1.00 44.34 ? 330  LEU A CD2 1 
ATOM   474 N N   . ASP A 1 63  ? 2.080   -8.957  -9.130  1.00 36.12 ? 331  ASP A N   1 
ATOM   475 C CA  . ASP A 1 63  ? 2.394   -8.290  -10.395 1.00 39.92 ? 331  ASP A CA  1 
ATOM   476 C C   . ASP A 1 63  ? 3.888   -8.089  -10.676 1.00 39.26 ? 331  ASP A C   1 
ATOM   477 O O   . ASP A 1 63  ? 4.262   -7.253  -11.527 1.00 34.27 ? 331  ASP A O   1 
ATOM   478 C CB  . ASP A 1 63  ? 1.695   -6.913  -10.535 1.00 37.05 ? 331  ASP A CB  1 
ATOM   479 C CG  . ASP A 1 63  ? 0.173   -7.005  -10.505 1.00 32.75 ? 331  ASP A CG  1 
ATOM   480 O OD1 . ASP A 1 63  ? -0.395  -8.082  -10.194 1.00 49.63 ? 331  ASP A OD1 1 
ATOM   481 O OD2 . ASP A 1 63  ? -0.479  -5.991  -10.805 1.00 53.24 ? 331  ASP A OD2 1 
ATOM   482 N N   . ALA A 1 64  ? 4.748   -8.838  -9.997  1.00 38.09 ? 332  ALA A N   1 
ATOM   483 C CA  . ALA A 1 64  ? 6.180   -8.734  -10.329 1.00 45.69 ? 332  ALA A CA  1 
ATOM   484 C C   . ALA A 1 64  ? 6.387   -9.002  -11.849 1.00 47.18 ? 332  ALA A C   1 
ATOM   485 O O   . ALA A 1 64  ? 5.807   -9.968  -12.398 1.00 45.87 ? 332  ALA A O   1 
ATOM   486 C CB  . ALA A 1 64  ? 6.950   -9.766  -9.527  1.00 45.32 ? 332  ALA A CB  1 
ATOM   487 N N   . GLY A 1 65  ? 7.152   -8.118  -12.491 1.00 50.53 ? 333  GLY A N   1 
ATOM   488 C CA  . GLY A 1 65  ? 7.545   -8.232  -13.916 1.00 52.25 ? 333  GLY A CA  1 
ATOM   489 C C   . GLY A 1 65  ? 6.470   -7.974  -14.977 1.00 50.66 ? 333  GLY A C   1 
ATOM   490 O O   . GLY A 1 65  ? 6.614   -8.377  -16.112 1.00 53.89 ? 333  GLY A O   1 
ATOM   491 N N   . ASP A 1 66  ? 5.371   -7.329  -14.606 1.00 45.80 ? 334  ASP A N   1 
ATOM   492 C CA  . ASP A 1 66  ? 4.313   -6.973  -15.531 1.00 39.87 ? 334  ASP A CA  1 
ATOM   493 C C   . ASP A 1 66  ? 4.530   -5.539  -15.880 1.00 39.44 ? 334  ASP A C   1 
ATOM   494 O O   . ASP A 1 66  ? 4.338   -4.658  -15.048 1.00 40.48 ? 334  ASP A O   1 
ATOM   495 C CB  . ASP A 1 66  ? 2.936   -7.226  -14.914 1.00 32.95 ? 334  ASP A CB  1 
ATOM   496 C CG  . ASP A 1 66  ? 1.785   -6.690  -15.740 1.00 36.08 ? 334  ASP A CG  1 
ATOM   497 O OD1 . ASP A 1 66  ? 1.974   -6.259  -16.916 1.00 36.40 ? 334  ASP A OD1 1 
ATOM   498 O OD2 . ASP A 1 66  ? 0.647   -6.727  -15.189 1.00 38.96 ? 334  ASP A OD2 1 
ATOM   499 N N   . PRO A 1 67  ? 4.973   -5.307  -17.121 1.00 42.17 ? 335  PRO A N   1 
ATOM   500 C CA  . PRO A 1 67  ? 5.283   -3.969  -17.584 1.00 40.04 ? 335  PRO A CA  1 
ATOM   501 C C   . PRO A 1 67  ? 4.024   -3.209  -17.739 1.00 41.30 ? 335  PRO A C   1 
ATOM   502 O O   . PRO A 1 67  ? 4.063   -1.999  -17.807 1.00 43.11 ? 335  PRO A O   1 
ATOM   503 C CB  . PRO A 1 67  ? 5.913   -4.164  -18.968 1.00 38.17 ? 335  PRO A CB  1 
ATOM   504 C CG  . PRO A 1 67  ? 5.651   -5.545  -19.341 1.00 46.24 ? 335  PRO A CG  1 
ATOM   505 C CD  . PRO A 1 67  ? 5.245   -6.351  -18.122 1.00 43.06 ? 335  PRO A CD  1 
ATOM   506 N N   . THR A 1 68  ? 2.891   -3.893  -17.812 1.00 42.43 ? 336  THR A N   1 
ATOM   507 C CA  . THR A 1 68  ? 1.656   -3.130  -17.964 1.00 38.25 ? 336  THR A CA  1 
ATOM   508 C C   . THR A 1 68  ? 0.955   -2.759  -16.643 1.00 37.99 ? 336  THR A C   1 
ATOM   509 O O   . THR A 1 68  ? -0.130  -2.192  -16.733 1.00 38.30 ? 336  THR A O   1 
ATOM   510 C CB  . THR A 1 68  ? 0.643   -3.893  -18.872 1.00 38.71 ? 336  THR A CB  1 
ATOM   511 O OG1 . THR A 1 68  ? 0.187   -5.062  -18.158 1.00 34.43 ? 336  THR A OG1 1 
ATOM   512 C CG2 . THR A 1 68  ? 1.373   -4.333  -20.186 1.00 37.21 ? 336  THR A CG2 1 
ATOM   513 N N   . SER A 1 69  ? 1.460   -3.090  -15.441 1.00 33.56 ? 337  SER A N   1 
ATOM   514 C CA  . SER A 1 69  ? 0.605   -2.722  -14.287 1.00 34.05 ? 337  SER A CA  1 
ATOM   515 C C   . SER A 1 69  ? 0.837   -1.264  -13.920 1.00 34.14 ? 337  SER A C   1 
ATOM   516 O O   . SER A 1 69  ? 1.943   -0.755  -14.111 1.00 33.19 ? 337  SER A O   1 
ATOM   517 C CB  . SER A 1 69  ? 0.816   -3.570  -12.991 1.00 34.51 ? 337  SER A CB  1 
ATOM   518 O OG  . SER A 1 69  ? 2.161   -3.869  -12.973 1.00 43.89 ? 337  SER A OG  1 
ATOM   519 N N   . ARG A 1 70  ? -0.158  -0.658  -13.273 1.00 28.27 ? 338  ARG A N   1 
ATOM   520 C CA  . ARG A 1 70  ? -0.184  0.773   -13.082 1.00 36.02 ? 338  ARG A CA  1 
ATOM   521 C C   . ARG A 1 70  ? -0.707  0.929   -11.657 1.00 31.47 ? 338  ARG A C   1 
ATOM   522 O O   . ARG A 1 70  ? -1.501  0.117   -11.205 1.00 32.72 ? 338  ARG A O   1 
ATOM   523 C CB  . ARG A 1 70  ? -1.258  1.346   -14.014 1.00 35.04 ? 338  ARG A CB  1 
ATOM   524 C CG  . ARG A 1 70  ? -0.903  1.350   -15.483 1.00 50.57 ? 338  ARG A CG  1 
ATOM   525 C CD  . ARG A 1 70  ? -2.079  1.926   -16.313 1.00 50.87 ? 338  ARG A CD  1 
ATOM   526 N NE  . ARG A 1 70  ? -2.592  3.139   -15.684 1.00 70.09 ? 338  ARG A NE  1 
ATOM   527 C CZ  . ARG A 1 70  ? -2.769  4.280   -16.339 1.00 78.98 ? 338  ARG A CZ  1 
ATOM   528 N NH1 . ARG A 1 70  ? -2.504  4.313   -17.654 1.00 75.60 ? 338  ARG A NH1 1 
ATOM   529 N NH2 . ARG A 1 70  ? -3.186  5.366   -15.672 1.00 67.93 ? 338  ARG A NH2 1 
ATOM   530 N N   . GLY A 1 71  ? -0.291  1.968   -10.952 1.00 32.91 ? 339  GLY A N   1 
ATOM   531 C CA  . GLY A 1 71  ? -0.997  2.354   -9.747  1.00 32.00 ? 339  GLY A CA  1 
ATOM   532 C C   . GLY A 1 71  ? -0.291  3.590   -9.192  1.00 37.40 ? 339  GLY A C   1 
ATOM   533 O O   . GLY A 1 71  ? 0.195   4.387   -9.991  1.00 33.68 ? 339  GLY A O   1 
ATOM   534 N N   . LEU A 1 72  ? -0.285  3.797   -7.867  1.00 30.22 ? 340  LEU A N   1 
ATOM   535 C CA  . LEU A 1 72  ? 0.201   5.079   -7.328  1.00 32.75 ? 340  LEU A CA  1 
ATOM   536 C C   . LEU A 1 72  ? 1.397   4.815   -6.393  1.00 33.92 ? 340  LEU A C   1 
ATOM   537 O O   . LEU A 1 72  ? 1.455   3.771   -5.718  1.00 32.51 ? 340  LEU A O   1 
ATOM   538 C CB  . LEU A 1 72  ? -0.903  5.835   -6.593  1.00 31.81 ? 340  LEU A CB  1 
ATOM   539 C CG  . LEU A 1 72  ? -2.071  6.428   -7.430  1.00 36.43 ? 340  LEU A CG  1 
ATOM   540 C CD1 . LEU A 1 72  ? -3.110  7.011   -6.488  1.00 33.67 ? 340  LEU A CD1 1 
ATOM   541 C CD2 . LEU A 1 72  ? -1.522  7.519   -8.370  1.00 31.69 ? 340  LEU A CD2 1 
ATOM   542 N N   . PHE A 1 73  ? 2.367   5.725   -6.412  1.00 31.27 ? 341  PHE A N   1 
ATOM   543 C CA  . PHE A 1 73  ? 3.670   5.495   -5.869  1.00 32.90 ? 341  PHE A CA  1 
ATOM   544 C C   . PHE A 1 73  ? 3.960   6.523   -4.757  1.00 34.13 ? 341  PHE A C   1 
ATOM   545 O O   . PHE A 1 73  ? 3.739   7.689   -4.957  1.00 37.56 ? 341  PHE A O   1 
ATOM   546 C CB  . PHE A 1 73  ? 4.710   5.498   -6.990  1.00 32.56 ? 341  PHE A CB  1 
ATOM   547 C CG  . PHE A 1 73  ? 6.141   5.456   -6.495  1.00 34.34 ? 341  PHE A CG  1 
ATOM   548 C CD1 . PHE A 1 73  ? 6.721   4.267   -6.026  1.00 38.66 ? 341  PHE A CD1 1 
ATOM   549 C CD2 . PHE A 1 73  ? 6.906   6.605   -6.476  1.00 38.80 ? 341  PHE A CD2 1 
ATOM   550 C CE1 . PHE A 1 73  ? 8.032   4.233   -5.525  1.00 40.06 ? 341  PHE A CE1 1 
ATOM   551 C CE2 . PHE A 1 73  ? 8.243   6.572   -6.004  1.00 42.03 ? 341  PHE A CE2 1 
ATOM   552 C CZ  . PHE A 1 73  ? 8.795   5.405   -5.517  1.00 33.13 ? 341  PHE A CZ  1 
ATOM   553 N N   . CYS A 1 74  ? 4.469   6.108   -3.605  1.00 31.64 ? 342  CYS A N   1 
ATOM   554 C CA  . CYS A 1 74  ? 4.891   7.047   -2.540  1.00 32.38 ? 342  CYS A CA  1 
ATOM   555 C C   . CYS A 1 74  ? 6.427   6.969   -2.328  1.00 35.20 ? 342  CYS A C   1 
ATOM   556 O O   . CYS A 1 74  ? 6.952   5.904   -1.966  1.00 30.87 ? 342  CYS A O   1 
ATOM   557 C CB  . CYS A 1 74  ? 4.185   6.657   -1.211  1.00 30.97 ? 342  CYS A CB  1 
ATOM   558 S SG  . CYS A 1 74  ? 4.985   7.216   0.361   1.00 37.55 ? 342  CYS A SG  1 
ATOM   559 N N   . PRO A 1 75  ? 7.148   8.068   -2.588  1.00 34.04 ? 343  PRO A N   1 
ATOM   560 C CA  . PRO A 1 75  ? 8.608   7.991   -2.517  1.00 36.37 ? 343  PRO A CA  1 
ATOM   561 C C   . PRO A 1 75  ? 9.200   8.075   -1.132  1.00 36.23 ? 343  PRO A C   1 
ATOM   562 O O   . PRO A 1 75  ? 10.353  8.389   -1.013  1.00 41.43 ? 343  PRO A O   1 
ATOM   563 C CB  . PRO A 1 75  ? 9.077   9.200   -3.342  1.00 36.71 ? 343  PRO A CB  1 
ATOM   564 C CG  . PRO A 1 75  ? 7.951   10.218  -3.156  1.00 41.36 ? 343  PRO A CG  1 
ATOM   565 C CD  . PRO A 1 75  ? 6.663   9.366   -3.097  1.00 34.74 ? 343  PRO A CD  1 
ATOM   566 N N   . HIS A 1 76  ? 8.452   7.808   -0.075  1.00 38.83 ? 344  HIS A N   1 
ATOM   567 C CA  . HIS A 1 76  ? 9.067   7.829   1.248   1.00 40.01 ? 344  HIS A CA  1 
ATOM   568 C C   . HIS A 1 76  ? 8.860   6.545   1.967   1.00 38.35 ? 344  HIS A C   1 
ATOM   569 O O   . HIS A 1 76  ? 8.007   5.777   1.590   1.00 39.29 ? 344  HIS A O   1 
ATOM   570 C CB  . HIS A 1 76  ? 8.424   8.913   2.133   1.00 43.93 ? 344  HIS A CB  1 
ATOM   571 C CG  . HIS A 1 76  ? 8.687   10.295  1.666   1.00 38.17 ? 344  HIS A CG  1 
ATOM   572 N ND1 . HIS A 1 76  ? 9.810   11.005  2.051   1.00 45.03 ? 344  HIS A ND1 1 
ATOM   573 C CD2 . HIS A 1 76  ? 7.989   11.097  0.830   1.00 36.97 ? 344  HIS A CD2 1 
ATOM   574 C CE1 . HIS A 1 76  ? 9.804   12.183  1.446   1.00 34.48 ? 344  HIS A CE1 1 
ATOM   575 N NE2 . HIS A 1 76  ? 8.710   12.267  0.704   1.00 40.99 ? 344  HIS A NE2 1 
ATOM   576 N N   . GLN A 1 77  ? 9.621   6.328   3.029   1.00 39.02 ? 345  GLN A N   1 
ATOM   577 C CA  . GLN A 1 77  ? 9.587   5.049   3.729   1.00 38.43 ? 345  GLN A CA  1 
ATOM   578 C C   . GLN A 1 77  ? 8.178   4.659   4.184   1.00 41.97 ? 345  GLN A C   1 
ATOM   579 O O   . GLN A 1 77  ? 7.763   3.494   4.080   1.00 44.08 ? 345  GLN A O   1 
ATOM   580 C CB  . GLN A 1 77  ? 10.535  5.101   4.961   1.00 36.77 ? 345  GLN A CB  1 
ATOM   581 C CG  . GLN A 1 77  ? 12.049  5.116   4.605   1.00 40.14 ? 345  GLN A CG  1 
ATOM   582 C CD  . GLN A 1 77  ? 12.521  3.741   4.139   1.00 46.77 ? 345  GLN A CD  1 
ATOM   583 O OE1 . GLN A 1 77  ? 12.645  2.844   4.956   1.00 47.09 ? 345  GLN A OE1 1 
ATOM   584 N NE2 . GLN A 1 77  ? 12.691  3.546   2.812   1.00 37.04 ? 345  GLN A NE2 1 
ATOM   585 N N   . LYS A 1 78  ? 7.450   5.624   4.744   1.00 39.60 ? 346  LYS A N   1 
ATOM   586 C CA  . LYS A 1 78  ? 6.175   5.328   5.379   1.00 43.54 ? 346  LYS A CA  1 
ATOM   587 C C   . LYS A 1 78  ? 5.160   6.174   4.653   1.00 38.92 ? 346  LYS A C   1 
ATOM   588 O O   . LYS A 1 78  ? 5.450   7.309   4.266   1.00 35.04 ? 346  LYS A O   1 
ATOM   589 C CB  . LYS A 1 78  ? 6.182   5.720   6.865   1.00 48.94 ? 346  LYS A CB  1 
ATOM   590 C CG  . LYS A 1 78  ? 6.520   4.552   7.817   1.00 61.99 ? 346  LYS A CG  1 
ATOM   591 C CD  . LYS A 1 78  ? 7.233   5.044   9.091   1.00 68.98 ? 346  LYS A CD  1 
ATOM   592 C CE  . LYS A 1 78  ? 6.933   4.120   10.257  1.00 74.65 ? 346  LYS A CE  1 
ATOM   593 N NZ  . LYS A 1 78  ? 7.791   4.504   11.408  1.00 81.84 ? 346  LYS A NZ  1 
ATOM   594 N N   . LEU A 1 79  ? 4.013   5.563   4.401   1.00 34.56 ? 347  LEU A N   1 
ATOM   595 C CA  . LEU A 1 79  ? 2.934   6.264   3.740   1.00 38.82 ? 347  LEU A CA  1 
ATOM   596 C C   . LEU A 1 79  ? 2.566   7.509   4.540   1.00 38.47 ? 347  LEU A C   1 
ATOM   597 O O   . LEU A 1 79  ? 2.217   8.515   3.953   1.00 35.64 ? 347  LEU A O   1 
ATOM   598 C CB  . LEU A 1 79  ? 1.717   5.343   3.633   1.00 32.75 ? 347  LEU A CB  1 
ATOM   599 C CG  . LEU A 1 79  ? 1.691   4.188   2.643   1.00 39.21 ? 347  LEU A CG  1 
ATOM   600 C CD1 . LEU A 1 79  ? 0.253   3.597   2.614   1.00 31.64 ? 347  LEU A CD1 1 
ATOM   601 C CD2 . LEU A 1 79  ? 2.131   4.693   1.260   1.00 35.19 ? 347  LEU A CD2 1 
ATOM   602 N N   . SER A 1 80  ? 2.663   7.411   5.862   1.00 40.09 ? 348  SER A N   1 
ATOM   603 C CA  . SER A 1 80  ? 2.360   8.545   6.715   1.00 49.39 ? 348  SER A CA  1 
ATOM   604 C C   . SER A 1 80  ? 3.390   9.652   6.601   1.00 52.17 ? 348  SER A C   1 
ATOM   605 O O   . SER A 1 80  ? 3.253   10.639  7.311   1.00 50.64 ? 348  SER A O   1 
ATOM   606 C CB  . SER A 1 80  ? 2.316   8.121   8.172   1.00 48.52 ? 348  SER A CB  1 
ATOM   607 O OG  . SER A 1 80  ? 3.626   7.737   8.596   1.00 53.70 ? 348  SER A OG  1 
ATOM   608 N N   . GLN A 1 81  ? 4.411   9.482   5.741   1.00 53.41 ? 349  GLN A N   1 
ATOM   609 C CA  . GLN A 1 81  ? 5.448   10.499  5.480   1.00 48.54 ? 349  GLN A CA  1 
ATOM   610 C C   . GLN A 1 81  ? 5.156   11.067  4.134   1.00 48.17 ? 349  GLN A C   1 
ATOM   611 O O   . GLN A 1 81  ? 5.777   12.050  3.760   1.00 49.12 ? 349  GLN A O   1 
ATOM   612 C CB  . GLN A 1 81  ? 6.888   9.954   5.469   1.00 48.19 ? 349  GLN A CB  1 
ATOM   613 C CG  . GLN A 1 81  ? 7.484   9.549   6.830   1.00 48.77 ? 349  GLN A CG  1 
ATOM   614 C CD  . GLN A 1 81  ? 8.697   8.594   6.721   1.00 55.14 ? 349  GLN A CD  1 
ATOM   615 O OE1 . GLN A 1 81  ? 8.571   7.417   6.380   1.00 64.15 ? 349  GLN A OE1 1 
ATOM   616 N NE2 . GLN A 1 81  ? 9.867   9.095   7.069   1.00 61.20 ? 349  GLN A NE2 1 
ATOM   617 N N   . CYS A 1 82  ? 4.243   10.455  3.372   1.00 46.55 ? 350  CYS A N   1 
ATOM   618 C CA  . CYS A 1 82  ? 3.905   11.009  2.050   1.00 47.30 ? 350  CYS A CA  1 
ATOM   619 C C   . CYS A 1 82  ? 2.776   12.034  2.207   1.00 49.13 ? 350  CYS A C   1 
ATOM   620 O O   . CYS A 1 82  ? 1.920   11.921  3.093   1.00 52.20 ? 350  CYS A O   1 
ATOM   621 C CB  . CYS A 1 82  ? 3.517   9.930   1.018   1.00 44.03 ? 350  CYS A CB  1 
ATOM   622 S SG  . CYS A 1 82  ? 4.964   9.221   0.123   1.00 54.66 ? 350  CYS A SG  1 
ATOM   623 N N   . HIS A 1 83  ? 2.767   13.031  1.349   1.00 48.13 ? 351  HIS A N   1 
ATOM   624 C CA  . HIS A 1 83  ? 1.697   14.008  1.375   1.00 54.34 ? 351  HIS A CA  1 
ATOM   625 C C   . HIS A 1 83  ? 1.323   14.171  -0.074  1.00 53.18 ? 351  HIS A C   1 
ATOM   626 O O   . HIS A 1 83  ? 0.629   15.077  -0.451  1.00 54.43 ? 351  HIS A O   1 
ATOM   627 C CB  . HIS A 1 83  ? 2.103   15.308  2.120   1.00 51.59 ? 351  HIS A CB  1 
ATOM   628 C CG  . HIS A 1 83  ? 2.361   15.061  3.572   1.00 49.89 ? 351  HIS A CG  1 
ATOM   629 N ND1 . HIS A 1 83  ? 3.621   15.102  4.120   1.00 53.14 ? 351  HIS A ND1 1 
ATOM   630 C CD2 . HIS A 1 83  ? 1.546   14.602  4.555   1.00 52.17 ? 351  HIS A CD2 1 
ATOM   631 C CE1 . HIS A 1 83  ? 3.579   14.713  5.384   1.00 51.07 ? 351  HIS A CE1 1 
ATOM   632 N NE2 . HIS A 1 83  ? 2.326   14.406  5.673   1.00 60.14 ? 351  HIS A NE2 1 
ATOM   633 N N   . GLU A 1 84  ? 1.776   13.234  -0.889  1.00 54.09 ? 352  GLU A N   1 
ATOM   634 C CA  . GLU A 1 84  ? 1.577   13.355  -2.326  1.00 56.10 ? 352  GLU A CA  1 
ATOM   635 C C   . GLU A 1 84  ? 1.949   12.034  -3.034  1.00 53.42 ? 352  GLU A C   1 
ATOM   636 O O   . GLU A 1 84  ? 2.924   11.370  -2.617  1.00 54.37 ? 352  GLU A O   1 
ATOM   637 C CB  . GLU A 1 84  ? 2.442   14.497  -2.849  1.00 52.55 ? 352  GLU A CB  1 
ATOM   638 C CG  . GLU A 1 84  ? 2.233   14.728  -4.325  1.00 61.04 ? 352  GLU A CG  1 
ATOM   639 C CD  . GLU A 1 84  ? 3.012   15.927  -4.834  1.00 71.04 ? 352  GLU A CD  1 
ATOM   640 O OE1 . GLU A 1 84  ? 3.413   16.757  -3.993  1.00 70.57 ? 352  GLU A OE1 1 
ATOM   641 O OE2 . GLU A 1 84  ? 3.216   16.043  -6.067  1.00 73.61 ? 352  GLU A OE2 1 
ATOM   642 N N   . LEU A 1 85  ? 1.183   11.653  -4.066  1.00 48.51 ? 353  LEU A N   1 
ATOM   643 C CA  . LEU A 1 85  ? 1.334   10.325  -4.689  1.00 43.15 ? 353  LEU A CA  1 
ATOM   644 C C   . LEU A 1 85  ? 1.655   10.594  -6.146  1.00 46.72 ? 353  LEU A C   1 
ATOM   645 O O   . LEU A 1 85  ? 1.134   11.543  -6.681  1.00 50.65 ? 353  LEU A O   1 
ATOM   646 C CB  . LEU A 1 85  ? 0.048   9.501   -4.553  1.00 39.86 ? 353  LEU A CB  1 
ATOM   647 C CG  . LEU A 1 85  ? -0.309  8.982   -3.159  1.00 38.82 ? 353  LEU A CG  1 
ATOM   648 C CD1 . LEU A 1 85  ? -1.601  8.219   -3.093  1.00 31.11 ? 353  LEU A CD1 1 
ATOM   649 C CD2 . LEU A 1 85  ? 0.793   8.167   -2.512  1.00 32.28 ? 353  LEU A CD2 1 
ATOM   650 N N   . TRP A 1 86  ? 2.505   9.800   -6.790  1.00 44.85 ? 354  TRP A N   1 
ATOM   651 C CA  . TRP A 1 86  ? 2.762   9.930   -8.204  1.00 42.87 ? 354  TRP A CA  1 
ATOM   652 C C   . TRP A 1 86  ? 2.211   8.694   -8.954  1.00 45.98 ? 354  TRP A C   1 
ATOM   653 O O   . TRP A 1 86  ? 2.242   7.579   -8.442  1.00 45.70 ? 354  TRP A O   1 
ATOM   654 C CB  . TRP A 1 86  ? 4.279   10.051  -8.429  1.00 47.58 ? 354  TRP A CB  1 
ATOM   655 C CG  . TRP A 1 86  ? 4.837   11.401  -8.049  1.00 57.51 ? 354  TRP A CG  1 
ATOM   656 C CD1 . TRP A 1 86  ? 5.238   12.410  -8.920  1.00 62.45 ? 354  TRP A CD1 1 
ATOM   657 C CD2 . TRP A 1 86  ? 5.026   11.927  -6.723  1.00 49.00 ? 354  TRP A CD2 1 
ATOM   658 N NE1 . TRP A 1 86  ? 5.663   13.513  -8.202  1.00 63.36 ? 354  TRP A NE1 1 
ATOM   659 C CE2 . TRP A 1 86  ? 5.548   13.245  -6.860  1.00 64.10 ? 354  TRP A CE2 1 
ATOM   660 C CE3 . TRP A 1 86  ? 4.797   11.424  -5.438  1.00 59.74 ? 354  TRP A CE3 1 
ATOM   661 C CZ2 . TRP A 1 86  ? 5.863   14.055  -5.753  1.00 60.28 ? 354  TRP A CZ2 1 
ATOM   662 C CZ3 . TRP A 1 86  ? 5.096   12.235  -4.330  1.00 61.39 ? 354  TRP A CZ3 1 
ATOM   663 C CH2 . TRP A 1 86  ? 5.641   13.535  -4.498  1.00 66.47 ? 354  TRP A CH2 1 
ATOM   664 N N   . GLU A 1 87  ? 1.761   8.881   -10.189 1.00 42.73 ? 355  GLU A N   1 
ATOM   665 C CA  . GLU A 1 87  ? 1.405   7.790   -11.068 1.00 44.41 ? 355  GLU A CA  1 
ATOM   666 C C   . GLU A 1 87  ? 2.609   6.974   -11.483 1.00 43.18 ? 355  GLU A C   1 
ATOM   667 O O   . GLU A 1 87  ? 3.608   7.518   -11.940 1.00 40.24 ? 355  GLU A O   1 
ATOM   668 C CB  . GLU A 1 87  ? 0.685   8.336   -12.290 1.00 45.42 ? 355  GLU A CB  1 
ATOM   669 C CG  . GLU A 1 87  ? -0.678  8.904   -11.901 1.00 46.07 ? 355  GLU A CG  1 
ATOM   670 C CD  . GLU A 1 87  ? -1.591  9.070   -13.096 1.00 61.11 ? 355  GLU A CD  1 
ATOM   671 O OE1 . GLU A 1 87  ? -1.100  8.867   -14.233 1.00 53.47 ? 355  GLU A OE1 1 
ATOM   672 O OE2 . GLU A 1 87  ? -2.780  9.413   -12.885 1.00 59.96 ? 355  GLU A OE2 1 
ATOM   673 N N   . ARG A 1 88  ? 2.522   5.661   -11.314 1.00 36.62 ? 356  ARG A N   1 
ATOM   674 C CA  . ARG A 1 88  ? 3.482   4.821   -12.001 1.00 39.45 ? 356  ARG A CA  1 
ATOM   675 C C   . ARG A 1 88  ? 2.713   3.981   -13.018 1.00 40.54 ? 356  ARG A C   1 
ATOM   676 O O   . ARG A 1 88  ? 1.823   3.203   -12.650 1.00 39.64 ? 356  ARG A O   1 
ATOM   677 C CB  . ARG A 1 88  ? 4.216   3.923   -10.992 1.00 37.36 ? 356  ARG A CB  1 
ATOM   678 C CG  . ARG A 1 88  ? 5.190   2.921   -11.603 1.00 44.49 ? 356  ARG A CG  1 
ATOM   679 C CD  . ARG A 1 88  ? 6.052   2.391   -10.481 1.00 48.16 ? 356  ARG A CD  1 
ATOM   680 N NE  . ARG A 1 88  ? 6.873   3.508   -10.046 1.00 58.88 ? 356  ARG A NE  1 
ATOM   681 C CZ  . ARG A 1 88  ? 8.045   3.382   -9.433  1.00 58.37 ? 356  ARG A CZ  1 
ATOM   682 N NH1 . ARG A 1 88  ? 8.502   2.190   -9.127  1.00 63.45 ? 356  ARG A NH1 1 
ATOM   683 N NH2 . ARG A 1 88  ? 8.739   4.452   -9.082  1.00 59.94 ? 356  ARG A NH2 1 
ATOM   684 N N   . ASN A 1 89  ? 3.098   4.095   -14.284 1.00 40.45 ? 357  ASN A N   1 
ATOM   685 C CA  . ASN A 1 89  ? 2.210   3.656   -15.359 1.00 44.55 ? 357  ASN A CA  1 
ATOM   686 C C   . ASN A 1 89  ? 2.732   2.414   -16.039 1.00 43.64 ? 357  ASN A C   1 
ATOM   687 O O   . ASN A 1 89  ? 2.124   1.936   -16.984 1.00 47.23 ? 357  ASN A O   1 
ATOM   688 C CB  . ASN A 1 89  ? 1.888   4.804   -16.332 1.00 45.23 ? 357  ASN A CB  1 
ATOM   689 C CG  . ASN A 1 89  ? 0.917   5.783   -15.708 1.00 47.59 ? 357  ASN A CG  1 
ATOM   690 O OD1 . ASN A 1 89  ? -0.059  5.370   -15.085 1.00 51.13 ? 357  ASN A OD1 1 
ATOM   691 N ND2 . ASN A 1 89  ? 1.211   7.065   -15.800 1.00 47.78 ? 357  ASN A ND2 1 
ATOM   692 N N   . SER A 1 90  ? 3.833   1.881   -15.510 1.00 38.37 ? 358  SER A N   1 
ATOM   693 C CA  . SER A 1 90  ? 4.343   0.590   -15.912 1.00 37.09 ? 358  SER A CA  1 
ATOM   694 C C   . SER A 1 90  ? 5.136   -0.014  -14.750 1.00 36.25 ? 358  SER A C   1 
ATOM   695 O O   . SER A 1 90  ? 5.566   0.675   -13.831 1.00 41.01 ? 358  SER A O   1 
ATOM   696 C CB  . SER A 1 90  ? 5.271   0.741   -17.122 1.00 37.40 ? 358  SER A CB  1 
ATOM   697 O OG  . SER A 1 90  ? 6.374   1.571   -16.813 1.00 36.81 ? 358  SER A OG  1 
ATOM   698 N N   . TYR A 1 91  ? 5.291   -1.324  -14.766 1.00 36.94 ? 359  TYR A N   1 
ATOM   699 C CA  . TYR A 1 91  ? 6.038   -2.005  -13.730 1.00 38.31 ? 359  TYR A CA  1 
ATOM   700 C C   . TYR A 1 91  ? 5.549   -1.630  -12.308 1.00 40.19 ? 359  TYR A C   1 
ATOM   701 O O   . TYR A 1 91  ? 6.355   -1.357  -11.418 1.00 42.88 ? 359  TYR A O   1 
ATOM   702 C CB  . TYR A 1 91  ? 7.545   -1.750  -13.927 1.00 37.04 ? 359  TYR A CB  1 
ATOM   703 C CG  . TYR A 1 91  ? 8.048   -2.404  -15.184 1.00 37.52 ? 359  TYR A CG  1 
ATOM   704 C CD1 . TYR A 1 91  ? 8.256   -3.780  -15.229 1.00 36.41 ? 359  TYR A CD1 1 
ATOM   705 C CD2 . TYR A 1 91  ? 8.285   -1.653  -16.336 1.00 35.66 ? 359  TYR A CD2 1 
ATOM   706 C CE1 . TYR A 1 91  ? 8.713   -4.425  -16.394 1.00 39.35 ? 359  TYR A CE1 1 
ATOM   707 C CE2 . TYR A 1 91  ? 8.730   -2.273  -17.511 1.00 41.29 ? 359  TYR A CE2 1 
ATOM   708 C CZ  . TYR A 1 91  ? 8.944   -3.652  -17.526 1.00 43.08 ? 359  TYR A CZ  1 
ATOM   709 O OH  . TYR A 1 91  ? 9.381   -4.269  -18.663 1.00 45.99 ? 359  TYR A OH  1 
ATOM   710 N N   . CYS A 1 92  ? 4.245   -1.626  -12.064 1.00 35.95 ? 360  CYS A N   1 
ATOM   711 C CA  . CYS A 1 92  ? 3.792   -1.397  -10.682 1.00 32.90 ? 360  CYS A CA  1 
ATOM   712 C C   . CYS A 1 92  ? 3.796   -2.742  -9.972  1.00 28.01 ? 360  CYS A C   1 
ATOM   713 O O   . CYS A 1 92  ? 2.940   -3.558  -10.237 1.00 35.42 ? 360  CYS A O   1 
ATOM   714 C CB  . CYS A 1 92  ? 2.379   -0.820  -10.720 1.00 30.50 ? 360  CYS A CB  1 
ATOM   715 S SG  . CYS A 1 92  ? 1.573   -0.517  -9.130  1.00 33.55 ? 360  CYS A SG  1 
ATOM   716 N N   . LYS A 1 93  ? 4.718   -2.988  -9.043  1.00 32.70 ? 361  LYS A N   1 
ATOM   717 C CA  . LYS A 1 93  ? 4.573   -4.081  -8.135  1.00 34.05 ? 361  LYS A CA  1 
ATOM   718 C C   . LYS A 1 93  ? 3.699   -3.686  -6.939  1.00 32.14 ? 361  LYS A C   1 
ATOM   719 O O   . LYS A 1 93  ? 4.046   -2.821  -6.130  1.00 32.61 ? 361  LYS A O   1 
ATOM   720 C CB  . LYS A 1 93  ? 5.931   -4.616  -7.610  1.00 33.53 ? 361  LYS A CB  1 
ATOM   721 C CG  . LYS A 1 93  ? 6.996   -4.860  -8.590  1.00 50.18 ? 361  LYS A CG  1 
ATOM   722 C CD  . LYS A 1 93  ? 8.086   -5.717  -7.897  1.00 63.91 ? 361  LYS A CD  1 
ATOM   723 C CE  . LYS A 1 93  ? 9.205   -4.879  -7.273  1.00 72.89 ? 361  LYS A CE  1 
ATOM   724 N NZ  . LYS A 1 93  ? 9.482   -5.296  -5.861  1.00 81.74 ? 361  LYS A NZ  1 
ATOM   725 N N   . LYS A 1 94  ? 2.650   -4.451  -6.750  1.00 33.24 ? 362  LYS A N   1 
ATOM   726 C CA  . LYS A 1 94  ? 1.702   -4.275  -5.643  1.00 32.50 ? 362  LYS A CA  1 
ATOM   727 C C   . LYS A 1 94  ? 1.918   -5.208  -4.437  1.00 33.04 ? 362  LYS A C   1 
ATOM   728 O O   . LYS A 1 94  ? 2.840   -6.018  -4.415  1.00 34.80 ? 362  LYS A O   1 
ATOM   729 C CB  . LYS A 1 94  ? 0.334   -4.537  -6.241  1.00 29.91 ? 362  LYS A CB  1 
ATOM   730 C CG  . LYS A 1 94  ? 0.120   -3.691  -7.518  1.00 28.99 ? 362  LYS A CG  1 
ATOM   731 C CD  . LYS A 1 94  ? -1.175  -4.086  -8.209  1.00 33.44 ? 362  LYS A CD  1 
ATOM   732 C CE  . LYS A 1 94  ? -1.367  -3.293  -9.516  1.00 31.10 ? 362  LYS A CE  1 
ATOM   733 N NZ  . LYS A 1 94  ? -2.684  -3.558  -10.181 1.00 32.30 ? 362  LYS A NZ  1 
ATOM   734 N N   . VAL A 1 95  ? 1.086   -5.099  -3.404  1.00 30.24 ? 363  VAL A N   1 
ATOM   735 C CA  . VAL A 1 95  ? 1.341   -5.849  -2.183  1.00 27.33 ? 363  VAL A CA  1 
ATOM   736 C C   . VAL A 1 95  ? 0.024   -6.320  -1.663  1.00 31.03 ? 363  VAL A C   1 
ATOM   737 O O   . VAL A 1 95  ? -0.968  -5.563  -1.641  1.00 27.76 ? 363  VAL A O   1 
ATOM   738 C CB  . VAL A 1 95  ? 2.020   -4.999  -1.099  1.00 30.23 ? 363  VAL A CB  1 
ATOM   739 C CG1 . VAL A 1 95  ? 2.492   -5.859  0.095   1.00 33.41 ? 363  VAL A CG1 1 
ATOM   740 C CG2 . VAL A 1 95  ? 3.223   -4.320  -1.711  1.00 30.38 ? 363  VAL A CG2 1 
ATOM   741 N N   . PHE A 1 96  ? 0.003   -7.610  -1.353  1.00 32.07 ? 364  PHE A N   1 
ATOM   742 C CA  . PHE A 1 96  ? -1.132  -8.202  -0.678  1.00 34.77 ? 364  PHE A CA  1 
ATOM   743 C C   . PHE A 1 96  ? -0.714  -8.296  0.789   1.00 36.47 ? 364  PHE A C   1 
ATOM   744 O O   . PHE A 1 96  ? 0.419   -8.670  1.091   1.00 34.92 ? 364  PHE A O   1 
ATOM   745 C CB  . PHE A 1 96  ? -1.472  -9.578  -1.271  1.00 32.93 ? 364  PHE A CB  1 
ATOM   746 C CG  . PHE A 1 96  ? -2.636  -10.253 -0.579  1.00 32.52 ? 364  PHE A CG  1 
ATOM   747 C CD1 . PHE A 1 96  ? -3.890  -10.189 -1.100  1.00 35.38 ? 364  PHE A CD1 1 
ATOM   748 C CD2 . PHE A 1 96  ? -2.450  -10.927 0.619   1.00 38.12 ? 364  PHE A CD2 1 
ATOM   749 C CE1 . PHE A 1 96  ? -4.945  -10.811 -0.451  1.00 39.20 ? 364  PHE A CE1 1 
ATOM   750 C CE2 . PHE A 1 96  ? -3.519  -11.577 1.269   1.00 34.52 ? 364  PHE A CE2 1 
ATOM   751 C CZ  . PHE A 1 96  ? -4.743  -11.514 0.721   1.00 35.78 ? 364  PHE A CZ  1 
ATOM   752 N N   . VAL A 1 97  ? -1.564  -7.842  1.704   1.00 34.70 ? 365  VAL A N   1 
ATOM   753 C CA  . VAL A 1 97  ? -1.154  -7.796  3.125   1.00 33.43 ? 365  VAL A CA  1 
ATOM   754 C C   . VAL A 1 97  ? -2.140  -8.614  3.951   1.00 33.45 ? 365  VAL A C   1 
ATOM   755 O O   . VAL A 1 97  ? -3.332  -8.584  3.689   1.00 34.88 ? 365  VAL A O   1 
ATOM   756 C CB  . VAL A 1 97  ? -1.158  -6.337  3.631   1.00 37.33 ? 365  VAL A CB  1 
ATOM   757 C CG1 . VAL A 1 97  ? -1.184  -6.248  5.111   1.00 33.09 ? 365  VAL A CG1 1 
ATOM   758 C CG2 . VAL A 1 97  ? 0.053   -5.597  3.068   1.00 27.29 ? 365  VAL A CG2 1 
ATOM   759 N N   . THR A 1 98  ? -1.659  -9.361  4.943   1.00 37.16 ? 366  THR A N   1 
ATOM   760 C CA  . THR A 1 98  ? -2.620  -10.116 5.823   1.00 41.70 ? 366  THR A CA  1 
ATOM   761 C C   . THR A 1 98  ? -2.453  -9.617  7.239   1.00 33.93 ? 366  THR A C   1 
ATOM   762 O O   . THR A 1 98  ? -1.349  -9.612  7.733   1.00 34.95 ? 366  THR A O   1 
ATOM   763 C CB  . THR A 1 98  ? -2.342  -11.700 5.827   1.00 43.23 ? 366  THR A CB  1 
ATOM   764 O OG1 . THR A 1 98  ? -2.612  -12.208 4.497   1.00 49.36 ? 366  THR A OG1 1 
ATOM   765 C CG2 . THR A 1 98  ? -3.311  -12.401 6.836   1.00 42.95 ? 366  THR A CG2 1 
ATOM   766 N N   . CYS A 1 99  ? -3.498  -9.080  7.834   1.00 36.46 ? 367  CYS A N   1 
ATOM   767 C CA  . CYS A 1 99  ? -3.338  -8.426  9.129   1.00 40.62 ? 367  CYS A CA  1 
ATOM   768 C C   . CYS A 1 99  ? -3.723  -9.456  10.207  1.00 43.43 ? 367  CYS A C   1 
ATOM   769 O O   . CYS A 1 99  ? -4.247  -10.532 9.876   1.00 41.85 ? 367  CYS A O   1 
ATOM   770 C CB  . CYS A 1 99  ? -4.244  -7.162  9.229   1.00 41.09 ? 367  CYS A CB  1 
ATOM   771 S SG  . CYS A 1 99  ? -3.857  -5.799  8.044   1.00 36.45 ? 367  CYS A SG  1 
ATOM   772 N N   . GLN A 1 100 ? -3.424  -9.126  11.466  1.00 46.41 ? 368  GLN A N   1 
ATOM   773 C CA  . GLN A 1 100 ? -3.868  -9.854  12.675  1.00 48.57 ? 368  GLN A CA  1 
ATOM   774 C C   . GLN A 1 100 ? -5.374  -9.833  12.937  1.00 49.72 ? 368  GLN A C   1 
ATOM   775 O O   . GLN A 1 100 ? -5.983  -10.882 13.092  1.00 54.78 ? 368  GLN A O   1 
ATOM   776 C CB  . GLN A 1 100 ? -3.144  -9.256  13.892  1.00 47.03 ? 368  GLN A CB  1 
ATOM   777 C CG  . GLN A 1 100 ? -3.643  -9.732  15.254  1.00 50.71 ? 368  GLN A CG  1 
ATOM   778 C CD  . GLN A 1 100 ? -3.122  -8.871  16.409  1.00 54.75 ? 368  GLN A CD  1 
ATOM   779 O OE1 . GLN A 1 100 ? -2.320  -7.945  16.231  1.00 55.85 ? 368  GLN A OE1 1 
ATOM   780 N NE2 . GLN A 1 100 ? -3.606  -9.168  17.603  1.00 70.67 ? 368  GLN A NE2 1 
ATOM   781 N N   . ASP A 1 101 ? -5.957  -8.641  12.999  1.00 51.83 ? 369  ASP A N   1 
ATOM   782 C CA  . ASP A 1 101 ? -7.295  -8.317  13.551  1.00 53.65 ? 369  ASP A CA  1 
ATOM   783 C C   . ASP A 1 101 ? -7.381  -7.436  14.820  1.00 54.27 ? 369  ASP A C   1 
ATOM   784 O O   . ASP A 1 101 ? -8.061  -6.436  14.965  1.00 53.58 ? 369  ASP A O   1 
ATOM   785 C CB  . ASP A 1 101 ? -8.104  -9.558  13.691  1.00 54.80 ? 369  ASP A CB  1 
ATOM   786 C CG  . ASP A 1 101 ? -8.598  -10.007 12.387  1.00 57.34 ? 369  ASP A CG  1 
ATOM   787 O OD1 . ASP A 1 101 ? -7.732  -10.120 11.489  1.00 48.02 ? 369  ASP A OD1 1 
ATOM   788 O OD2 . ASP A 1 101 ? -9.836  -10.158 12.277  1.00 65.64 ? 369  ASP A OD2 1 
ATOM   789 O OXT . ASP A 1 101 ? -6.692  -7.646  15.793  1.00 57.99 ? 369  ASP A OXT 1 
HETATM 790 O O   . HOH B 2 .   ? 0.801   3.363   13.189  1.00 63.55 ? 2001 HOH A O   1 
HETATM 791 O O   . HOH B 2 .   ? 8.472   -4.785  -11.351 1.00 43.80 ? 2002 HOH A O   1 
HETATM 792 O O   . HOH B 2 .   ? 10.377  13.150  -2.486  1.00 51.93 ? 2003 HOH A O   1 
HETATM 793 O O   . HOH B 2 .   ? -2.522  11.125  -8.797  1.00 64.74 ? 2004 HOH A O   1 
HETATM 794 O O   . HOH B 2 .   ? -0.404  22.367  6.920   0.50 30.08 ? 2005 HOH A O   1 
HETATM 795 O O   . HOH B 2 .   ? 1.462   16.710  11.875  1.00 72.53 ? 2006 HOH A O   1 
HETATM 796 O O   . HOH B 2 .   ? -0.237  17.632  10.590  0.50 43.90 ? 2007 HOH A O   1 
HETATM 797 O O   . HOH B 2 .   ? 2.725   17.470  8.552   1.00 58.41 ? 2008 HOH A O   1 
HETATM 798 O O   . HOH B 2 .   ? -0.737  7.954   5.766   1.00 40.02 ? 2009 HOH A O   1 
HETATM 799 O O   . HOH B 2 .   ? 0.096   10.771  4.933   1.00 53.57 ? 2010 HOH A O   1 
HETATM 800 O O   . HOH B 2 .   ? -7.825  11.754  0.421   1.00 60.10 ? 2011 HOH A O   1 
HETATM 801 O O   . HOH B 2 .   ? -6.368  5.125   5.748   1.00 44.80 ? 2012 HOH A O   1 
HETATM 802 O O   . HOH B 2 .   ? -12.968 2.795   0.898   1.00 56.32 ? 2013 HOH A O   1 
HETATM 803 O O   . HOH B 2 .   ? -12.356 3.014   -6.592  1.00 56.75 ? 2014 HOH A O   1 
HETATM 804 O O   . HOH B 2 .   ? -14.208 3.180   -4.388  1.00 58.42 ? 2015 HOH A O   1 
HETATM 805 O O   . HOH B 2 .   ? -12.785 -4.999  -0.904  0.50 34.42 ? 2016 HOH A O   1 
HETATM 806 O O   . HOH B 2 .   ? -10.054 -7.115  1.962   1.00 44.17 ? 2017 HOH A O   1 
HETATM 807 O O   . HOH B 2 .   ? -6.492  -8.951  -2.580  1.00 39.84 ? 2018 HOH A O   1 
HETATM 808 O O   . HOH B 2 .   ? -5.382  10.148  -5.016  1.00 39.91 ? 2019 HOH A O   1 
HETATM 809 O O   . HOH B 2 .   ? -0.540  -2.739  -3.729  1.00 21.48 ? 2020 HOH A O   1 
HETATM 810 O O   . HOH B 2 .   ? 5.345   3.453   -3.071  1.00 29.65 ? 2021 HOH A O   1 
HETATM 811 O O   . HOH B 2 .   ? 7.506   -4.379  -2.020  1.00 49.58 ? 2022 HOH A O   1 
HETATM 812 O O   . HOH B 2 .   ? 8.080   -1.279  1.789   1.00 34.47 ? 2023 HOH A O   1 
HETATM 813 O O   . HOH B 2 .   ? 14.598  -0.013  -5.397  1.00 50.94 ? 2024 HOH A O   1 
HETATM 814 O O   . HOH B 2 .   ? 5.317   -12.074 5.253   1.00 48.29 ? 2025 HOH A O   1 
HETATM 815 O O   . HOH B 2 .   ? 7.671   -1.613  4.368   1.00 35.27 ? 2026 HOH A O   1 
HETATM 816 O O   . HOH B 2 .   ? 8.214   -4.165  1.710   1.00 49.24 ? 2027 HOH A O   1 
HETATM 817 O O   . HOH B 2 .   ? 5.485   0.966   11.079  1.00 48.47 ? 2028 HOH A O   1 
HETATM 818 O O   . HOH B 2 .   ? -0.235  5.905   6.948   1.00 40.95 ? 2029 HOH A O   1 
HETATM 819 O O   . HOH B 2 .   ? 2.793   2.906   5.658   1.00 42.14 ? 2030 HOH A O   1 
HETATM 820 O O   . HOH B 2 .   ? 3.102   1.277   12.844  1.00 50.92 ? 2031 HOH A O   1 
HETATM 821 O O   . HOH B 2 .   ? -0.452  1.440   16.796  1.00 58.92 ? 2032 HOH A O   1 
HETATM 822 O O   . HOH B 2 .   ? -1.244  5.585   9.152   1.00 56.55 ? 2033 HOH A O   1 
HETATM 823 O O   . HOH B 2 .   ? -9.256  -1.953  4.535   1.00 48.94 ? 2034 HOH A O   1 
HETATM 824 O O   . HOH B 2 .   ? -13.077 -1.205  13.061  0.50 23.02 ? 2035 HOH A O   1 
HETATM 825 O O   . HOH B 2 .   ? 3.593   -8.947  13.707  1.00 58.66 ? 2036 HOH A O   1 
HETATM 826 O O   . HOH B 2 .   ? -2.315  -14.596 9.560   1.00 55.33 ? 2037 HOH A O   1 
HETATM 827 O O   . HOH B 2 .   ? 0.014   -12.402 3.107   1.00 38.33 ? 2038 HOH A O   1 
HETATM 828 O O   . HOH B 2 .   ? 9.016   -9.094  7.391   1.00 60.31 ? 2039 HOH A O   1 
HETATM 829 O O   . HOH B 2 .   ? -0.693  -14.498 1.582   1.00 56.85 ? 2040 HOH A O   1 
HETATM 830 O O   . HOH B 2 .   ? -4.830  -13.121 -3.469  1.00 57.66 ? 2041 HOH A O   1 
HETATM 831 O O   . HOH B 2 .   ? 6.836   -11.648 -1.685  1.00 38.33 ? 2042 HOH A O   1 
HETATM 832 O O   . HOH B 2 .   ? 0.871   -11.589 -8.922  1.00 49.58 ? 2043 HOH A O   1 
HETATM 833 O O   . HOH B 2 .   ? 5.074   -4.996  -12.293 1.00 33.39 ? 2044 HOH A O   1 
HETATM 834 O O   . HOH B 2 .   ? -1.793  -5.102  -12.917 0.50 32.88 ? 2045 HOH A O   1 
HETATM 835 O O   . HOH B 2 .   ? 5.735   12.743  -0.855  1.00 53.07 ? 2046 HOH A O   1 
HETATM 836 O O   . HOH B 2 .   ? 8.231   14.048  -1.531  1.00 55.55 ? 2047 HOH A O   1 
HETATM 837 O O   . HOH B 2 .   ? 1.978   14.153  -8.049  1.00 63.35 ? 2048 HOH A O   1 
HETATM 838 O O   . HOH B 2 .   ? -1.364  12.893  -4.424  1.00 42.83 ? 2049 HOH A O   1 
HETATM 839 O O   . HOH B 2 .   ? 0.566   10.935  -14.807 1.00 62.01 ? 2050 HOH A O   1 
HETATM 840 O O   . HOH B 2 .   ? 5.225   5.824   -14.931 1.00 45.25 ? 2051 HOH A O   1 
HETATM 841 O O   . HOH B 2 .   ? -1.589  5.260   -12.514 1.00 55.79 ? 2052 HOH A O   1 
HETATM 842 O O   . HOH B 2 .   ? 7.936   1.107   -18.946 0.50 23.21 ? 2053 HOH A O   1 
HETATM 843 O O   . HOH B 2 .   ? 8.052   2.272   -13.894 1.00 46.75 ? 2054 HOH A O   1 
HETATM 844 O O   . HOH B 2 .   ? 5.736   4.198   -16.961 1.00 51.22 ? 2055 HOH A O   1 
HETATM 845 O O   . HOH B 2 .   ? 6.545   -0.850  -8.189  1.00 39.98 ? 2056 HOH A O   1 
HETATM 846 O O   . HOH B 2 .   ? -2.648  -2.622  -12.682 1.00 47.35 ? 2057 HOH A O   1 
HETATM 847 O O   . HOH B 2 .   ? -3.100  11.423  -5.988  1.00 43.33 ? 2058 HOH A O   1 
# 
